data_5ESD
#
_entry.id   5ESD
#
_cell.length_a   98.625
_cell.length_b   138.657
_cell.length_c   165.386
_cell.angle_alpha   90.000
_cell.angle_beta   90.000
_cell.angle_gamma   90.000
#
_symmetry.space_group_name_H-M   'P 21 21 21'
#
loop_
_entity.id
_entity.type
_entity.pdbx_description
1 polymer '2-succinyl-5-enolpyruvyl-6-hydroxy-3-cyclohexene-1-carboxylate synthase'
2 non-polymer 'MANGANESE (II) ION'
3 non-polymer 'THIAMINE DIPHOSPHATE'
4 water water
#
_entity_poly.entity_id   1
_entity_poly.type   'polypeptide(L)'
_entity_poly.pdbx_seq_one_letter_code
;MGSSHHHHHHSSGLVPRGSHMNPSTTQARVVVDELIRGGVRDVVLCPGSRNAPLAFALQDADRSGRIRLHVRIDERTAGY
LAIGLAIGAGAPVCVAMTSGTAVANLGPAVVEANYARVPLIVLSANRPYELLGTGANQTMEQLGYFGTQVRASISLGLAE
DAPERTSALNATWRSATCRVLAAATGARTANAGPVHFDIPLREPLVPDPEPLGAVTPPGRPAGKPWTYTPPVTFDQPLDI
DLSVDTVVISGHGAGVHPNLAALPTVAEPTAPRSGDNPLHPLALPLLRPQQVIMLGRPTLHRPVSVLLADAEVPVFALTT
GPRWPDVSGNSQATGTRAVTTGAPRPAWLDRCAAMNRHAIAAVREQLAAHPLTTGLHVAAAVSHALRPGDQLVLGASNPV
RDVALAGLDTRGIRVRSNRGVAGIDGTVSTAIGAALAYEGAHERTGSPDSPPRTIALIGDLTFVHDSSGLLIGPTEPIPR
SLTIVVSNDNGGGIFELLEQGDPRFSDVSSRIFGTPHDVDVGALCRAYHVESRQIEVDELGPTLDQPGAGMRVLEVKADR
SSLRQLHAAIKAAL
;
_entity_poly.pdbx_strand_id   A,B,C,D
#
# COMPACT_ATOMS: atom_id res chain seq x y z
N MET A 21 -24.42 -27.81 3.80
CA MET A 21 -24.38 -26.45 4.33
C MET A 21 -23.98 -25.50 3.23
N ASN A 22 -24.30 -24.20 3.38
CA ASN A 22 -23.95 -23.22 2.36
C ASN A 22 -22.47 -22.84 2.50
N PRO A 23 -21.87 -22.29 1.44
CA PRO A 23 -20.39 -22.25 1.40
C PRO A 23 -19.76 -21.49 2.55
N SER A 24 -20.29 -20.32 2.89
CA SER A 24 -19.70 -19.53 3.97
C SER A 24 -19.71 -20.30 5.29
N THR A 25 -20.74 -21.10 5.52
CA THR A 25 -20.82 -21.85 6.77
C THR A 25 -19.74 -22.92 6.84
N THR A 26 -19.60 -23.71 5.78
CA THR A 26 -18.56 -24.73 5.72
C THR A 26 -17.19 -24.12 5.93
N GLN A 27 -16.89 -23.05 5.19
CA GLN A 27 -15.58 -22.42 5.25
C GLN A 27 -15.29 -21.88 6.65
N ALA A 28 -16.28 -21.26 7.28
CA ALA A 28 -16.08 -20.73 8.63
C ALA A 28 -15.83 -21.85 9.63
N ARG A 29 -16.53 -22.98 9.48
CA ARG A 29 -16.32 -24.09 10.39
C ARG A 29 -14.99 -24.77 10.14
N VAL A 30 -14.50 -24.75 8.90
CA VAL A 30 -13.19 -25.32 8.61
C VAL A 30 -12.09 -24.47 9.24
N VAL A 31 -12.17 -23.14 9.07
CA VAL A 31 -11.16 -22.26 9.65
C VAL A 31 -11.12 -22.40 11.17
N VAL A 32 -12.29 -22.44 11.81
CA VAL A 32 -12.33 -22.54 13.27
C VAL A 32 -11.72 -23.86 13.72
N ASP A 33 -12.04 -24.96 13.02
CA ASP A 33 -11.48 -26.25 13.38
C ASP A 33 -9.96 -26.26 13.26
N GLU A 34 -9.42 -25.69 12.17
CA GLU A 34 -7.99 -25.68 11.99
C GLU A 34 -7.29 -24.78 12.99
N LEU A 35 -7.92 -23.66 13.35
CA LEU A 35 -7.40 -22.78 14.40
C LEU A 35 -7.28 -23.52 15.73
N ILE A 36 -8.27 -24.36 16.06
CA ILE A 36 -8.22 -25.11 17.32
C ILE A 36 -7.10 -26.14 17.28
N ARG A 37 -7.00 -26.89 16.17
CA ARG A 37 -5.89 -27.82 16.00
C ARG A 37 -4.54 -27.13 16.14
N GLY A 38 -4.44 -25.86 15.72
CA GLY A 38 -3.22 -25.10 15.79
C GLY A 38 -2.90 -24.48 17.14
N GLY A 39 -3.69 -24.77 18.16
CA GLY A 39 -3.35 -24.34 19.50
C GLY A 39 -4.05 -23.11 20.00
N VAL A 40 -5.03 -22.60 19.26
CA VAL A 40 -5.81 -21.45 19.72
C VAL A 40 -6.79 -21.92 20.79
N ARG A 41 -6.62 -21.41 22.01
CA ARG A 41 -7.52 -21.75 23.10
C ARG A 41 -8.59 -20.70 23.36
N ASP A 42 -8.34 -19.45 22.98
CA ASP A 42 -9.24 -18.35 23.27
C ASP A 42 -9.47 -17.52 22.02
N VAL A 43 -10.72 -17.10 21.82
CA VAL A 43 -11.09 -16.24 20.70
C VAL A 43 -11.91 -15.07 21.23
N VAL A 44 -11.58 -13.88 20.74
CA VAL A 44 -12.31 -12.66 21.07
C VAL A 44 -13.21 -12.34 19.88
N LEU A 45 -14.52 -12.28 20.11
CA LEU A 45 -15.48 -12.08 19.04
C LEU A 45 -16.14 -10.72 19.20
N CYS A 46 -16.19 -9.97 18.10
CA CYS A 46 -16.90 -8.71 18.14
C CYS A 46 -18.12 -8.77 17.25
N PRO A 47 -19.26 -8.26 17.71
CA PRO A 47 -20.53 -8.56 17.03
C PRO A 47 -20.65 -7.83 15.71
N GLY A 48 -21.26 -8.51 14.76
CA GLY A 48 -21.51 -7.94 13.45
C GLY A 48 -22.24 -8.96 12.62
N SER A 49 -22.95 -8.46 11.62
CA SER A 49 -23.73 -9.37 10.78
C SER A 49 -22.86 -10.10 9.78
N ARG A 50 -21.87 -9.42 9.21
CA ARG A 50 -21.06 -10.02 8.16
C ARG A 50 -20.27 -11.22 8.65
N ASN A 51 -19.78 -11.17 9.89
CA ASN A 51 -19.04 -12.29 10.46
C ASN A 51 -19.94 -13.29 11.17
N ALA A 52 -21.24 -13.30 10.84
CA ALA A 52 -22.13 -14.32 11.38
C ALA A 52 -21.63 -15.75 11.17
N PRO A 53 -21.14 -16.14 9.97
CA PRO A 53 -20.65 -17.52 9.83
C PRO A 53 -19.54 -17.87 10.80
N LEU A 54 -18.58 -16.96 10.98
CA LEU A 54 -17.54 -17.22 11.96
C LEU A 54 -18.07 -17.12 13.39
N ALA A 55 -18.97 -16.18 13.65
CA ALA A 55 -19.57 -16.06 14.96
C ALA A 55 -20.30 -17.35 15.35
N PHE A 56 -21.11 -17.89 14.44
CA PHE A 56 -21.83 -19.12 14.71
C PHE A 56 -20.89 -20.29 14.95
N ALA A 57 -19.88 -20.45 14.07
CA ALA A 57 -18.93 -21.53 14.23
C ALA A 57 -18.15 -21.40 15.54
N LEU A 58 -17.75 -20.17 15.90
CA LEU A 58 -17.03 -19.96 17.14
C LEU A 58 -17.89 -20.30 18.36
N GLN A 59 -19.16 -19.90 18.33
CA GLN A 59 -20.02 -20.18 19.46
C GLN A 59 -20.21 -21.68 19.66
N ASP A 60 -20.42 -22.41 18.57
CA ASP A 60 -20.60 -23.86 18.68
C ASP A 60 -19.34 -24.52 19.22
N ALA A 61 -18.17 -24.02 18.80
CA ALA A 61 -16.91 -24.53 19.32
C ALA A 61 -16.74 -24.22 20.80
N ASP A 62 -17.24 -23.07 21.25
CA ASP A 62 -17.16 -22.72 22.67
C ASP A 62 -18.09 -23.61 23.49
N ARG A 63 -19.30 -23.85 22.99
CA ARG A 63 -20.25 -24.69 23.72
C ARG A 63 -19.73 -26.11 23.88
N SER A 64 -18.97 -26.60 22.91
CA SER A 64 -18.38 -27.93 23.01
C SER A 64 -17.13 -27.96 23.87
N GLY A 65 -16.72 -26.83 24.43
CA GLY A 65 -15.50 -26.78 25.21
C GLY A 65 -14.21 -26.79 24.43
N ARG A 66 -14.27 -26.70 23.09
CA ARG A 66 -13.04 -26.75 22.31
C ARG A 66 -12.23 -25.46 22.43
N ILE A 67 -12.91 -24.32 22.51
CA ILE A 67 -12.29 -23.03 22.78
C ILE A 67 -13.11 -22.34 23.87
N ARG A 68 -12.52 -21.30 24.43
CA ARG A 68 -13.24 -20.35 25.27
C ARG A 68 -13.40 -19.04 24.49
N LEU A 69 -14.65 -18.64 24.28
CA LEU A 69 -14.99 -17.44 23.53
C LEU A 69 -15.13 -16.24 24.48
N HIS A 70 -14.89 -15.04 23.96
CA HIS A 70 -15.01 -13.81 24.73
C HIS A 70 -15.64 -12.74 23.84
N VAL A 71 -16.87 -12.35 24.15
CA VAL A 71 -17.59 -11.34 23.37
C VAL A 71 -17.28 -9.96 23.93
N ARG A 72 -17.00 -9.00 23.05
CA ARG A 72 -16.78 -7.62 23.46
C ARG A 72 -17.45 -6.68 22.46
N ILE A 73 -17.82 -5.50 22.94
CA ILE A 73 -18.44 -4.48 22.09
C ILE A 73 -17.39 -3.71 21.30
N ASP A 74 -16.38 -3.20 22.00
CA ASP A 74 -15.43 -2.23 21.46
C ASP A 74 -14.22 -2.98 20.90
N GLU A 75 -14.06 -2.96 19.57
CA GLU A 75 -13.01 -3.73 18.92
C GLU A 75 -11.62 -3.32 19.36
N ARG A 76 -11.41 -2.04 19.65
CA ARG A 76 -10.07 -1.59 20.02
C ARG A 76 -9.62 -2.22 21.34
N THR A 77 -10.46 -2.12 22.37
CA THR A 77 -10.10 -2.76 23.64
C THR A 77 -10.17 -4.27 23.52
N ALA A 78 -11.02 -4.80 22.62
CA ALA A 78 -11.03 -6.23 22.34
C ALA A 78 -9.66 -6.70 21.84
N GLY A 79 -9.00 -5.87 21.02
CA GLY A 79 -7.68 -6.24 20.55
C GLY A 79 -6.69 -6.42 21.69
N TYR A 80 -6.75 -5.53 22.67
CA TYR A 80 -5.86 -5.65 23.83
C TYR A 80 -6.28 -6.78 24.75
N LEU A 81 -7.57 -7.13 24.75
CA LEU A 81 -8.01 -8.35 25.43
C LEU A 81 -7.36 -9.58 24.80
N ALA A 82 -7.35 -9.63 23.46
CA ALA A 82 -6.66 -10.71 22.76
C ALA A 82 -5.17 -10.74 23.12
N ILE A 83 -4.53 -9.58 23.20
CA ILE A 83 -3.12 -9.52 23.57
C ILE A 83 -2.92 -10.08 24.97
N GLY A 84 -3.76 -9.64 25.92
CA GLY A 84 -3.65 -10.18 27.27
C GLY A 84 -3.84 -11.68 27.32
N LEU A 85 -4.82 -12.19 26.56
CA LEU A 85 -5.01 -13.62 26.46
C LEU A 85 -3.81 -14.32 25.84
N ALA A 86 -3.05 -13.62 25.00
CA ALA A 86 -1.87 -14.22 24.37
C ALA A 86 -0.67 -14.19 25.31
N ILE A 87 -0.42 -13.07 25.98
CA ILE A 87 0.77 -12.96 26.81
C ILE A 87 0.61 -13.66 28.15
N GLY A 88 -0.63 -13.95 28.56
CA GLY A 88 -0.84 -14.61 29.83
C GLY A 88 -0.28 -16.02 29.88
N ALA A 89 -0.37 -16.74 28.77
CA ALA A 89 0.16 -18.10 28.74
C ALA A 89 0.94 -18.43 27.47
N GLY A 90 1.11 -17.48 26.56
CA GLY A 90 1.97 -17.71 25.40
C GLY A 90 1.31 -18.41 24.23
N ALA A 91 0.01 -18.38 24.12
CA ALA A 91 -0.67 -19.05 23.01
C ALA A 91 -1.04 -18.05 21.93
N PRO A 92 -1.20 -18.51 20.68
CA PRO A 92 -1.78 -17.63 19.66
C PRO A 92 -3.25 -17.36 19.96
N VAL A 93 -3.66 -16.12 19.74
CA VAL A 93 -5.01 -15.67 20.06
C VAL A 93 -5.61 -15.01 18.83
N CYS A 94 -6.88 -15.30 18.57
CA CYS A 94 -7.61 -14.75 17.43
CA CYS A 94 -7.60 -14.75 17.44
C CYS A 94 -8.67 -13.79 17.93
N VAL A 95 -8.76 -12.62 17.29
CA VAL A 95 -9.85 -11.67 17.51
C VAL A 95 -10.61 -11.55 16.21
N ALA A 96 -11.93 -11.69 16.29
CA ALA A 96 -12.80 -11.72 15.11
C ALA A 96 -13.79 -10.57 15.18
N MET A 97 -13.99 -9.90 14.05
CA MET A 97 -14.87 -8.74 14.02
C MET A 97 -15.41 -8.57 12.62
N THR A 98 -16.44 -7.71 12.50
CA THR A 98 -17.12 -7.49 11.24
C THR A 98 -16.31 -6.53 10.36
N SER A 99 -16.79 -6.33 9.14
CA SER A 99 -16.14 -5.43 8.21
C SER A 99 -16.34 -3.96 8.64
N GLY A 100 -15.65 -3.06 7.96
CA GLY A 100 -15.76 -1.65 8.24
C GLY A 100 -14.80 -1.14 9.29
N THR A 101 -15.18 -0.08 9.99
CA THR A 101 -14.28 0.53 10.97
C THR A 101 -13.95 -0.38 12.15
N ALA A 102 -14.71 -1.46 12.35
CA ALA A 102 -14.33 -2.43 13.36
C ALA A 102 -12.94 -3.00 13.10
N VAL A 103 -12.55 -3.16 11.83
CA VAL A 103 -11.20 -3.60 11.51
C VAL A 103 -10.21 -2.49 11.73
N ALA A 104 -10.58 -1.25 11.39
CA ALA A 104 -9.70 -0.11 11.63
C ALA A 104 -9.44 0.09 13.11
N ASN A 105 -10.35 -0.38 13.97
CA ASN A 105 -10.18 -0.20 15.40
C ASN A 105 -9.12 -1.13 15.98
N LEU A 106 -8.75 -2.19 15.25
CA LEU A 106 -7.69 -3.08 15.69
C LEU A 106 -6.30 -2.51 15.47
N GLY A 107 -6.20 -1.36 14.81
CA GLY A 107 -4.92 -0.74 14.53
C GLY A 107 -3.98 -0.66 15.72
N PRO A 108 -4.42 -0.04 16.82
CA PRO A 108 -3.50 0.14 17.96
C PRO A 108 -3.00 -1.16 18.56
N ALA A 109 -3.86 -2.15 18.72
CA ALA A 109 -3.41 -3.42 19.26
C ALA A 109 -2.47 -4.13 18.29
N VAL A 110 -2.70 -3.97 16.99
CA VAL A 110 -1.82 -4.57 16.00
C VAL A 110 -0.43 -3.96 16.09
N VAL A 111 -0.35 -2.65 16.27
CA VAL A 111 0.96 -2.00 16.38
C VAL A 111 1.66 -2.47 17.66
N GLU A 112 0.92 -2.60 18.76
CA GLU A 112 1.51 -3.15 19.98
C GLU A 112 1.95 -4.59 19.75
N ALA A 113 1.10 -5.40 19.12
CA ALA A 113 1.44 -6.80 18.88
C ALA A 113 2.69 -6.93 18.01
N ASN A 114 2.86 -6.02 17.05
CA ASN A 114 4.05 -6.03 16.22
C ASN A 114 5.31 -5.80 17.04
N TYR A 115 5.32 -4.73 17.83
CA TYR A 115 6.54 -4.38 18.54
C TYR A 115 6.78 -5.24 19.78
N ALA A 116 5.76 -5.91 20.31
CA ALA A 116 5.94 -6.81 21.45
C ALA A 116 6.04 -8.26 21.03
N ARG A 117 5.95 -8.54 19.73
CA ARG A 117 6.07 -9.89 19.18
C ARG A 117 5.01 -10.82 19.79
N VAL A 118 3.76 -10.39 19.65
CA VAL A 118 2.61 -11.08 20.23
C VAL A 118 1.85 -11.78 19.11
N PRO A 119 1.55 -13.05 19.23
CA PRO A 119 0.83 -13.79 18.16
C PRO A 119 -0.66 -13.49 18.14
N LEU A 120 -0.99 -12.34 17.58
CA LEU A 120 -2.37 -11.87 17.50
C LEU A 120 -2.88 -12.08 16.08
N ILE A 121 -3.90 -12.92 15.93
CA ILE A 121 -4.54 -13.18 14.65
C ILE A 121 -5.78 -12.30 14.55
N VAL A 122 -5.80 -11.40 13.58
CA VAL A 122 -6.94 -10.52 13.34
C VAL A 122 -7.77 -11.15 12.22
N LEU A 123 -8.89 -11.77 12.60
CA LEU A 123 -9.71 -12.54 11.68
C LEU A 123 -10.93 -11.68 11.34
N SER A 124 -10.92 -11.04 10.18
CA SER A 124 -11.97 -10.10 9.84
C SER A 124 -12.84 -10.66 8.73
N ALA A 125 -14.15 -10.63 8.95
CA ALA A 125 -15.08 -10.82 7.85
C ALA A 125 -14.98 -9.65 6.88
N ASN A 126 -15.46 -9.87 5.66
CA ASN A 126 -15.38 -8.82 4.66
C ASN A 126 -16.44 -9.08 3.60
N ARG A 127 -16.74 -8.02 2.85
CA ARG A 127 -17.48 -8.16 1.61
C ARG A 127 -16.56 -8.67 0.53
N PRO A 128 -17.10 -9.27 -0.54
CA PRO A 128 -16.26 -9.67 -1.66
C PRO A 128 -15.46 -8.49 -2.18
N TYR A 129 -14.24 -8.78 -2.65
CA TYR A 129 -13.32 -7.71 -3.03
C TYR A 129 -13.81 -6.94 -4.25
N GLU A 130 -14.53 -7.58 -5.17
CA GLU A 130 -15.08 -6.85 -6.30
C GLU A 130 -16.15 -5.84 -5.89
N LEU A 131 -16.55 -5.82 -4.62
CA LEU A 131 -17.49 -4.80 -4.16
C LEU A 131 -16.81 -3.50 -3.74
N LEU A 132 -15.48 -3.44 -3.73
CA LEU A 132 -14.79 -2.19 -3.45
C LEU A 132 -14.98 -1.21 -4.61
N GLY A 133 -15.21 0.05 -4.28
CA GLY A 133 -15.48 1.05 -5.28
C GLY A 133 -16.91 1.12 -5.77
N THR A 134 -17.81 0.28 -5.24
CA THR A 134 -19.19 0.23 -5.69
C THR A 134 -20.15 0.97 -4.75
N GLY A 135 -19.65 1.59 -3.69
CA GLY A 135 -20.52 2.23 -2.72
C GLY A 135 -21.23 1.28 -1.79
N ALA A 136 -20.73 0.05 -1.64
CA ALA A 136 -21.34 -0.92 -0.74
C ALA A 136 -21.28 -0.41 0.70
N ASN A 137 -22.37 -0.62 1.42
CA ASN A 137 -22.41 -0.22 2.82
C ASN A 137 -21.32 -0.95 3.61
N GLN A 138 -20.65 -0.21 4.48
CA GLN A 138 -19.80 -0.82 5.50
C GLN A 138 -18.61 -1.58 4.91
N THR A 139 -18.04 -1.05 3.83
CA THR A 139 -16.96 -1.72 3.11
C THR A 139 -15.80 -0.76 2.92
N MET A 140 -14.58 -1.26 3.04
CA MET A 140 -13.38 -0.43 2.96
C MET A 140 -12.21 -1.27 2.46
N GLU A 141 -11.07 -0.62 2.31
CA GLU A 141 -9.82 -1.28 1.93
C GLU A 141 -9.27 -2.01 3.15
N GLN A 142 -9.71 -3.25 3.36
CA GLN A 142 -9.29 -4.00 4.53
C GLN A 142 -7.98 -4.76 4.30
N LEU A 143 -7.85 -5.43 3.15
CA LEU A 143 -6.64 -6.19 2.90
C LEU A 143 -5.46 -5.23 2.72
N GLY A 144 -4.45 -5.38 3.56
CA GLY A 144 -3.33 -4.46 3.54
C GLY A 144 -3.53 -3.21 4.34
N TYR A 145 -4.63 -3.08 5.08
CA TYR A 145 -4.87 -1.90 5.88
C TYR A 145 -3.73 -1.66 6.87
N PHE A 146 -3.17 -2.74 7.43
CA PHE A 146 -2.14 -2.62 8.45
C PHE A 146 -0.73 -2.52 7.87
N GLY A 147 -0.56 -2.82 6.60
CA GLY A 147 0.72 -2.58 5.93
C GLY A 147 1.86 -3.36 6.56
N THR A 148 2.89 -2.62 6.96
CA THR A 148 4.13 -3.19 7.51
C THR A 148 3.95 -3.75 8.92
N GLN A 149 2.85 -3.41 9.60
CA GLN A 149 2.72 -3.82 10.99
C GLN A 149 2.54 -5.32 11.16
N VAL A 150 2.05 -6.04 10.15
CA VAL A 150 1.72 -7.46 10.32
C VAL A 150 2.78 -8.34 9.66
N ARG A 151 2.95 -9.54 10.22
CA ARG A 151 3.86 -10.53 9.65
C ARG A 151 3.34 -11.08 8.33
N ALA A 152 2.04 -11.05 8.11
CA ALA A 152 1.45 -11.61 6.90
C ALA A 152 0.04 -11.06 6.76
N SER A 153 -0.36 -10.83 5.51
CA SER A 153 -1.74 -10.51 5.13
C SER A 153 -2.21 -11.62 4.21
N ILE A 154 -3.08 -12.47 4.70
CA ILE A 154 -3.53 -13.65 3.96
C ILE A 154 -5.04 -13.60 3.85
N SER A 155 -5.55 -13.96 2.68
CA SER A 155 -6.97 -13.87 2.38
C SER A 155 -7.44 -15.22 1.87
N LEU A 156 -8.64 -15.61 2.28
CA LEU A 156 -9.26 -16.80 1.74
C LEU A 156 -10.04 -16.47 0.47
N GLY A 157 -10.14 -17.45 -0.41
CA GLY A 157 -10.98 -17.29 -1.58
C GLY A 157 -12.44 -17.30 -1.18
N LEU A 158 -13.20 -16.34 -1.70
CA LEU A 158 -14.66 -16.35 -1.56
C LEU A 158 -15.18 -17.75 -1.85
N ALA A 159 -15.83 -18.36 -0.86
CA ALA A 159 -16.29 -19.73 -1.02
C ALA A 159 -17.36 -19.81 -2.10
N GLU A 160 -17.24 -20.80 -2.97
CA GLU A 160 -18.21 -21.02 -4.04
C GLU A 160 -18.88 -22.36 -3.86
N ASP A 161 -20.09 -22.49 -4.40
CA ASP A 161 -20.91 -23.69 -4.19
C ASP A 161 -20.62 -24.73 -5.25
N ALA A 162 -19.40 -25.25 -5.17
CA ALA A 162 -18.95 -26.33 -6.06
C ALA A 162 -18.85 -27.60 -5.23
N PRO A 163 -19.88 -28.46 -5.27
CA PRO A 163 -19.88 -29.58 -4.33
C PRO A 163 -18.78 -30.60 -4.64
N GLU A 164 -18.27 -30.64 -5.88
CA GLU A 164 -17.16 -31.52 -6.28
C GLU A 164 -15.83 -31.03 -5.74
N ARG A 165 -15.60 -29.72 -5.76
CA ARG A 165 -14.36 -29.11 -5.33
C ARG A 165 -14.17 -29.09 -3.82
N THR A 166 -15.16 -29.53 -3.04
CA THR A 166 -15.11 -29.30 -1.59
C THR A 166 -13.88 -29.91 -0.94
N SER A 167 -13.38 -31.03 -1.46
CA SER A 167 -12.19 -31.64 -0.87
C SER A 167 -10.95 -30.79 -1.11
N ALA A 168 -10.81 -30.24 -2.32
CA ALA A 168 -9.67 -29.38 -2.60
C ALA A 168 -9.82 -28.04 -1.89
N LEU A 169 -11.04 -27.51 -1.85
CA LEU A 169 -11.28 -26.28 -1.11
C LEU A 169 -10.95 -26.45 0.37
N ASN A 170 -11.23 -27.63 0.93
CA ASN A 170 -10.90 -27.89 2.32
C ASN A 170 -9.39 -27.85 2.54
N ALA A 171 -8.61 -28.41 1.60
CA ALA A 171 -7.16 -28.35 1.73
C ALA A 171 -6.65 -26.92 1.68
N THR A 172 -7.19 -26.10 0.77
CA THR A 172 -6.69 -24.73 0.63
C THR A 172 -7.07 -23.87 1.84
N TRP A 173 -8.25 -24.09 2.41
CA TRP A 173 -8.67 -23.30 3.56
C TRP A 173 -7.85 -23.67 4.80
N ARG A 174 -7.67 -24.96 5.06
CA ARG A 174 -6.89 -25.36 6.23
C ARG A 174 -5.43 -24.99 6.06
N SER A 175 -4.94 -25.03 4.81
CA SER A 175 -3.54 -24.68 4.57
C SER A 175 -3.30 -23.21 4.83
N ALA A 176 -4.17 -22.34 4.30
CA ALA A 176 -4.05 -20.91 4.56
C ALA A 176 -4.13 -20.63 6.07
N THR A 177 -4.97 -21.37 6.79
CA THR A 177 -5.06 -21.16 8.23
C THR A 177 -3.75 -21.55 8.92
N CYS A 178 -3.12 -22.63 8.47
CA CYS A 178 -1.83 -23.02 9.03
C CYS A 178 -0.74 -22.00 8.70
N ARG A 179 -0.81 -21.38 7.51
CA ARG A 179 0.11 -20.29 7.21
C ARG A 179 -0.08 -19.14 8.17
N VAL A 180 -1.33 -18.79 8.46
CA VAL A 180 -1.65 -17.73 9.40
C VAL A 180 -1.08 -18.04 10.77
N LEU A 181 -1.27 -19.27 11.24
CA LEU A 181 -0.82 -19.65 12.58
C LEU A 181 0.70 -19.64 12.68
N ALA A 182 1.39 -20.13 11.65
CA ALA A 182 2.85 -20.17 11.68
C ALA A 182 3.44 -18.76 11.64
N ALA A 183 2.89 -17.87 10.81
CA ALA A 183 3.38 -16.50 10.79
C ALA A 183 3.14 -15.80 12.13
N ALA A 184 2.00 -16.05 12.76
CA ALA A 184 1.68 -15.38 14.01
C ALA A 184 2.58 -15.83 15.14
N THR A 185 2.83 -17.13 15.23
CA THR A 185 3.66 -17.67 16.30
C THR A 185 5.13 -17.69 15.95
N GLY A 186 5.50 -17.21 14.77
CA GLY A 186 6.90 -17.25 14.35
C GLY A 186 7.44 -18.66 14.25
N ALA A 187 6.65 -19.58 13.71
CA ALA A 187 7.05 -20.99 13.68
C ALA A 187 8.23 -21.21 12.75
N ARG A 188 8.37 -20.42 11.68
CA ARG A 188 9.53 -20.51 10.81
C ARG A 188 10.48 -19.32 10.94
N THR A 189 10.00 -18.18 11.42
CA THR A 189 10.80 -16.97 11.51
C THR A 189 11.37 -16.69 12.90
N ALA A 190 10.84 -17.33 13.93
CA ALA A 190 11.16 -17.02 15.33
C ALA A 190 10.81 -15.59 15.69
N ASN A 191 9.88 -14.97 14.96
CA ASN A 191 9.48 -13.58 15.19
C ASN A 191 7.96 -13.53 15.18
N ALA A 192 7.36 -13.86 16.32
CA ALA A 192 5.91 -13.86 16.43
C ALA A 192 5.37 -12.44 16.29
N GLY A 193 4.15 -12.33 15.80
CA GLY A 193 3.57 -11.03 15.59
C GLY A 193 2.16 -11.10 15.05
N PRO A 194 1.54 -9.94 14.84
CA PRO A 194 0.17 -9.92 14.33
C PRO A 194 0.09 -10.40 12.89
N VAL A 195 -1.03 -11.04 12.57
CA VAL A 195 -1.34 -11.47 11.21
C VAL A 195 -2.75 -11.02 10.89
N HIS A 196 -2.97 -10.58 9.65
CA HIS A 196 -4.30 -10.19 9.18
C HIS A 196 -4.85 -11.30 8.29
N PHE A 197 -5.93 -11.94 8.74
CA PHE A 197 -6.58 -13.04 8.03
C PHE A 197 -7.96 -12.56 7.60
N ASP A 198 -8.10 -12.24 6.31
CA ASP A 198 -9.31 -11.65 5.77
C ASP A 198 -10.11 -12.70 5.02
N ILE A 199 -11.40 -12.81 5.32
CA ILE A 199 -12.28 -13.79 4.70
C ILE A 199 -13.46 -13.04 4.09
N PRO A 200 -13.50 -12.90 2.76
CA PRO A 200 -14.66 -12.28 2.11
C PRO A 200 -15.85 -13.21 2.14
N LEU A 201 -16.98 -12.70 2.59
CA LEU A 201 -18.17 -13.52 2.81
C LEU A 201 -19.33 -12.96 2.01
N ARG A 202 -20.11 -13.86 1.42
CA ARG A 202 -21.29 -13.53 0.66
C ARG A 202 -22.51 -14.17 1.31
N GLU A 203 -23.68 -13.56 1.07
CA GLU A 203 -24.96 -14.05 1.57
C GLU A 203 -25.26 -15.45 1.00
N PRO A 204 -25.90 -16.33 1.79
CA PRO A 204 -26.39 -16.19 3.17
C PRO A 204 -25.29 -16.31 4.23
N LEU A 205 -25.42 -15.49 5.28
CA LEU A 205 -24.44 -15.43 6.36
C LEU A 205 -24.84 -16.32 7.51
N VAL A 206 -25.94 -17.07 7.38
CA VAL A 206 -26.47 -17.74 8.57
C VAL A 206 -26.79 -19.18 8.20
N PRO A 207 -26.42 -20.19 9.03
CA PRO A 207 -26.70 -21.58 8.64
C PRO A 207 -28.17 -21.98 8.79
N THR A 216 -19.14 -30.76 7.77
CA THR A 216 -17.83 -30.11 7.83
C THR A 216 -16.73 -31.05 7.37
N PRO A 217 -16.08 -30.73 6.26
CA PRO A 217 -14.97 -31.55 5.75
C PRO A 217 -13.92 -31.75 6.82
N PRO A 218 -13.46 -32.99 7.01
CA PRO A 218 -12.55 -33.28 8.13
C PRO A 218 -11.14 -32.78 7.87
N GLY A 219 -10.42 -32.58 8.98
CA GLY A 219 -9.00 -32.28 8.94
C GLY A 219 -8.17 -33.54 8.99
N ARG A 220 -6.93 -33.40 9.42
CA ARG A 220 -6.05 -34.54 9.54
C ARG A 220 -6.52 -35.49 10.64
N PRO A 221 -6.19 -36.77 10.53
CA PRO A 221 -6.44 -37.70 11.64
C PRO A 221 -5.68 -37.30 12.90
N ALA A 222 -6.26 -37.65 14.05
CA ALA A 222 -5.67 -37.46 15.38
C ALA A 222 -5.52 -36.00 15.78
N GLY A 223 -6.35 -35.11 15.23
CA GLY A 223 -6.32 -33.72 15.62
C GLY A 223 -5.08 -32.95 15.24
N LYS A 224 -4.29 -33.46 14.31
CA LYS A 224 -3.08 -32.77 13.90
C LYS A 224 -3.42 -31.60 12.99
N PRO A 225 -2.60 -30.54 13.00
CA PRO A 225 -2.77 -29.48 12.01
C PRO A 225 -2.67 -30.03 10.59
N TRP A 226 -3.32 -29.33 9.66
CA TRP A 226 -3.32 -29.78 8.27
C TRP A 226 -1.91 -29.80 7.70
N THR A 227 -1.19 -28.70 7.85
CA THR A 227 0.22 -28.61 7.50
C THR A 227 0.99 -28.43 8.80
N TYR A 228 1.75 -29.44 9.20
CA TYR A 228 2.42 -29.44 10.49
C TYR A 228 3.77 -28.75 10.37
N THR A 229 3.95 -27.64 11.08
CA THR A 229 5.19 -26.88 11.04
C THR A 229 5.71 -26.72 12.46
N PRO A 230 6.73 -27.50 12.85
CA PRO A 230 7.18 -27.45 14.24
C PRO A 230 7.82 -26.11 14.56
N PRO A 231 7.77 -25.66 15.82
CA PRO A 231 8.48 -24.43 16.20
C PRO A 231 9.97 -24.54 15.96
N VAL A 232 10.53 -23.49 15.35
CA VAL A 232 11.91 -23.48 14.89
C VAL A 232 12.84 -23.24 16.07
N THR A 233 14.04 -23.78 15.98
CA THR A 233 15.15 -23.37 16.83
C THR A 233 16.01 -22.39 16.04
N PHE A 234 16.11 -21.16 16.54
CA PHE A 234 16.92 -20.11 15.93
C PHE A 234 18.16 -19.88 16.78
N ASP A 235 19.33 -20.15 16.20
CA ASP A 235 20.58 -20.18 16.97
C ASP A 235 21.62 -19.28 16.33
N GLN A 236 22.23 -18.40 17.13
CA GLN A 236 23.31 -17.53 16.67
C GLN A 236 24.33 -17.35 17.79
N PRO A 237 25.30 -18.25 17.90
CA PRO A 237 26.30 -18.13 18.95
C PRO A 237 27.18 -16.91 18.76
N LEU A 238 27.65 -16.36 19.88
CA LEU A 238 28.43 -15.14 19.88
C LEU A 238 29.46 -15.21 21.00
N ASP A 239 30.74 -15.00 20.64
CA ASP A 239 31.82 -15.04 21.63
C ASP A 239 31.84 -13.72 22.40
N ILE A 240 31.89 -13.83 23.72
CA ILE A 240 32.01 -12.66 24.61
C ILE A 240 32.97 -13.02 25.74
N ASP A 241 33.87 -12.10 26.05
CA ASP A 241 34.85 -12.30 27.11
C ASP A 241 34.36 -11.64 28.38
N LEU A 242 34.14 -12.44 29.42
CA LEU A 242 33.51 -11.96 30.64
C LEU A 242 34.47 -11.31 31.62
N SER A 243 35.78 -11.50 31.46
CA SER A 243 36.72 -10.80 32.33
C SER A 243 36.73 -9.30 32.08
N VAL A 244 36.30 -8.87 30.89
CA VAL A 244 35.99 -7.46 30.69
C VAL A 244 34.87 -7.07 31.64
N ASP A 245 35.00 -5.91 32.28
CA ASP A 245 33.99 -5.46 33.24
C ASP A 245 32.65 -5.30 32.55
N THR A 246 31.71 -6.18 32.87
CA THR A 246 30.50 -6.33 32.09
C THR A 246 29.26 -6.14 32.94
N VAL A 247 28.31 -5.35 32.45
CA VAL A 247 26.97 -5.28 32.99
C VAL A 247 25.99 -5.76 31.94
N VAL A 248 24.93 -6.42 32.39
CA VAL A 248 23.85 -6.87 31.53
C VAL A 248 22.69 -5.89 31.67
N ILE A 249 22.08 -5.53 30.55
CA ILE A 249 20.85 -4.77 30.52
C ILE A 249 19.85 -5.63 29.75
N SER A 250 18.81 -6.09 30.43
CA SER A 250 17.82 -6.96 29.81
C SER A 250 16.48 -6.23 29.76
N GLY A 251 15.93 -6.13 28.55
CA GLY A 251 14.66 -5.49 28.33
C GLY A 251 13.57 -6.47 27.95
N HIS A 252 12.52 -5.93 27.35
CA HIS A 252 11.36 -6.73 26.99
C HIS A 252 11.72 -7.79 25.96
N GLY A 253 11.26 -9.01 26.19
CA GLY A 253 11.52 -10.10 25.26
C GLY A 253 12.83 -10.83 25.47
N ALA A 254 13.61 -10.47 26.49
CA ALA A 254 14.90 -11.11 26.72
C ALA A 254 14.72 -12.59 26.99
N GLY A 255 15.74 -13.37 26.58
CA GLY A 255 15.80 -14.77 26.89
C GLY A 255 16.52 -15.02 28.20
N VAL A 256 16.61 -16.30 28.56
CA VAL A 256 17.31 -16.75 29.76
C VAL A 256 18.70 -17.23 29.36
N HIS A 257 19.72 -16.71 30.04
CA HIS A 257 21.12 -17.01 29.72
C HIS A 257 21.81 -17.53 30.97
N PRO A 258 21.78 -18.84 31.20
CA PRO A 258 22.43 -19.39 32.40
C PRO A 258 23.91 -19.06 32.50
N ASN A 259 24.62 -18.96 31.37
CA ASN A 259 26.04 -18.62 31.47
C ASN A 259 26.26 -17.14 31.75
N LEU A 260 25.20 -16.36 31.88
CA LEU A 260 25.28 -14.96 32.27
C LEU A 260 24.64 -14.70 33.63
N ALA A 261 24.32 -15.77 34.39
CA ALA A 261 23.56 -15.61 35.62
C ALA A 261 24.34 -14.85 36.69
N ALA A 262 25.67 -14.99 36.72
CA ALA A 262 26.43 -14.36 37.78
C ALA A 262 26.55 -12.86 37.61
N LEU A 263 26.30 -12.34 36.40
CA LEU A 263 26.65 -10.97 36.07
C LEU A 263 25.65 -9.98 36.66
N PRO A 264 26.12 -8.77 37.00
CA PRO A 264 25.20 -7.73 37.47
C PRO A 264 24.25 -7.31 36.37
N THR A 265 22.95 -7.41 36.63
CA THR A 265 21.93 -7.31 35.59
C THR A 265 20.93 -6.21 35.93
N VAL A 266 20.85 -5.21 35.04
CA VAL A 266 19.83 -4.17 35.12
C VAL A 266 18.63 -4.71 34.32
N ALA A 267 17.70 -5.36 35.01
CA ALA A 267 16.62 -6.09 34.38
C ALA A 267 15.31 -5.32 34.49
N GLU A 268 14.69 -5.03 33.35
CA GLU A 268 13.35 -4.47 33.34
C GLU A 268 12.36 -5.44 33.99
N PRO A 269 11.23 -4.91 34.46
CA PRO A 269 10.25 -5.79 35.12
C PRO A 269 9.77 -6.96 34.26
N THR A 270 9.52 -6.75 32.97
CA THR A 270 9.07 -7.85 32.12
C THR A 270 10.20 -8.75 31.68
N ALA A 271 11.44 -8.41 31.94
CA ALA A 271 12.56 -9.27 31.57
C ALA A 271 12.64 -10.46 32.52
N PRO A 272 12.69 -11.68 32.01
CA PRO A 272 12.93 -12.83 32.88
C PRO A 272 14.40 -12.88 33.27
N ARG A 273 14.66 -13.23 34.52
CA ARG A 273 16.00 -13.09 35.06
C ARG A 273 16.73 -14.41 35.11
N SER A 274 17.94 -14.41 34.56
CA SER A 274 18.75 -15.62 34.55
C SER A 274 19.34 -15.91 35.93
N GLY A 275 19.75 -14.87 36.65
CA GLY A 275 20.47 -15.05 37.89
C GLY A 275 20.01 -14.22 39.07
N ASP A 276 20.88 -14.05 40.06
CA ASP A 276 20.51 -13.46 41.34
C ASP A 276 21.42 -12.29 41.70
N ASN A 277 21.91 -11.55 40.70
CA ASN A 277 22.79 -10.41 40.95
C ASN A 277 22.19 -9.16 40.31
N PRO A 278 21.07 -8.67 40.85
CA PRO A 278 20.43 -7.49 40.24
C PRO A 278 21.25 -6.23 40.47
N LEU A 279 21.16 -5.33 39.48
CA LEU A 279 21.83 -4.04 39.54
C LEU A 279 20.78 -2.97 39.31
N HIS A 280 20.55 -2.15 40.33
CA HIS A 280 19.49 -1.16 40.27
C HIS A 280 19.74 -0.19 39.10
N PRO A 281 18.69 0.23 38.39
CA PRO A 281 18.91 1.16 37.28
C PRO A 281 19.59 2.46 37.68
N LEU A 282 19.30 2.99 38.88
CA LEU A 282 19.95 4.23 39.30
C LEU A 282 21.40 4.02 39.68
N ALA A 283 21.83 2.77 39.86
CA ALA A 283 23.23 2.50 40.13
C ALA A 283 24.10 2.57 38.88
N LEU A 284 23.49 2.47 37.70
CA LEU A 284 24.25 2.49 36.44
C LEU A 284 25.13 3.73 36.29
N PRO A 285 24.64 4.96 36.44
CA PRO A 285 25.53 6.11 36.25
C PRO A 285 26.68 6.18 37.24
N LEU A 286 26.60 5.46 38.35
CA LEU A 286 27.68 5.43 39.32
C LEU A 286 28.69 4.33 39.03
N LEU A 287 28.62 3.73 37.85
CA LEU A 287 29.50 2.63 37.49
C LEU A 287 30.11 2.90 36.13
N ARG A 288 31.20 2.21 35.85
CA ARG A 288 31.92 2.34 34.60
C ARG A 288 32.15 0.96 34.01
N PRO A 289 31.11 0.35 33.45
CA PRO A 289 31.28 -0.97 32.84
C PRO A 289 32.12 -0.86 31.57
N GLN A 290 33.03 -1.80 31.40
CA GLN A 290 33.85 -1.79 30.20
C GLN A 290 33.08 -2.27 28.98
N GLN A 291 32.06 -3.10 29.16
CA GLN A 291 31.23 -3.56 28.05
C GLN A 291 29.84 -3.88 28.57
N VAL A 292 28.87 -3.84 27.66
CA VAL A 292 27.46 -4.05 27.99
C VAL A 292 26.92 -5.18 27.12
N ILE A 293 26.28 -6.15 27.76
CA ILE A 293 25.48 -7.15 27.07
C ILE A 293 24.02 -6.71 27.18
N MET A 294 23.36 -6.58 26.03
CA MET A 294 21.98 -6.14 25.97
C MET A 294 21.09 -7.31 25.56
N LEU A 295 20.14 -7.65 26.42
CA LEU A 295 19.21 -8.74 26.18
C LEU A 295 17.86 -8.17 25.78
N GLY A 296 17.36 -8.59 24.63
CA GLY A 296 16.02 -8.18 24.23
C GLY A 296 15.96 -6.71 23.89
N ARG A 297 14.82 -6.10 24.19
CA ARG A 297 14.52 -4.74 23.75
C ARG A 297 14.33 -3.83 24.95
N PRO A 298 15.36 -3.08 25.37
CA PRO A 298 15.22 -2.14 26.49
C PRO A 298 14.42 -0.90 26.09
N THR A 299 13.48 -0.51 26.96
CA THR A 299 12.59 0.62 26.74
C THR A 299 12.60 1.66 27.84
N LEU A 300 12.91 1.26 29.07
CA LEU A 300 12.39 1.95 30.24
C LEU A 300 13.21 3.16 30.69
N HIS A 301 14.50 2.96 30.91
CA HIS A 301 15.22 3.82 31.84
C HIS A 301 16.09 4.84 31.11
N ARG A 302 16.03 6.07 31.58
CA ARG A 302 16.91 7.12 31.08
C ARG A 302 18.39 6.85 31.33
N PRO A 303 18.82 6.36 32.50
CA PRO A 303 20.24 5.96 32.63
C PRO A 303 20.62 4.87 31.65
N VAL A 304 19.74 3.90 31.42
CA VAL A 304 19.99 2.87 30.42
C VAL A 304 20.12 3.50 29.04
N SER A 305 19.16 4.35 28.66
CA SER A 305 19.16 4.93 27.32
C SER A 305 20.37 5.83 27.09
N VAL A 306 20.78 6.59 28.12
CA VAL A 306 21.99 7.39 28.00
C VAL A 306 23.20 6.49 27.77
N LEU A 307 23.37 5.49 28.65
CA LEU A 307 24.53 4.60 28.57
C LEU A 307 24.63 3.91 27.22
N LEU A 308 23.50 3.48 26.66
CA LEU A 308 23.54 2.80 25.38
C LEU A 308 23.82 3.74 24.21
N ALA A 309 23.57 5.03 24.37
CA ALA A 309 23.95 6.02 23.35
C ALA A 309 25.40 6.46 23.48
N ASP A 310 26.21 5.72 24.22
CA ASP A 310 27.62 6.03 24.41
C ASP A 310 28.41 5.24 23.38
N ALA A 311 28.88 5.92 22.34
CA ALA A 311 29.67 5.26 21.31
C ALA A 311 30.87 4.54 21.89
N GLU A 312 31.39 5.01 23.02
CA GLU A 312 32.64 4.48 23.56
C GLU A 312 32.49 3.11 24.23
N VAL A 313 31.29 2.70 24.58
CA VAL A 313 31.06 1.45 25.31
C VAL A 313 30.58 0.38 24.32
N PRO A 314 31.31 -0.73 24.16
CA PRO A 314 30.84 -1.80 23.27
C PRO A 314 29.62 -2.51 23.81
N VAL A 315 28.64 -2.75 22.93
CA VAL A 315 27.40 -3.42 23.28
C VAL A 315 27.24 -4.65 22.40
N PHE A 316 27.03 -5.80 23.03
CA PHE A 316 26.66 -7.03 22.33
C PHE A 316 25.17 -7.28 22.54
N ALA A 317 24.44 -7.52 21.46
CA ALA A 317 22.99 -7.66 21.51
C ALA A 317 22.60 -9.11 21.34
N LEU A 318 21.98 -9.69 22.36
CA LEU A 318 21.46 -11.05 22.33
C LEU A 318 19.94 -11.01 22.34
N THR A 319 19.32 -11.70 21.38
CA THR A 319 17.87 -11.70 21.27
C THR A 319 17.38 -13.10 20.91
N THR A 320 16.10 -13.34 21.15
CA THR A 320 15.53 -14.65 20.87
C THR A 320 15.08 -14.80 19.43
N GLY A 321 14.84 -13.70 18.72
CA GLY A 321 14.47 -13.73 17.32
C GLY A 321 15.40 -12.92 16.44
N PRO A 322 15.02 -12.79 15.15
CA PRO A 322 15.90 -12.08 14.21
C PRO A 322 16.07 -10.59 14.49
N ARG A 323 15.10 -9.94 15.13
CA ARG A 323 15.21 -8.51 15.37
C ARG A 323 16.20 -8.19 16.49
N TRP A 324 16.77 -6.99 16.43
CA TRP A 324 17.66 -6.51 17.49
C TRP A 324 17.50 -4.99 17.56
N PRO A 325 17.67 -4.41 18.74
CA PRO A 325 17.32 -3.00 18.92
C PRO A 325 18.39 -2.07 18.38
N ASP A 326 17.93 -0.92 17.89
CA ASP A 326 18.82 0.10 17.35
C ASP A 326 19.15 1.18 18.37
N VAL A 327 18.92 0.92 19.66
CA VAL A 327 19.07 1.95 20.68
C VAL A 327 20.52 2.37 20.86
N SER A 328 21.46 1.45 20.62
CA SER A 328 22.88 1.74 20.75
C SER A 328 23.53 1.76 19.37
N GLY A 329 24.28 2.82 19.10
CA GLY A 329 25.00 2.90 17.84
C GLY A 329 26.29 2.12 17.78
N ASN A 330 26.73 1.55 18.92
CA ASN A 330 27.95 0.75 18.97
C ASN A 330 27.61 -0.69 19.36
N SER A 331 26.55 -1.24 18.79
CA SER A 331 26.27 -2.66 18.90
C SER A 331 27.31 -3.40 18.06
N GLN A 332 28.29 -4.00 18.73
CA GLN A 332 29.39 -4.66 18.02
C GLN A 332 28.93 -5.90 17.28
N ALA A 333 27.95 -6.62 17.81
CA ALA A 333 27.58 -7.92 17.26
C ALA A 333 26.18 -8.30 17.72
N THR A 334 25.65 -9.35 17.11
CA THR A 334 24.34 -9.88 17.43
C THR A 334 24.45 -11.38 17.66
N GLY A 335 23.51 -11.90 18.44
CA GLY A 335 23.48 -13.33 18.71
C GLY A 335 22.21 -13.71 19.43
N THR A 336 22.02 -15.03 19.58
CA THR A 336 20.95 -15.54 20.43
C THR A 336 21.45 -15.99 21.78
N ARG A 337 22.73 -16.33 21.88
CA ARG A 337 23.33 -16.77 23.12
C ARG A 337 24.79 -16.38 23.09
N ALA A 338 25.44 -16.45 24.24
CA ALA A 338 26.84 -16.09 24.36
C ALA A 338 27.70 -17.34 24.46
N VAL A 339 28.90 -17.26 23.89
CA VAL A 339 29.95 -18.24 24.10
C VAL A 339 31.01 -17.53 24.93
N THR A 340 31.09 -17.85 26.21
CA THR A 340 31.83 -17.05 27.17
C THR A 340 33.20 -17.67 27.42
N THR A 341 34.24 -16.84 27.29
CA THR A 341 35.55 -17.11 27.86
C THR A 341 35.73 -16.20 29.07
N GLY A 342 36.38 -16.73 30.10
CA GLY A 342 36.72 -15.94 31.27
C GLY A 342 35.60 -15.85 32.28
N ALA A 343 35.87 -15.07 33.32
CA ALA A 343 34.95 -14.82 34.43
C ALA A 343 35.12 -13.38 34.88
N PRO A 344 34.09 -12.78 35.45
CA PRO A 344 34.20 -11.38 35.89
C PRO A 344 35.11 -11.26 37.10
N ARG A 345 35.78 -10.12 37.20
CA ARG A 345 36.64 -9.86 38.35
C ARG A 345 35.82 -9.90 39.63
N PRO A 346 36.22 -10.68 40.64
CA PRO A 346 35.52 -10.63 41.93
C PRO A 346 35.34 -9.22 42.47
N ALA A 347 36.34 -8.35 42.27
CA ALA A 347 36.21 -6.96 42.68
C ALA A 347 35.11 -6.24 41.90
N TRP A 348 34.96 -6.57 40.61
CA TRP A 348 33.89 -5.97 39.83
C TRP A 348 32.52 -6.39 40.34
N LEU A 349 32.36 -7.67 40.68
CA LEU A 349 31.09 -8.13 41.21
C LEU A 349 30.80 -7.50 42.57
N ASP A 350 31.81 -7.50 43.45
CA ASP A 350 31.64 -6.90 44.77
C ASP A 350 31.17 -5.46 44.67
N ARG A 351 31.79 -4.69 43.78
CA ARG A 351 31.47 -3.27 43.68
C ARG A 351 30.06 -3.06 43.14
N CYS A 352 29.71 -3.79 42.09
CA CYS A 352 28.36 -3.68 41.54
C CYS A 352 27.31 -4.08 42.56
N ALA A 353 27.60 -5.11 43.35
CA ALA A 353 26.67 -5.52 44.39
C ALA A 353 26.49 -4.43 45.44
N ALA A 354 27.57 -3.71 45.75
CA ALA A 354 27.49 -2.62 46.72
C ALA A 354 26.64 -1.48 46.18
N MET A 355 26.90 -1.06 44.95
CA MET A 355 26.14 0.04 44.37
C MET A 355 24.66 -0.29 44.24
N ASN A 356 24.32 -1.56 44.06
CA ASN A 356 22.92 -1.95 44.00
C ASN A 356 22.23 -1.75 45.33
N ARG A 357 22.82 -2.25 46.42
CA ARG A 357 22.30 -1.99 47.75
C ARG A 357 22.21 -0.50 48.03
N HIS A 358 23.26 0.24 47.64
CA HIS A 358 23.29 1.67 47.86
C HIS A 358 22.13 2.37 47.17
N ALA A 359 21.79 1.92 45.95
CA ALA A 359 20.74 2.59 45.19
C ALA A 359 19.37 2.32 45.79
N ILE A 360 19.07 1.05 46.07
CA ILE A 360 17.74 0.70 46.56
C ILE A 360 17.55 1.21 47.99
N ALA A 361 18.62 1.31 48.77
CA ALA A 361 18.51 1.88 50.12
C ALA A 361 18.19 3.37 50.05
N ALA A 362 18.75 4.07 49.08
CA ALA A 362 18.41 5.48 48.89
C ALA A 362 16.93 5.64 48.58
N VAL A 363 16.41 4.82 47.67
CA VAL A 363 14.99 4.87 47.32
C VAL A 363 14.13 4.68 48.57
N ARG A 364 14.42 3.63 49.35
CA ARG A 364 13.55 3.28 50.46
C ARG A 364 13.64 4.32 51.59
N GLU A 365 14.80 4.91 51.80
CA GLU A 365 14.92 5.94 52.82
C GLU A 365 14.22 7.23 52.39
N GLN A 366 14.34 7.61 51.13
CA GLN A 366 13.65 8.81 50.67
C GLN A 366 12.14 8.61 50.60
N LEU A 367 11.68 7.39 50.33
CA LEU A 367 10.25 7.13 50.40
C LEU A 367 9.73 7.24 51.83
N ALA A 368 10.49 6.72 52.79
CA ALA A 368 10.09 6.83 54.19
C ALA A 368 10.09 8.27 54.66
N ALA A 369 11.10 9.06 54.24
CA ALA A 369 11.18 10.45 54.66
C ALA A 369 10.15 11.33 53.96
N HIS A 370 9.48 10.81 52.95
CA HIS A 370 8.56 11.64 52.17
C HIS A 370 7.22 11.73 52.87
N PRO A 371 6.70 12.95 53.09
CA PRO A 371 5.45 13.08 53.86
C PRO A 371 4.22 12.54 53.15
N LEU A 372 4.17 12.60 51.82
CA LEU A 372 2.95 12.29 51.08
C LEU A 372 3.08 10.97 50.34
N THR A 373 1.95 10.30 50.17
CA THR A 373 1.90 9.05 49.42
C THR A 373 1.87 9.33 47.91
N THR A 374 2.80 8.72 47.18
CA THR A 374 2.87 8.84 45.73
C THR A 374 2.73 7.47 45.10
N GLY A 375 2.54 7.46 43.77
CA GLY A 375 2.51 6.20 43.05
C GLY A 375 3.74 5.35 43.26
N LEU A 376 4.89 5.98 43.51
CA LEU A 376 6.08 5.21 43.85
C LEU A 376 5.91 4.50 45.19
N HIS A 377 5.29 5.17 46.16
CA HIS A 377 4.91 4.51 47.40
C HIS A 377 3.97 3.34 47.12
N VAL A 378 3.01 3.53 46.22
CA VAL A 378 2.04 2.49 45.92
C VAL A 378 2.73 1.30 45.26
N ALA A 379 3.67 1.57 44.35
CA ALA A 379 4.37 0.50 43.66
C ALA A 379 5.27 -0.27 44.61
N ALA A 380 5.90 0.42 45.56
CA ALA A 380 6.68 -0.27 46.58
C ALA A 380 5.80 -1.19 47.41
N ALA A 381 4.63 -0.69 47.83
CA ALA A 381 3.72 -1.52 48.61
C ALA A 381 3.20 -2.70 47.78
N VAL A 382 2.92 -2.48 46.50
CA VAL A 382 2.47 -3.57 45.64
C VAL A 382 3.54 -4.63 45.50
N SER A 383 4.79 -4.20 45.27
CA SER A 383 5.88 -5.17 45.12
C SER A 383 6.04 -6.01 46.38
N HIS A 384 5.83 -5.41 47.55
CA HIS A 384 5.97 -6.15 48.80
C HIS A 384 4.87 -7.19 48.97
N ALA A 385 3.68 -6.91 48.43
CA ALA A 385 2.54 -7.82 48.61
C ALA A 385 2.61 -9.05 47.72
N LEU A 386 3.44 -9.03 46.67
CA LEU A 386 3.47 -10.13 45.73
C LEU A 386 4.11 -11.36 46.37
N ARG A 387 3.81 -12.52 45.81
CA ARG A 387 4.37 -13.78 46.24
C ARG A 387 4.65 -14.63 45.00
N PRO A 388 5.56 -15.60 45.09
CA PRO A 388 5.88 -16.40 43.90
C PRO A 388 4.64 -17.13 43.41
N GLY A 389 4.50 -17.18 42.09
CA GLY A 389 3.30 -17.68 41.47
C GLY A 389 2.32 -16.61 41.04
N ASP A 390 2.49 -15.38 41.53
CA ASP A 390 1.64 -14.29 41.10
C ASP A 390 1.92 -13.90 39.67
N GLN A 391 0.90 -13.38 38.99
CA GLN A 391 1.07 -12.66 37.74
C GLN A 391 0.88 -11.17 38.02
N LEU A 392 1.79 -10.35 37.50
CA LEU A 392 1.78 -8.91 37.72
C LEU A 392 1.67 -8.21 36.37
N VAL A 393 0.65 -7.37 36.22
CA VAL A 393 0.41 -6.64 34.99
C VAL A 393 0.63 -5.16 35.26
N LEU A 394 1.57 -4.55 34.54
CA LEU A 394 1.94 -3.17 34.78
C LEU A 394 1.47 -2.30 33.62
N GLY A 395 0.87 -1.16 33.96
CA GLY A 395 0.53 -0.19 32.94
C GLY A 395 1.73 0.64 32.54
N ALA A 396 1.62 1.31 31.39
CA ALA A 396 2.65 2.22 30.95
C ALA A 396 2.71 3.42 31.90
N SER A 397 3.59 4.37 31.56
CA SER A 397 3.84 5.56 32.36
C SER A 397 4.55 5.17 33.65
N ASN A 398 4.17 5.79 34.77
CA ASN A 398 4.97 5.63 35.99
C ASN A 398 4.90 4.27 36.66
N PRO A 399 3.75 3.52 36.63
CA PRO A 399 3.73 2.20 37.27
C PRO A 399 4.90 1.28 36.92
N VAL A 400 5.15 1.02 35.63
CA VAL A 400 6.17 0.04 35.27
C VAL A 400 7.55 0.52 35.69
N ARG A 401 7.78 1.83 35.65
CA ARG A 401 9.06 2.35 36.14
C ARG A 401 9.12 2.42 37.65
N ASP A 402 8.00 2.77 38.31
CA ASP A 402 7.98 2.81 39.77
C ASP A 402 8.28 1.44 40.36
N VAL A 403 7.80 0.38 39.73
CA VAL A 403 8.08 -0.97 40.21
C VAL A 403 9.57 -1.29 40.07
N ALA A 404 10.19 -0.83 38.99
CA ALA A 404 11.63 -1.00 38.83
C ALA A 404 12.41 -0.20 39.87
N LEU A 405 11.99 1.04 40.14
CA LEU A 405 12.67 1.84 41.15
C LEU A 405 12.49 1.24 42.55
N ALA A 406 11.30 0.73 42.84
CA ALA A 406 11.04 0.11 44.13
C ALA A 406 11.85 -1.17 44.33
N GLY A 407 12.54 -1.63 43.30
CA GLY A 407 13.43 -2.78 43.42
C GLY A 407 12.73 -4.11 43.47
N LEU A 408 11.64 -4.28 42.74
CA LEU A 408 10.90 -5.54 42.76
C LEU A 408 11.80 -6.70 42.33
N ASP A 409 11.71 -7.79 43.07
CA ASP A 409 12.38 -9.04 42.74
C ASP A 409 11.38 -9.92 42.00
N THR A 410 11.59 -10.12 40.70
CA THR A 410 10.59 -10.68 39.82
C THR A 410 10.67 -12.20 39.65
N ARG A 411 11.63 -12.86 40.28
CA ARG A 411 11.79 -14.29 40.04
C ARG A 411 10.63 -15.06 40.67
N GLY A 412 10.08 -16.00 39.90
CA GLY A 412 8.91 -16.73 40.33
C GLY A 412 7.59 -16.07 39.99
N ILE A 413 7.60 -14.83 39.52
CA ILE A 413 6.35 -14.17 39.12
C ILE A 413 6.43 -13.81 37.64
N ARG A 414 5.28 -13.91 36.98
CA ARG A 414 5.16 -13.56 35.57
C ARG A 414 4.71 -12.10 35.46
N VAL A 415 5.55 -11.27 34.86
CA VAL A 415 5.32 -9.82 34.76
C VAL A 415 5.02 -9.47 33.32
N ARG A 416 3.85 -8.88 33.08
CA ARG A 416 3.38 -8.47 31.76
C ARG A 416 3.27 -6.96 31.70
N SER A 417 3.59 -6.39 30.55
CA SER A 417 3.37 -4.97 30.30
C SER A 417 3.43 -4.75 28.79
N ASN A 418 2.58 -3.86 28.28
CA ASN A 418 2.50 -3.63 26.84
C ASN A 418 3.66 -2.72 26.44
N ARG A 419 4.85 -3.33 26.37
CA ARG A 419 6.08 -2.58 26.10
C ARG A 419 6.31 -2.32 24.62
N GLY A 420 5.51 -2.89 23.74
CA GLY A 420 5.69 -2.70 22.30
C GLY A 420 5.74 -1.24 21.90
N VAL A 421 4.68 -0.50 22.21
CA VAL A 421 4.65 0.94 22.01
C VAL A 421 4.36 1.71 23.29
N ALA A 422 4.12 1.01 24.40
CA ALA A 422 3.97 1.61 25.72
C ALA A 422 2.90 2.70 25.72
N GLY A 423 1.79 2.43 25.06
CA GLY A 423 0.68 3.35 25.09
C GLY A 423 -0.22 3.10 26.28
N ILE A 424 -1.21 3.98 26.45
CA ILE A 424 -2.16 3.80 27.56
C ILE A 424 -3.40 3.03 27.13
N ASP A 425 -3.65 2.87 25.84
CA ASP A 425 -4.82 2.14 25.37
C ASP A 425 -4.80 0.69 25.83
N GLY A 426 -5.98 0.19 26.22
CA GLY A 426 -6.20 -1.23 26.39
C GLY A 426 -5.61 -1.86 27.61
N THR A 427 -5.09 -1.09 28.57
CA THR A 427 -4.38 -1.70 29.69
C THR A 427 -5.31 -2.56 30.54
N VAL A 428 -6.52 -2.07 30.81
CA VAL A 428 -7.48 -2.84 31.60
C VAL A 428 -7.79 -4.17 30.92
N SER A 429 -8.09 -4.13 29.62
CA SER A 429 -8.36 -5.34 28.86
C SER A 429 -7.15 -6.26 28.79
N THR A 430 -5.94 -5.70 28.75
CA THR A 430 -4.76 -6.53 28.77
C THR A 430 -4.60 -7.25 30.11
N ALA A 431 -4.94 -6.56 31.21
CA ALA A 431 -4.88 -7.20 32.52
C ALA A 431 -5.93 -8.30 32.66
N ILE A 432 -7.11 -8.08 32.07
CA ILE A 432 -8.19 -9.07 32.16
C ILE A 432 -7.86 -10.31 31.35
N GLY A 433 -7.46 -10.12 30.09
CA GLY A 433 -7.09 -11.26 29.27
C GLY A 433 -5.92 -12.04 29.83
N ALA A 434 -4.95 -11.34 30.40
CA ALA A 434 -3.80 -12.03 30.99
C ALA A 434 -4.21 -12.85 32.19
N ALA A 435 -5.07 -12.30 33.05
CA ALA A 435 -5.58 -13.09 34.17
C ALA A 435 -6.32 -14.32 33.67
N LEU A 436 -7.18 -14.16 32.66
CA LEU A 436 -8.01 -15.28 32.21
C LEU A 436 -7.15 -16.41 31.66
N ALA A 437 -6.17 -16.09 30.80
CA ALA A 437 -5.34 -17.12 30.21
C ALA A 437 -4.41 -17.73 31.25
N TYR A 438 -3.92 -16.92 32.17
CA TYR A 438 -3.10 -17.45 33.25
C TYR A 438 -3.90 -18.43 34.11
N GLU A 439 -5.19 -18.16 34.28
CA GLU A 439 -6.02 -19.03 35.10
C GLU A 439 -6.44 -20.28 34.33
N GLY A 440 -6.65 -20.15 33.03
CA GLY A 440 -6.99 -21.31 32.23
C GLY A 440 -5.86 -22.32 32.17
N ALA A 441 -4.63 -21.84 32.03
CA ALA A 441 -3.48 -22.73 32.09
C ALA A 441 -3.40 -23.44 33.44
N HIS A 442 -3.84 -22.78 34.51
CA HIS A 442 -3.74 -23.38 35.84
C HIS A 442 -4.78 -24.48 36.04
N GLU A 443 -6.02 -24.25 35.61
CA GLU A 443 -7.00 -25.33 35.59
C GLU A 443 -6.47 -26.53 34.83
N ARG A 444 -5.63 -26.29 33.82
CA ARG A 444 -5.13 -27.32 32.94
C ARG A 444 -4.14 -28.24 33.66
N THR A 445 -3.31 -27.68 34.55
CA THR A 445 -2.37 -28.50 35.31
C THR A 445 -3.08 -29.51 36.21
N GLY A 446 -4.35 -29.27 36.53
CA GLY A 446 -5.10 -30.15 37.41
C GLY A 446 -5.07 -29.78 38.87
N SER A 447 -4.38 -28.71 39.24
CA SER A 447 -4.32 -28.29 40.64
C SER A 447 -5.73 -27.98 41.14
N PRO A 448 -6.10 -28.47 42.33
CA PRO A 448 -7.37 -28.06 42.95
C PRO A 448 -7.25 -26.81 43.79
N ASP A 449 -6.07 -26.18 43.80
CA ASP A 449 -5.87 -24.94 44.51
C ASP A 449 -6.73 -23.82 43.90
N SER A 450 -6.90 -22.77 44.68
CA SER A 450 -7.40 -21.53 44.13
C SER A 450 -6.52 -21.10 42.95
N PRO A 451 -7.09 -20.55 41.90
CA PRO A 451 -6.27 -20.06 40.80
C PRO A 451 -5.32 -19.00 41.30
N PRO A 452 -4.15 -18.88 40.69
CA PRO A 452 -3.16 -17.90 41.16
C PRO A 452 -3.63 -16.48 40.89
N ARG A 453 -3.11 -15.56 41.70
CA ARG A 453 -3.51 -14.16 41.62
C ARG A 453 -2.93 -13.48 40.39
N THR A 454 -3.70 -12.56 39.83
CA THR A 454 -3.19 -11.54 38.92
C THR A 454 -3.40 -10.19 39.57
N ILE A 455 -2.32 -9.45 39.77
CA ILE A 455 -2.39 -8.12 40.35
C ILE A 455 -1.88 -7.13 39.31
N ALA A 456 -2.68 -6.12 39.02
CA ALA A 456 -2.31 -5.08 38.08
C ALA A 456 -2.01 -3.78 38.82
N LEU A 457 -1.14 -2.97 38.26
CA LEU A 457 -0.86 -1.63 38.77
C LEU A 457 -0.91 -0.65 37.61
N ILE A 458 -1.91 0.23 37.58
CA ILE A 458 -2.10 1.16 36.48
C ILE A 458 -2.41 2.54 37.03
N GLY A 459 -2.01 3.56 36.30
CA GLY A 459 -2.31 4.93 36.67
C GLY A 459 -3.76 5.29 36.42
N ASP A 460 -4.16 6.43 36.98
CA ASP A 460 -5.57 6.80 36.96
C ASP A 460 -6.02 7.23 35.57
N LEU A 461 -5.19 8.02 34.88
CA LEU A 461 -5.52 8.39 33.50
C LEU A 461 -5.61 7.14 32.61
N THR A 462 -4.66 6.22 32.76
CA THR A 462 -4.71 4.97 32.02
C THR A 462 -5.99 4.21 32.31
N PHE A 463 -6.38 4.14 33.59
CA PHE A 463 -7.58 3.38 33.95
C PHE A 463 -8.83 4.02 33.38
N VAL A 464 -8.98 5.33 33.54
CA VAL A 464 -10.13 6.02 32.97
C VAL A 464 -10.15 5.85 31.46
N HIS A 465 -8.99 5.99 30.83
CA HIS A 465 -8.89 5.88 29.38
C HIS A 465 -9.41 4.55 28.88
N ASP A 466 -9.08 3.45 29.56
CA ASP A 466 -9.55 2.13 29.17
C ASP A 466 -10.60 1.58 30.14
N SER A 467 -11.34 2.46 30.81
CA SER A 467 -12.30 1.97 31.81
C SER A 467 -13.36 1.08 31.17
N SER A 468 -13.67 1.28 29.88
CA SER A 468 -14.65 0.42 29.22
C SER A 468 -14.11 -0.99 28.96
N GLY A 469 -12.84 -1.24 29.22
CA GLY A 469 -12.37 -2.61 29.28
C GLY A 469 -12.96 -3.42 30.44
N LEU A 470 -13.45 -2.74 31.48
CA LEU A 470 -14.12 -3.43 32.57
C LEU A 470 -15.40 -4.11 32.11
N LEU A 471 -16.00 -3.60 31.04
CA LEU A 471 -17.27 -4.13 30.55
C LEU A 471 -17.10 -5.59 30.14
N ILE A 472 -17.89 -6.46 30.77
CA ILE A 472 -17.94 -7.87 30.40
C ILE A 472 -19.39 -8.31 30.48
N GLY A 473 -19.93 -8.79 29.37
CA GLY A 473 -21.28 -9.30 29.33
C GLY A 473 -21.52 -10.36 30.39
N PRO A 474 -22.76 -10.50 30.83
CA PRO A 474 -23.07 -11.50 31.86
C PRO A 474 -22.73 -12.91 31.43
N THR A 475 -22.85 -13.22 30.14
CA THR A 475 -22.53 -14.53 29.60
C THR A 475 -21.03 -14.78 29.48
N GLU A 476 -20.20 -13.74 29.54
CA GLU A 476 -18.82 -13.86 29.12
C GLU A 476 -17.90 -14.25 30.27
N PRO A 477 -16.75 -14.87 29.97
CA PRO A 477 -15.82 -15.27 31.03
C PRO A 477 -15.32 -14.08 31.84
N ILE A 478 -15.25 -14.28 33.15
CA ILE A 478 -14.81 -13.26 34.09
C ILE A 478 -13.62 -13.82 34.86
N PRO A 479 -12.53 -13.07 35.01
CA PRO A 479 -11.40 -13.56 35.79
C PRO A 479 -11.82 -13.93 37.21
N ARG A 480 -11.19 -14.98 37.74
CA ARG A 480 -11.51 -15.45 39.07
C ARG A 480 -10.64 -14.84 40.16
N SER A 481 -9.49 -14.27 39.80
CA SER A 481 -8.56 -13.80 40.80
C SER A 481 -7.76 -12.60 40.27
N LEU A 482 -8.44 -11.58 39.78
CA LEU A 482 -7.79 -10.37 39.28
C LEU A 482 -8.10 -9.20 40.19
N THR A 483 -7.05 -8.55 40.69
CA THR A 483 -7.18 -7.32 41.46
C THR A 483 -6.44 -6.22 40.70
N ILE A 484 -7.16 -5.16 40.33
CA ILE A 484 -6.58 -4.03 39.62
C ILE A 484 -6.36 -2.90 40.61
N VAL A 485 -5.11 -2.56 40.86
CA VAL A 485 -4.74 -1.47 41.76
C VAL A 485 -4.55 -0.22 40.93
N VAL A 486 -5.38 0.79 41.17
CA VAL A 486 -5.30 2.07 40.48
C VAL A 486 -4.59 3.05 41.40
N SER A 487 -3.39 3.47 41.03
CA SER A 487 -2.70 4.53 41.74
C SER A 487 -3.16 5.86 41.17
N ASN A 488 -3.98 6.59 41.92
CA ASN A 488 -4.69 7.76 41.41
C ASN A 488 -4.11 9.04 42.03
N ASP A 489 -3.23 9.70 41.28
CA ASP A 489 -2.80 11.04 41.62
C ASP A 489 -3.52 12.09 40.78
N ASN A 490 -4.67 11.74 40.23
CA ASN A 490 -5.60 12.68 39.60
C ASN A 490 -4.92 13.49 38.52
N GLY A 491 -4.20 12.80 37.65
CA GLY A 491 -3.54 13.46 36.54
C GLY A 491 -2.39 12.61 36.02
N GLY A 492 -1.50 13.29 35.29
CA GLY A 492 -0.36 12.62 34.68
C GLY A 492 0.90 12.76 35.51
N GLY A 493 1.24 11.71 36.25
CA GLY A 493 2.31 11.82 37.22
C GLY A 493 3.69 12.01 36.62
N ILE A 494 3.96 11.34 35.49
CA ILE A 494 5.31 11.39 34.94
C ILE A 494 5.68 12.76 34.40
N PHE A 495 4.71 13.66 34.26
CA PHE A 495 5.05 14.97 33.74
C PHE A 495 5.66 15.86 34.79
N GLU A 496 5.42 15.54 36.05
CA GLU A 496 6.33 16.07 37.06
C GLU A 496 7.77 15.65 36.79
N LEU A 497 8.04 14.53 36.13
CA LEU A 497 9.45 14.15 36.11
C LEU A 497 10.24 14.84 34.99
N LEU A 498 9.79 15.99 34.53
CA LEU A 498 10.49 16.74 33.47
C LEU A 498 11.25 17.93 34.03
N SER A 506 6.03 23.38 27.43
CA SER A 506 5.78 22.32 26.46
C SER A 506 4.65 22.70 25.51
N ASP A 507 3.99 21.68 24.97
CA ASP A 507 2.91 21.89 24.04
C ASP A 507 1.68 22.47 24.74
N VAL A 508 0.87 23.18 23.96
CA VAL A 508 -0.47 23.53 24.42
C VAL A 508 -1.31 22.28 24.63
N SER A 509 -0.94 21.15 24.01
CA SER A 509 -1.59 19.88 24.28
C SER A 509 -1.47 19.48 25.75
N SER A 510 -0.48 20.00 26.47
CA SER A 510 -0.27 19.67 27.87
C SER A 510 -1.19 20.43 28.80
N ARG A 511 -2.06 21.30 28.27
CA ARG A 511 -2.92 22.10 29.14
C ARG A 511 -3.95 21.24 29.86
N ILE A 512 -4.35 20.11 29.27
CA ILE A 512 -5.32 19.23 29.93
C ILE A 512 -4.72 18.62 31.19
N PHE A 513 -3.40 18.40 31.21
CA PHE A 513 -2.75 17.87 32.41
C PHE A 513 -2.57 18.93 33.49
N GLY A 514 -2.56 20.21 33.12
CA GLY A 514 -2.45 21.27 34.10
C GLY A 514 -3.61 21.35 35.07
N THR A 515 -4.68 20.59 34.84
CA THR A 515 -5.84 20.59 35.71
C THR A 515 -6.18 19.15 36.08
N PRO A 516 -6.38 18.85 37.36
CA PRO A 516 -6.86 17.53 37.74
C PRO A 516 -8.20 17.20 37.09
N HIS A 517 -8.35 15.94 36.67
CA HIS A 517 -9.53 15.56 35.89
C HIS A 517 -10.74 15.29 36.77
N ASP A 518 -10.53 14.82 38.01
CA ASP A 518 -11.58 14.60 38.99
C ASP A 518 -12.55 13.49 38.58
N VAL A 519 -12.19 12.65 37.61
CA VAL A 519 -13.05 11.54 37.23
C VAL A 519 -13.20 10.59 38.42
N ASP A 520 -14.43 10.26 38.75
CA ASP A 520 -14.71 9.39 39.90
C ASP A 520 -14.45 7.95 39.49
N VAL A 521 -13.36 7.38 40.02
CA VAL A 521 -13.00 6.00 39.69
C VAL A 521 -14.05 5.03 40.19
N GLY A 522 -14.60 5.29 41.39
CA GLY A 522 -15.62 4.42 41.93
C GLY A 522 -16.86 4.37 41.07
N ALA A 523 -17.29 5.52 40.57
CA ALA A 523 -18.48 5.55 39.71
C ALA A 523 -18.25 4.80 38.41
N LEU A 524 -17.05 4.92 37.84
CA LEU A 524 -16.72 4.15 36.64
C LEU A 524 -16.86 2.65 36.91
N CYS A 525 -16.37 2.19 38.07
CA CYS A 525 -16.41 0.77 38.36
C CYS A 525 -17.84 0.26 38.54
N ARG A 526 -18.72 1.07 39.12
CA ARG A 526 -20.10 0.62 39.25
C ARG A 526 -20.83 0.67 37.91
N ALA A 527 -20.46 1.60 37.03
CA ALA A 527 -21.03 1.59 35.69
C ALA A 527 -20.90 0.20 35.06
N TYR A 528 -19.73 -0.41 35.19
CA TYR A 528 -19.45 -1.73 34.65
C TYR A 528 -19.61 -2.83 35.71
N HIS A 529 -20.34 -2.53 36.77
CA HIS A 529 -20.70 -3.50 37.81
CA HIS A 529 -20.69 -3.47 37.84
C HIS A 529 -19.47 -4.27 38.30
N VAL A 530 -18.44 -3.54 38.71
CA VAL A 530 -17.21 -4.13 39.22
C VAL A 530 -16.99 -3.64 40.64
N GLU A 531 -16.72 -4.57 41.55
CA GLU A 531 -16.38 -4.24 42.93
C GLU A 531 -15.19 -3.29 42.98
N SER A 532 -15.31 -2.22 43.76
CA SER A 532 -14.20 -1.30 43.91
C SER A 532 -14.23 -0.68 45.29
N ARG A 533 -13.04 -0.40 45.82
CA ARG A 533 -12.90 0.25 47.12
C ARG A 533 -11.69 1.16 47.09
N GLN A 534 -11.80 2.28 47.80
CA GLN A 534 -10.65 3.09 48.13
C GLN A 534 -9.99 2.54 49.38
N ILE A 535 -8.66 2.56 49.40
CA ILE A 535 -7.90 2.21 50.58
C ILE A 535 -6.68 3.10 50.62
N GLU A 536 -6.15 3.33 51.81
CA GLU A 536 -4.85 3.95 51.92
C GLU A 536 -3.77 2.87 51.86
N VAL A 537 -2.53 3.32 51.65
CA VAL A 537 -1.50 2.45 51.11
C VAL A 537 -1.15 1.32 52.07
N ASP A 538 -1.34 1.50 53.38
CA ASP A 538 -1.01 0.43 54.32
C ASP A 538 -2.02 -0.70 54.29
N GLU A 539 -3.25 -0.40 53.87
CA GLU A 539 -4.25 -1.46 53.73
C GLU A 539 -3.95 -2.36 52.54
N LEU A 540 -3.02 -1.97 51.67
CA LEU A 540 -2.88 -2.63 50.37
C LEU A 540 -2.41 -4.06 50.54
N GLY A 541 -1.36 -4.27 51.30
CA GLY A 541 -0.87 -5.60 51.62
C GLY A 541 -1.96 -6.50 52.15
N PRO A 542 -2.60 -6.11 53.24
CA PRO A 542 -3.68 -6.96 53.80
C PRO A 542 -4.85 -7.14 52.86
N THR A 543 -5.21 -6.11 52.09
CA THR A 543 -6.36 -6.23 51.19
C THR A 543 -6.04 -7.16 50.02
N LEU A 544 -4.80 -7.14 49.51
CA LEU A 544 -4.45 -8.06 48.44
C LEU A 544 -4.41 -9.52 48.92
N ASP A 545 -4.21 -9.73 50.23
CA ASP A 545 -4.08 -11.08 50.76
C ASP A 545 -5.41 -11.81 50.89
N GLN A 546 -6.53 -11.10 50.93
CA GLN A 546 -7.86 -11.66 50.98
C GLN A 546 -8.46 -11.72 49.57
N PRO A 547 -8.99 -12.86 49.13
CA PRO A 547 -9.32 -13.01 47.70
C PRO A 547 -10.37 -12.05 47.17
N GLY A 548 -11.53 -11.93 47.81
CA GLY A 548 -12.55 -11.02 47.32
C GLY A 548 -13.27 -11.54 46.07
N ALA A 549 -14.01 -10.63 45.43
CA ALA A 549 -14.69 -10.96 44.19
C ALA A 549 -13.69 -11.34 43.11
N GLY A 550 -14.14 -12.16 42.16
CA GLY A 550 -13.27 -12.63 41.10
C GLY A 550 -12.52 -11.51 40.41
N MET A 551 -13.14 -10.33 40.32
CA MET A 551 -12.51 -9.16 39.75
C MET A 551 -12.87 -7.97 40.62
N ARG A 552 -11.87 -7.16 40.97
CA ARG A 552 -12.11 -6.02 41.84
C ARG A 552 -11.06 -4.95 41.57
N VAL A 553 -11.37 -3.73 42.01
CA VAL A 553 -10.53 -2.57 41.81
C VAL A 553 -10.23 -1.96 43.17
N LEU A 554 -8.96 -1.81 43.48
CA LEU A 554 -8.53 -1.09 44.68
C LEU A 554 -7.93 0.24 44.24
N GLU A 555 -8.59 1.33 44.57
CA GLU A 555 -8.09 2.67 44.27
C GLU A 555 -7.31 3.19 45.48
N VAL A 556 -6.12 3.73 45.22
CA VAL A 556 -5.31 4.34 46.25
C VAL A 556 -5.04 5.77 45.83
N LYS A 557 -5.52 6.73 46.62
CA LYS A 557 -5.25 8.13 46.34
C LYS A 557 -3.77 8.41 46.50
N ALA A 558 -3.23 9.18 45.57
CA ALA A 558 -1.82 9.53 45.60
C ALA A 558 -1.66 11.01 45.29
N ASP A 559 -0.48 11.52 45.59
CA ASP A 559 -0.12 12.91 45.34
C ASP A 559 0.96 12.96 44.28
N ARG A 560 0.79 13.84 43.30
CA ARG A 560 1.84 14.08 42.31
C ARG A 560 2.50 15.44 42.46
N SER A 561 1.97 16.32 43.30
CA SER A 561 2.56 17.64 43.47
C SER A 561 3.94 17.56 44.10
N SER A 562 4.22 16.50 44.85
CA SER A 562 5.50 16.33 45.53
C SER A 562 6.43 15.37 44.79
N LEU A 563 6.07 14.97 43.58
CA LEU A 563 6.83 13.93 42.89
C LEU A 563 8.23 14.40 42.57
N ARG A 564 8.37 15.60 42.01
CA ARG A 564 9.69 16.14 41.72
C ARG A 564 10.56 16.26 42.94
N GLN A 565 9.98 16.71 44.05
CA GLN A 565 10.74 16.80 45.27
C GLN A 565 11.26 15.43 45.67
N LEU A 566 10.38 14.42 45.62
CA LEU A 566 10.76 13.08 46.03
C LEU A 566 11.88 12.53 45.15
N HIS A 567 11.71 12.61 43.83
CA HIS A 567 12.71 12.06 42.93
C HIS A 567 14.03 12.82 43.04
N ALA A 568 13.98 14.14 43.19
CA ALA A 568 15.22 14.89 43.40
C ALA A 568 15.90 14.50 44.71
N ALA A 569 15.11 14.12 45.72
CA ALA A 569 15.72 13.68 46.97
C ALA A 569 16.38 12.31 46.81
N ILE A 570 15.86 11.48 45.92
CA ILE A 570 16.44 10.16 45.71
C ILE A 570 17.81 10.28 45.05
N LYS A 571 17.93 11.13 44.04
CA LYS A 571 19.21 11.28 43.35
C LYS A 571 20.27 11.89 44.26
N ALA A 572 19.88 12.87 45.06
CA ALA A 572 20.83 13.53 45.96
C ALA A 572 21.34 12.58 47.05
N ALA A 573 20.64 11.48 47.30
CA ALA A 573 21.02 10.54 48.34
C ALA A 573 22.01 9.48 47.87
N LEU A 574 22.33 9.46 46.58
CA LEU A 574 23.16 8.39 46.00
C LEU A 574 24.64 8.71 46.00
N MET B 21 -19.93 -23.07 -22.55
CA MET B 21 -18.70 -22.28 -22.55
C MET B 21 -18.21 -22.05 -21.13
N ASN B 22 -16.92 -22.28 -20.90
CA ASN B 22 -16.36 -22.14 -19.56
C ASN B 22 -16.40 -20.68 -19.11
N PRO B 23 -16.32 -20.43 -17.80
CA PRO B 23 -16.53 -19.05 -17.33
C PRO B 23 -15.44 -18.09 -17.76
N SER B 24 -14.18 -18.50 -17.70
CA SER B 24 -13.08 -17.64 -18.14
C SER B 24 -13.35 -17.09 -19.54
N THR B 25 -13.79 -17.96 -20.45
CA THR B 25 -14.10 -17.51 -21.80
C THR B 25 -15.30 -16.58 -21.79
N THR B 26 -16.34 -16.92 -21.02
CA THR B 26 -17.55 -16.10 -21.00
C THR B 26 -17.27 -14.73 -20.40
N GLN B 27 -16.54 -14.68 -19.29
CA GLN B 27 -16.22 -13.42 -18.65
C GLN B 27 -15.37 -12.54 -19.56
N ALA B 28 -14.36 -13.12 -20.21
CA ALA B 28 -13.48 -12.31 -21.07
C ALA B 28 -14.24 -11.75 -22.26
N ARG B 29 -15.21 -12.50 -22.78
CA ARG B 29 -15.97 -12.02 -23.92
C ARG B 29 -16.94 -10.92 -23.51
N VAL B 30 -17.50 -11.01 -22.30
CA VAL B 30 -18.34 -9.93 -21.80
C VAL B 30 -17.52 -8.65 -21.61
N VAL B 31 -16.30 -8.78 -21.09
CA VAL B 31 -15.47 -7.61 -20.84
C VAL B 31 -15.04 -6.96 -22.15
N VAL B 32 -14.54 -7.76 -23.10
CA VAL B 32 -14.14 -7.21 -24.41
C VAL B 32 -15.31 -6.52 -25.09
N ASP B 33 -16.51 -7.12 -25.02
CA ASP B 33 -17.69 -6.53 -25.64
C ASP B 33 -17.97 -5.16 -25.07
N GLU B 34 -17.96 -5.05 -23.73
CA GLU B 34 -18.29 -3.77 -23.09
C GLU B 34 -17.22 -2.73 -23.33
N LEU B 35 -15.95 -3.14 -23.42
CA LEU B 35 -14.89 -2.20 -23.78
C LEU B 35 -15.15 -1.59 -25.16
N ILE B 36 -15.55 -2.43 -26.13
CA ILE B 36 -15.89 -1.94 -27.45
C ILE B 36 -17.10 -1.01 -27.39
N ARG B 37 -18.13 -1.39 -26.63
CA ARG B 37 -19.28 -0.51 -26.46
C ARG B 37 -18.89 0.82 -25.84
N GLY B 38 -17.86 0.84 -25.00
CA GLY B 38 -17.42 2.07 -24.38
C GLY B 38 -16.46 2.90 -25.20
N GLY B 39 -16.14 2.48 -26.41
CA GLY B 39 -15.33 3.28 -27.31
C GLY B 39 -13.90 2.82 -27.52
N VAL B 40 -13.51 1.66 -27.02
CA VAL B 40 -12.15 1.17 -27.23
C VAL B 40 -12.04 0.61 -28.64
N ARG B 41 -11.15 1.20 -29.44
CA ARG B 41 -11.00 0.81 -30.83
C ARG B 41 -9.69 0.09 -31.12
N ASP B 42 -8.67 0.32 -30.30
CA ASP B 42 -7.38 -0.36 -30.43
C ASP B 42 -7.05 -1.01 -29.09
N VAL B 43 -6.45 -2.19 -29.17
CA VAL B 43 -6.02 -2.94 -28.00
C VAL B 43 -4.62 -3.45 -28.25
N VAL B 44 -3.73 -3.30 -27.27
CA VAL B 44 -2.39 -3.86 -27.33
C VAL B 44 -2.36 -5.11 -26.47
N LEU B 45 -1.79 -6.19 -27.00
CA LEU B 45 -1.80 -7.47 -26.32
C LEU B 45 -0.40 -8.02 -26.26
N CYS B 46 -0.02 -8.52 -25.10
CA CYS B 46 1.26 -9.19 -25.00
C CYS B 46 1.05 -10.65 -24.64
N PRO B 47 1.83 -11.56 -25.21
CA PRO B 47 1.50 -12.98 -25.11
C PRO B 47 1.68 -13.53 -23.70
N GLY B 48 0.84 -14.49 -23.38
CA GLY B 48 0.94 -15.22 -22.13
C GLY B 48 -0.09 -16.31 -22.16
N SER B 49 -0.04 -17.16 -21.14
CA SER B 49 -1.06 -18.20 -21.02
C SER B 49 -2.20 -17.77 -20.12
N ARG B 50 -1.88 -17.12 -19.01
CA ARG B 50 -2.91 -16.71 -18.06
C ARG B 50 -3.88 -15.73 -18.68
N ASN B 51 -3.43 -14.92 -19.63
CA ASN B 51 -4.30 -13.98 -20.32
C ASN B 51 -4.85 -14.54 -21.64
N ALA B 52 -4.76 -15.84 -21.84
CA ALA B 52 -5.36 -16.47 -23.02
C ALA B 52 -6.85 -16.19 -23.17
N PRO B 53 -7.68 -16.18 -22.12
CA PRO B 53 -9.09 -15.82 -22.32
C PRO B 53 -9.25 -14.45 -22.97
N LEU B 54 -8.51 -13.46 -22.50
CA LEU B 54 -8.60 -12.13 -23.08
C LEU B 54 -8.08 -12.13 -24.51
N ALA B 55 -6.96 -12.83 -24.75
CA ALA B 55 -6.38 -12.86 -26.09
C ALA B 55 -7.34 -13.46 -27.11
N PHE B 56 -8.00 -14.57 -26.75
CA PHE B 56 -8.97 -15.18 -27.66
C PHE B 56 -10.15 -14.25 -27.91
N ALA B 57 -10.67 -13.64 -26.85
CA ALA B 57 -11.81 -12.73 -27.01
C ALA B 57 -11.43 -11.52 -27.86
N LEU B 58 -10.24 -10.96 -27.63
CA LEU B 58 -9.80 -9.82 -28.42
C LEU B 58 -9.56 -10.20 -29.88
N GLN B 59 -9.06 -11.41 -30.11
CA GLN B 59 -8.82 -11.85 -31.48
C GLN B 59 -10.13 -12.05 -32.24
N ASP B 60 -11.15 -12.58 -31.58
CA ASP B 60 -12.49 -12.61 -32.17
C ASP B 60 -12.92 -11.22 -32.60
N ALA B 61 -12.75 -10.24 -31.71
CA ALA B 61 -13.21 -8.89 -31.99
C ALA B 61 -12.41 -8.23 -33.11
N ASP B 62 -11.11 -8.54 -33.20
CA ASP B 62 -10.30 -7.96 -34.27
C ASP B 62 -10.70 -8.53 -35.63
N ARG B 63 -10.86 -9.85 -35.70
CA ARG B 63 -11.18 -10.52 -36.95
C ARG B 63 -12.53 -10.04 -37.49
N SER B 64 -13.50 -9.84 -36.62
CA SER B 64 -14.78 -9.28 -37.03
C SER B 64 -14.76 -7.76 -37.16
N GLY B 65 -13.59 -7.13 -37.05
CA GLY B 65 -13.50 -5.71 -37.31
C GLY B 65 -14.04 -4.80 -36.22
N ARG B 66 -14.36 -5.35 -35.04
CA ARG B 66 -14.91 -4.50 -33.99
C ARG B 66 -13.83 -3.65 -33.33
N ILE B 67 -12.63 -4.21 -33.15
CA ILE B 67 -11.47 -3.47 -32.72
C ILE B 67 -10.35 -3.67 -33.73
N ARG B 68 -9.25 -2.99 -33.49
CA ARG B 68 -7.97 -3.29 -34.13
C ARG B 68 -7.01 -3.72 -33.02
N LEU B 69 -6.54 -4.96 -33.10
CA LEU B 69 -5.65 -5.53 -32.11
C LEU B 69 -4.21 -5.37 -32.53
N HIS B 70 -3.32 -5.16 -31.57
CA HIS B 70 -1.89 -4.97 -31.83
C HIS B 70 -1.11 -5.87 -30.88
N VAL B 71 -0.32 -6.78 -31.44
CA VAL B 71 0.45 -7.73 -30.66
C VAL B 71 1.88 -7.23 -30.56
N ARG B 72 2.46 -7.33 -29.36
CA ARG B 72 3.85 -6.97 -29.13
C ARG B 72 4.44 -7.94 -28.12
N ILE B 73 5.77 -8.03 -28.10
CA ILE B 73 6.47 -8.97 -27.25
C ILE B 73 6.90 -8.32 -25.94
N ASP B 74 7.34 -7.07 -25.99
CA ASP B 74 7.91 -6.37 -24.84
C ASP B 74 6.86 -5.46 -24.23
N GLU B 75 6.46 -5.75 -22.99
CA GLU B 75 5.35 -5.04 -22.36
C GLU B 75 5.66 -3.57 -22.12
N ARG B 76 6.91 -3.23 -21.79
CA ARG B 76 7.24 -1.85 -21.45
C ARG B 76 6.99 -0.93 -22.65
N THR B 77 7.54 -1.27 -23.81
CA THR B 77 7.28 -0.47 -24.99
C THR B 77 5.86 -0.67 -25.52
N ALA B 78 5.21 -1.77 -25.16
CA ALA B 78 3.81 -1.97 -25.55
C ALA B 78 2.88 -1.00 -24.85
N GLY B 79 3.16 -0.68 -23.58
CA GLY B 79 2.39 0.36 -22.91
C GLY B 79 2.49 1.69 -23.62
N TYR B 80 3.68 1.99 -24.16
CA TYR B 80 3.89 3.25 -24.88
C TYR B 80 3.25 3.22 -26.25
N LEU B 81 3.21 2.06 -26.90
CA LEU B 81 2.40 1.93 -28.10
C LEU B 81 0.95 2.25 -27.80
N ALA B 82 0.45 1.75 -26.66
CA ALA B 82 -0.92 2.00 -26.25
C ALA B 82 -1.14 3.49 -25.96
N ILE B 83 -0.17 4.14 -25.32
CA ILE B 83 -0.24 5.58 -25.14
C ILE B 83 -0.33 6.29 -26.48
N GLY B 84 0.48 5.86 -27.45
CA GLY B 84 0.42 6.46 -28.77
C GLY B 84 -0.95 6.37 -29.40
N LEU B 85 -1.55 5.18 -29.35
CA LEU B 85 -2.90 5.01 -29.91
C LEU B 85 -3.90 5.90 -29.20
N ALA B 86 -3.70 6.17 -27.92
CA ALA B 86 -4.62 7.02 -27.18
C ALA B 86 -4.46 8.48 -27.58
N ILE B 87 -3.22 8.99 -27.59
CA ILE B 87 -3.03 10.40 -27.92
C ILE B 87 -3.24 10.67 -29.40
N GLY B 88 -3.18 9.62 -30.23
CA GLY B 88 -3.31 9.84 -31.67
C GLY B 88 -4.69 10.30 -32.08
N ALA B 89 -5.72 9.84 -31.38
CA ALA B 89 -7.07 10.21 -31.74
C ALA B 89 -7.98 10.40 -30.54
N GLY B 90 -7.45 10.42 -29.32
CA GLY B 90 -8.23 10.80 -28.15
C GLY B 90 -9.19 9.74 -27.64
N ALA B 91 -8.90 8.48 -27.85
CA ALA B 91 -9.79 7.45 -27.36
C ALA B 91 -9.10 6.63 -26.28
N PRO B 92 -9.85 6.04 -25.36
CA PRO B 92 -9.24 5.09 -24.42
C PRO B 92 -8.76 3.86 -25.17
N VAL B 93 -7.58 3.38 -24.79
CA VAL B 93 -7.08 2.13 -25.33
C VAL B 93 -6.57 1.26 -24.18
N CYS B 94 -6.65 -0.05 -24.37
CA CYS B 94 -6.24 -1.03 -23.37
C CYS B 94 -4.96 -1.71 -23.79
N VAL B 95 -4.10 -1.98 -22.83
CA VAL B 95 -2.99 -2.89 -23.00
C VAL B 95 -3.28 -4.12 -22.13
N ALA B 96 -3.19 -5.29 -22.74
CA ALA B 96 -3.54 -6.55 -22.09
C ALA B 96 -2.31 -7.45 -22.02
N MET B 97 -2.04 -8.00 -20.85
CA MET B 97 -0.86 -8.84 -20.68
C MET B 97 -1.13 -9.85 -19.58
N THR B 98 -0.21 -10.80 -19.45
CA THR B 98 -0.33 -11.88 -18.48
C THR B 98 0.23 -11.47 -17.12
N SER B 99 0.02 -12.34 -16.13
CA SER B 99 0.42 -12.04 -14.77
C SER B 99 1.94 -12.08 -14.63
N GLY B 100 2.44 -11.45 -13.56
CA GLY B 100 3.86 -11.46 -13.27
C GLY B 100 4.57 -10.17 -13.62
N THR B 101 5.85 -10.27 -13.97
CA THR B 101 6.65 -9.10 -14.31
C THR B 101 6.16 -8.37 -15.55
N ALA B 102 5.30 -9.00 -16.37
CA ALA B 102 4.71 -8.30 -17.49
C ALA B 102 3.91 -7.09 -17.02
N VAL B 103 3.18 -7.24 -15.91
CA VAL B 103 2.40 -6.13 -15.36
C VAL B 103 3.32 -5.07 -14.79
N ALA B 104 4.35 -5.49 -14.07
CA ALA B 104 5.33 -4.54 -13.54
C ALA B 104 6.03 -3.78 -14.66
N ASN B 105 6.15 -4.39 -15.84
CA ASN B 105 6.76 -3.70 -16.97
C ASN B 105 5.91 -2.56 -17.50
N LEU B 106 4.64 -2.48 -17.10
CA LEU B 106 3.78 -1.39 -17.51
C LEU B 106 3.96 -0.13 -16.68
N GLY B 107 4.77 -0.20 -15.62
CA GLY B 107 4.98 0.90 -14.70
C GLY B 107 5.39 2.22 -15.34
N PRO B 108 6.43 2.21 -16.18
CA PRO B 108 6.85 3.45 -16.83
C PRO B 108 5.76 4.08 -17.68
N ALA B 109 5.04 3.29 -18.47
CA ALA B 109 3.95 3.85 -19.27
C ALA B 109 2.83 4.39 -18.38
N VAL B 110 2.62 3.77 -17.21
CA VAL B 110 1.58 4.23 -16.30
C VAL B 110 1.94 5.60 -15.71
N VAL B 111 3.20 5.79 -15.33
CA VAL B 111 3.63 7.09 -14.80
C VAL B 111 3.44 8.17 -15.85
N GLU B 112 3.88 7.88 -17.08
CA GLU B 112 3.70 8.84 -18.17
C GLU B 112 2.22 9.14 -18.41
N ALA B 113 1.40 8.09 -18.44
CA ALA B 113 -0.03 8.29 -18.69
C ALA B 113 -0.68 9.08 -17.55
N ASN B 114 -0.23 8.86 -16.32
CA ASN B 114 -0.76 9.62 -15.20
C ASN B 114 -0.53 11.11 -15.37
N TYR B 115 0.72 11.52 -15.57
CA TYR B 115 1.04 12.95 -15.62
C TYR B 115 0.60 13.59 -16.94
N ALA B 116 0.51 12.81 -18.02
CA ALA B 116 0.02 13.37 -19.27
C ALA B 116 -1.48 13.27 -19.41
N ARG B 117 -2.17 12.65 -18.44
CA ARG B 117 -3.62 12.49 -18.46
C ARG B 117 -4.07 11.71 -19.69
N VAL B 118 -3.48 10.55 -19.87
CA VAL B 118 -3.76 9.67 -21.00
C VAL B 118 -4.64 8.52 -20.52
N PRO B 119 -5.73 8.19 -21.21
CA PRO B 119 -6.61 7.07 -20.80
C PRO B 119 -6.06 5.70 -21.17
N LEU B 120 -5.12 5.24 -20.36
CA LEU B 120 -4.43 3.97 -20.59
C LEU B 120 -5.02 2.93 -19.64
N ILE B 121 -5.71 1.94 -20.19
CA ILE B 121 -6.27 0.88 -19.38
C ILE B 121 -5.30 -0.30 -19.38
N VAL B 122 -4.78 -0.64 -18.21
CA VAL B 122 -3.92 -1.81 -18.04
C VAL B 122 -4.81 -2.98 -17.65
N LEU B 123 -5.02 -3.90 -18.58
CA LEU B 123 -5.91 -5.04 -18.36
C LEU B 123 -5.03 -6.26 -18.14
N SER B 124 -4.82 -6.63 -16.89
CA SER B 124 -3.92 -7.71 -16.55
C SER B 124 -4.71 -8.95 -16.21
N ALA B 125 -4.30 -10.07 -16.79
CA ALA B 125 -4.75 -11.33 -16.24
C ALA B 125 -3.95 -11.66 -14.99
N ASN B 126 -4.53 -12.51 -14.16
CA ASN B 126 -3.90 -12.83 -12.89
C ASN B 126 -4.38 -14.21 -12.45
N ARG B 127 -3.58 -14.84 -11.59
CA ARG B 127 -4.08 -15.99 -10.87
C ARG B 127 -5.08 -15.54 -9.81
N PRO B 128 -5.95 -16.44 -9.37
CA PRO B 128 -6.84 -16.11 -8.24
C PRO B 128 -6.03 -15.56 -7.06
N TYR B 129 -6.60 -14.56 -6.39
CA TYR B 129 -5.88 -13.88 -5.32
C TYR B 129 -5.56 -14.82 -4.17
N GLU B 130 -6.36 -15.85 -3.95
CA GLU B 130 -6.05 -16.78 -2.87
C GLU B 130 -4.79 -17.60 -3.15
N LEU B 131 -4.18 -17.46 -4.33
CA LEU B 131 -2.91 -18.10 -4.62
C LEU B 131 -1.71 -17.21 -4.32
N LEU B 132 -1.94 -15.96 -3.94
CA LEU B 132 -0.86 -15.11 -3.48
C LEU B 132 -0.23 -15.69 -2.22
N GLY B 133 1.11 -15.73 -2.18
CA GLY B 133 1.83 -16.24 -1.04
C GLY B 133 1.93 -17.76 -0.93
N THR B 134 1.51 -18.50 -1.95
CA THR B 134 1.56 -19.94 -1.93
C THR B 134 2.74 -20.52 -2.70
N GLY B 135 3.62 -19.67 -3.24
CA GLY B 135 4.66 -20.16 -4.13
C GLY B 135 4.19 -20.44 -5.53
N ALA B 136 3.01 -19.95 -5.89
CA ALA B 136 2.48 -20.15 -7.24
C ALA B 136 3.41 -19.54 -8.28
N ASN B 137 3.54 -20.21 -9.41
CA ASN B 137 4.41 -19.73 -10.47
C ASN B 137 3.84 -18.45 -11.10
N GLN B 138 4.71 -17.47 -11.29
CA GLN B 138 4.41 -16.26 -12.06
C GLN B 138 3.38 -15.38 -11.37
N THR B 139 3.36 -15.38 -10.04
CA THR B 139 2.36 -14.66 -9.27
C THR B 139 3.03 -13.66 -8.34
N MET B 140 2.46 -12.46 -8.27
CA MET B 140 3.00 -11.38 -7.46
C MET B 140 1.85 -10.54 -6.93
N GLU B 141 2.20 -9.45 -6.23
CA GLU B 141 1.22 -8.53 -5.65
C GLU B 141 0.75 -7.58 -6.76
N GLN B 142 -0.22 -8.05 -7.55
CA GLN B 142 -0.58 -7.37 -8.79
C GLN B 142 -1.56 -6.22 -8.54
N LEU B 143 -2.58 -6.44 -7.71
CA LEU B 143 -3.58 -5.41 -7.46
C LEU B 143 -3.03 -4.38 -6.48
N GLY B 144 -3.00 -3.11 -6.90
CA GLY B 144 -2.38 -2.06 -6.11
C GLY B 144 -0.92 -1.80 -6.44
N TYR B 145 -0.36 -2.51 -7.42
CA TYR B 145 1.05 -2.37 -7.73
C TYR B 145 1.41 -0.94 -8.11
N PHE B 146 0.51 -0.24 -8.79
CA PHE B 146 0.81 1.07 -9.34
C PHE B 146 0.55 2.20 -8.36
N GLY B 147 0.03 1.89 -7.17
CA GLY B 147 -0.07 2.90 -6.12
C GLY B 147 -0.97 4.06 -6.51
N THR B 148 -0.45 5.27 -6.32
CA THR B 148 -1.22 6.49 -6.59
C THR B 148 -1.15 6.92 -8.05
N GLN B 149 -0.40 6.21 -8.89
CA GLN B 149 -0.29 6.59 -10.28
C GLN B 149 -1.60 6.42 -11.05
N VAL B 150 -2.51 5.55 -10.60
CA VAL B 150 -3.71 5.23 -11.36
C VAL B 150 -4.92 5.94 -10.76
N ARG B 151 -5.84 6.34 -11.66
CA ARG B 151 -7.10 6.90 -11.23
C ARG B 151 -7.97 5.89 -10.50
N ALA B 152 -7.81 4.60 -10.81
CA ALA B 152 -8.60 3.56 -10.17
C ALA B 152 -7.91 2.23 -10.34
N SER B 153 -8.03 1.40 -9.31
CA SER B 153 -7.64 -0.02 -9.38
C SER B 153 -8.89 -0.84 -9.12
N ILE B 154 -9.31 -1.60 -10.13
CA ILE B 154 -10.59 -2.31 -10.11
C ILE B 154 -10.36 -3.75 -10.51
N SER B 155 -11.02 -4.67 -9.81
CA SER B 155 -10.88 -6.09 -10.11
C SER B 155 -12.26 -6.73 -10.25
N LEU B 156 -12.31 -7.79 -11.04
CA LEU B 156 -13.48 -8.67 -11.14
C LEU B 156 -13.30 -9.86 -10.21
N GLY B 157 -14.43 -10.45 -9.82
CA GLY B 157 -14.38 -11.72 -9.12
C GLY B 157 -14.01 -12.86 -10.06
N LEU B 158 -13.46 -13.92 -9.47
CA LEU B 158 -13.18 -15.12 -10.23
C LEU B 158 -14.49 -15.68 -10.77
N ALA B 159 -14.54 -15.92 -12.08
CA ALA B 159 -15.79 -16.30 -12.73
C ALA B 159 -16.20 -17.69 -12.28
N GLU B 160 -17.37 -17.77 -11.64
CA GLU B 160 -17.92 -19.04 -11.20
C GLU B 160 -18.74 -19.68 -12.31
N ASP B 161 -18.97 -20.98 -12.18
CA ASP B 161 -19.82 -21.73 -13.10
C ASP B 161 -21.19 -21.85 -12.45
N ALA B 162 -22.04 -20.84 -12.66
CA ALA B 162 -23.36 -20.77 -12.05
C ALA B 162 -24.38 -20.31 -13.08
N PRO B 163 -25.09 -21.24 -13.72
CA PRO B 163 -26.09 -20.86 -14.73
C PRO B 163 -27.14 -19.88 -14.25
N GLU B 164 -27.79 -20.18 -13.13
CA GLU B 164 -28.84 -19.35 -12.53
C GLU B 164 -28.40 -17.93 -12.23
N ARG B 165 -27.10 -17.64 -12.30
CA ARG B 165 -26.56 -16.35 -11.89
C ARG B 165 -25.90 -15.59 -13.03
N THR B 166 -26.01 -16.07 -14.27
CA THR B 166 -25.17 -15.54 -15.34
C THR B 166 -25.55 -14.12 -15.72
N SER B 167 -26.83 -13.76 -15.63
CA SER B 167 -27.20 -12.40 -15.99
C SER B 167 -26.84 -11.42 -14.88
N ALA B 168 -26.88 -11.86 -13.62
CA ALA B 168 -26.43 -11.00 -12.53
C ALA B 168 -24.92 -10.79 -12.60
N LEU B 169 -24.16 -11.85 -12.88
CA LEU B 169 -22.73 -11.71 -13.08
C LEU B 169 -22.42 -10.85 -14.31
N ASN B 170 -23.23 -10.99 -15.36
CA ASN B 170 -23.03 -10.17 -16.56
C ASN B 170 -23.15 -8.68 -16.24
N ALA B 171 -24.14 -8.31 -15.42
CA ALA B 171 -24.31 -6.90 -15.06
C ALA B 171 -23.16 -6.43 -14.19
N THR B 172 -22.67 -7.28 -13.29
CA THR B 172 -21.54 -6.91 -12.45
C THR B 172 -20.27 -6.71 -13.26
N TRP B 173 -20.00 -7.61 -14.21
CA TRP B 173 -18.82 -7.46 -15.06
C TRP B 173 -18.93 -6.24 -15.94
N ARG B 174 -20.08 -6.04 -16.57
CA ARG B 174 -20.22 -4.91 -17.49
C ARG B 174 -20.21 -3.60 -16.74
N SER B 175 -20.77 -3.59 -15.52
CA SER B 175 -20.73 -2.38 -14.70
C SER B 175 -19.30 -2.03 -14.33
N ALA B 176 -18.53 -3.03 -13.90
CA ALA B 176 -17.14 -2.79 -13.55
C ALA B 176 -16.37 -2.24 -14.74
N THR B 177 -16.61 -2.78 -15.93
CA THR B 177 -15.91 -2.30 -17.13
C THR B 177 -16.25 -0.85 -17.40
N CYS B 178 -17.51 -0.45 -17.17
CA CYS B 178 -17.88 0.94 -17.34
C CYS B 178 -17.20 1.84 -16.32
N ARG B 179 -17.03 1.37 -15.09
CA ARG B 179 -16.28 2.15 -14.09
C ARG B 179 -14.85 2.36 -14.54
N VAL B 180 -14.24 1.30 -15.11
CA VAL B 180 -12.88 1.37 -15.62
C VAL B 180 -12.80 2.42 -16.73
N LEU B 181 -13.76 2.36 -17.66
CA LEU B 181 -13.75 3.29 -18.78
C LEU B 181 -13.98 4.71 -18.33
N ALA B 182 -14.89 4.91 -17.36
CA ALA B 182 -15.17 6.25 -16.87
C ALA B 182 -13.96 6.86 -16.20
N ALA B 183 -13.30 6.10 -15.31
CA ALA B 183 -12.13 6.63 -14.63
C ALA B 183 -11.00 6.92 -15.60
N ALA B 184 -10.85 6.08 -16.64
CA ALA B 184 -9.76 6.27 -17.58
C ALA B 184 -9.95 7.52 -18.42
N THR B 185 -11.16 7.74 -18.92
CA THR B 185 -11.43 8.90 -19.77
C THR B 185 -11.75 10.15 -18.97
N GLY B 186 -11.85 10.06 -17.64
CA GLY B 186 -12.25 11.21 -16.86
C GLY B 186 -13.68 11.64 -17.08
N ALA B 187 -14.56 10.68 -17.38
CA ALA B 187 -15.94 11.01 -17.72
C ALA B 187 -16.66 11.74 -16.59
N ARG B 188 -16.33 11.42 -15.33
CA ARG B 188 -16.91 12.14 -14.21
C ARG B 188 -15.92 13.08 -13.53
N THR B 189 -14.62 12.82 -13.66
CA THR B 189 -13.61 13.60 -12.96
C THR B 189 -13.01 14.72 -13.82
N ALA B 190 -13.16 14.65 -15.14
CA ALA B 190 -12.46 15.54 -16.06
C ALA B 190 -10.95 15.44 -15.91
N ASN B 191 -10.46 14.32 -15.38
CA ASN B 191 -9.02 14.09 -15.19
C ASN B 191 -8.68 12.69 -15.70
N ALA B 192 -8.54 12.56 -17.03
CA ALA B 192 -8.22 11.27 -17.62
C ALA B 192 -6.87 10.78 -17.13
N GLY B 193 -6.69 9.46 -17.18
CA GLY B 193 -5.46 8.86 -16.74
C GLY B 193 -5.53 7.35 -16.84
N PRO B 194 -4.47 6.68 -16.38
CA PRO B 194 -4.44 5.22 -16.42
C PRO B 194 -5.22 4.60 -15.29
N VAL B 195 -5.85 3.47 -15.57
CA VAL B 195 -6.49 2.69 -14.52
C VAL B 195 -6.08 1.23 -14.66
N HIS B 196 -6.12 0.52 -13.54
CA HIS B 196 -5.64 -0.85 -13.44
C HIS B 196 -6.85 -1.76 -13.33
N PHE B 197 -7.07 -2.57 -14.36
CA PHE B 197 -8.20 -3.50 -14.43
C PHE B 197 -7.61 -4.91 -14.35
N ASP B 198 -7.64 -5.50 -13.17
CA ASP B 198 -7.02 -6.80 -12.94
C ASP B 198 -8.09 -7.89 -12.94
N ILE B 199 -7.83 -8.99 -13.64
CA ILE B 199 -8.82 -10.06 -13.80
C ILE B 199 -8.25 -11.39 -13.35
N PRO B 200 -8.67 -11.93 -12.20
CA PRO B 200 -8.23 -13.27 -11.82
C PRO B 200 -8.90 -14.32 -12.68
N LEU B 201 -8.09 -15.27 -13.16
CA LEU B 201 -8.54 -16.30 -14.08
C LEU B 201 -7.91 -17.63 -13.69
N ARG B 202 -8.66 -18.70 -13.90
CA ARG B 202 -8.17 -20.05 -13.66
C ARG B 202 -8.61 -20.96 -14.80
N GLU B 203 -7.93 -22.10 -14.89
CA GLU B 203 -8.22 -23.09 -15.94
C GLU B 203 -9.65 -23.63 -15.78
N PRO B 204 -10.29 -24.00 -16.90
CA PRO B 204 -9.77 -23.91 -18.28
C PRO B 204 -9.69 -22.49 -18.84
N LEU B 205 -8.55 -22.16 -19.44
CA LEU B 205 -8.27 -20.81 -19.94
C LEU B 205 -8.55 -20.65 -21.43
N VAL B 206 -8.76 -21.74 -22.16
CA VAL B 206 -8.98 -21.66 -23.61
C VAL B 206 -10.44 -21.99 -23.91
N PRO B 207 -10.99 -21.54 -25.04
CA PRO B 207 -12.41 -21.79 -25.31
C PRO B 207 -12.70 -23.28 -25.52
N ASP B 208 -13.86 -23.70 -25.06
CA ASP B 208 -14.38 -25.02 -25.35
C ASP B 208 -15.00 -25.03 -26.74
N PRO B 209 -15.11 -26.20 -27.37
CA PRO B 209 -15.65 -26.25 -28.74
C PRO B 209 -17.07 -25.71 -28.81
N GLU B 210 -17.28 -24.74 -29.70
CA GLU B 210 -18.61 -24.17 -29.95
C GLU B 210 -19.31 -24.88 -31.10
N VAL B 215 -23.85 -17.16 -27.76
CA VAL B 215 -24.28 -17.54 -26.42
C VAL B 215 -23.65 -16.62 -25.38
N THR B 216 -23.04 -15.53 -25.83
CA THR B 216 -22.44 -14.57 -24.91
C THR B 216 -23.52 -13.72 -24.26
N PRO B 217 -23.51 -13.56 -22.93
CA PRO B 217 -24.52 -12.74 -22.25
C PRO B 217 -24.56 -11.34 -22.83
N PRO B 218 -25.76 -10.86 -23.18
CA PRO B 218 -25.87 -9.62 -23.95
C PRO B 218 -25.62 -8.37 -23.12
N GLY B 219 -25.22 -7.30 -23.82
CA GLY B 219 -25.18 -5.97 -23.27
C GLY B 219 -26.52 -5.28 -23.40
N ARG B 220 -26.48 -3.94 -23.31
CA ARG B 220 -27.69 -3.16 -23.47
C ARG B 220 -28.14 -3.18 -24.91
N PRO B 221 -29.43 -2.95 -25.14
CA PRO B 221 -29.92 -2.81 -26.52
C PRO B 221 -29.17 -1.70 -27.26
N ALA B 222 -28.99 -1.93 -28.56
CA ALA B 222 -28.47 -0.93 -29.50
C ALA B 222 -27.00 -0.60 -29.26
N GLY B 223 -26.23 -1.55 -28.74
CA GLY B 223 -24.81 -1.31 -28.55
C GLY B 223 -24.45 -0.31 -27.49
N LYS B 224 -25.38 0.11 -26.64
CA LYS B 224 -25.09 1.15 -25.68
C LYS B 224 -24.27 0.61 -24.50
N PRO B 225 -23.53 1.49 -23.81
CA PRO B 225 -22.81 1.06 -22.61
C PRO B 225 -23.76 0.55 -21.54
N TRP B 226 -23.27 -0.40 -20.73
CA TRP B 226 -24.14 -0.99 -19.71
C TRP B 226 -24.64 0.07 -18.75
N THR B 227 -23.74 0.87 -18.20
CA THR B 227 -24.08 2.04 -17.43
C THR B 227 -23.54 3.24 -18.19
N TYR B 228 -24.44 4.10 -18.66
CA TYR B 228 -24.05 5.20 -19.54
C TYR B 228 -23.68 6.43 -18.73
N THR B 229 -22.44 6.89 -18.87
CA THR B 229 -21.99 8.10 -18.19
C THR B 229 -21.50 9.10 -19.23
N PRO B 230 -22.23 10.17 -19.49
CA PRO B 230 -21.79 11.14 -20.51
C PRO B 230 -20.55 11.87 -20.05
N PRO B 231 -19.73 12.40 -20.96
CA PRO B 231 -18.52 13.12 -20.55
C PRO B 231 -18.88 14.42 -19.84
N VAL B 232 -18.29 14.62 -18.67
CA VAL B 232 -18.60 15.76 -17.82
C VAL B 232 -18.16 17.06 -18.46
N THR B 233 -18.84 18.15 -18.12
CA THR B 233 -18.36 19.49 -18.44
C THR B 233 -17.89 20.13 -17.14
N PHE B 234 -16.58 20.30 -17.02
CA PHE B 234 -15.95 20.91 -15.85
C PHE B 234 -15.75 22.40 -16.12
N ASP B 235 -16.35 23.25 -15.29
CA ASP B 235 -16.35 24.68 -15.57
C ASP B 235 -16.01 25.48 -14.32
N GLN B 236 -15.06 26.40 -14.46
CA GLN B 236 -14.63 27.26 -13.34
C GLN B 236 -14.25 28.60 -13.92
N PRO B 237 -15.19 29.53 -14.01
CA PRO B 237 -14.88 30.84 -14.57
C PRO B 237 -14.05 31.67 -13.60
N LEU B 238 -13.16 32.48 -14.16
CA LEU B 238 -12.20 33.25 -13.38
C LEU B 238 -11.99 34.62 -14.01
N ASP B 239 -12.24 35.67 -13.22
CA ASP B 239 -12.11 37.03 -13.71
C ASP B 239 -10.64 37.42 -13.88
N ILE B 240 -10.29 37.90 -15.07
CA ILE B 240 -8.96 38.41 -15.35
C ILE B 240 -9.11 39.73 -16.11
N ASP B 241 -8.32 40.72 -15.72
CA ASP B 241 -8.32 42.02 -16.37
C ASP B 241 -7.11 42.07 -17.32
N LEU B 242 -7.40 42.15 -18.62
CA LEU B 242 -6.36 42.05 -19.63
C LEU B 242 -5.61 43.35 -19.88
N SER B 243 -6.07 44.48 -19.34
CA SER B 243 -5.35 45.74 -19.54
C SER B 243 -4.03 45.73 -18.77
N VAL B 244 -3.97 45.00 -17.66
CA VAL B 244 -2.70 44.68 -17.06
C VAL B 244 -1.86 43.89 -18.06
N ASP B 245 -0.59 44.24 -18.20
CA ASP B 245 0.24 43.63 -19.21
C ASP B 245 0.44 42.15 -18.92
N THR B 246 -0.03 41.30 -19.84
CA THR B 246 -0.14 39.87 -19.63
C THR B 246 0.63 39.10 -20.68
N VAL B 247 1.29 38.03 -20.27
CA VAL B 247 1.81 37.04 -21.20
C VAL B 247 1.11 35.72 -20.92
N VAL B 248 0.94 34.92 -21.96
CA VAL B 248 0.32 33.60 -21.84
C VAL B 248 1.39 32.55 -22.09
N ILE B 249 1.53 31.61 -21.16
CA ILE B 249 2.39 30.44 -21.35
C ILE B 249 1.50 29.22 -21.42
N SER B 250 1.62 28.46 -22.51
CA SER B 250 0.77 27.30 -22.77
C SER B 250 1.60 26.04 -22.70
N GLY B 251 1.26 25.15 -21.77
CA GLY B 251 1.95 23.89 -21.60
C GLY B 251 1.15 22.73 -22.16
N HIS B 252 1.65 21.54 -21.88
CA HIS B 252 0.98 20.32 -22.31
C HIS B 252 -0.42 20.25 -21.70
N GLY B 253 -1.36 19.76 -22.49
CA GLY B 253 -2.74 19.67 -22.03
C GLY B 253 -3.46 20.98 -21.92
N ALA B 254 -2.93 22.07 -22.47
CA ALA B 254 -3.59 23.36 -22.39
C ALA B 254 -4.88 23.36 -23.20
N GLY B 255 -5.85 24.14 -22.72
CA GLY B 255 -7.09 24.35 -23.43
C GLY B 255 -6.95 25.37 -24.54
N VAL B 256 -8.08 25.69 -25.16
CA VAL B 256 -8.17 26.66 -26.25
C VAL B 256 -9.00 27.83 -25.76
N HIS B 257 -8.45 29.04 -25.89
CA HIS B 257 -9.08 30.24 -25.32
C HIS B 257 -9.18 31.33 -26.36
N PRO B 258 -10.35 31.49 -27.00
CA PRO B 258 -10.50 32.57 -28.00
C PRO B 258 -10.36 33.96 -27.40
N ASN B 259 -10.91 34.21 -26.22
CA ASN B 259 -10.85 35.55 -25.64
C ASN B 259 -9.44 35.93 -25.18
N LEU B 260 -8.45 35.07 -25.39
CA LEU B 260 -7.05 35.37 -25.10
C LEU B 260 -6.18 35.38 -26.35
N ALA B 261 -6.79 35.34 -27.54
CA ALA B 261 -6.01 35.15 -28.76
C ALA B 261 -5.11 36.33 -29.07
N ALA B 262 -5.48 37.53 -28.62
CA ALA B 262 -4.66 38.70 -28.93
C ALA B 262 -3.40 38.75 -28.08
N LEU B 263 -3.35 38.01 -26.98
CA LEU B 263 -2.27 38.18 -26.02
C LEU B 263 -0.99 37.50 -26.52
N PRO B 264 0.18 38.08 -26.23
CA PRO B 264 1.44 37.39 -26.54
C PRO B 264 1.51 36.05 -25.82
N THR B 265 1.79 34.99 -26.58
CA THR B 265 1.65 33.63 -26.09
C THR B 265 2.90 32.82 -26.39
N VAL B 266 3.47 32.21 -25.36
CA VAL B 266 4.58 31.27 -25.48
C VAL B 266 3.97 29.87 -25.35
N ALA B 267 3.80 29.18 -26.48
CA ALA B 267 3.10 27.90 -26.52
C ALA B 267 4.06 26.77 -26.83
N GLU B 268 4.06 25.74 -25.98
CA GLU B 268 4.84 24.54 -26.25
C GLU B 268 4.32 23.87 -27.52
N PRO B 269 5.15 23.07 -28.18
CA PRO B 269 4.70 22.40 -29.41
C PRO B 269 3.42 21.59 -29.27
N THR B 270 3.24 20.88 -28.15
CA THR B 270 2.05 20.08 -27.92
C THR B 270 0.83 20.92 -27.56
N ALA B 271 1.01 22.18 -27.20
CA ALA B 271 -0.12 23.01 -26.83
C ALA B 271 -0.96 23.32 -28.05
N PRO B 272 -2.25 23.03 -28.05
CA PRO B 272 -3.09 23.46 -29.17
C PRO B 272 -3.17 24.97 -29.18
N ARG B 273 -2.49 25.59 -30.14
CA ARG B 273 -2.47 27.05 -30.18
CA ARG B 273 -2.46 27.05 -30.20
C ARG B 273 -3.83 27.59 -30.59
N SER B 274 -4.26 28.64 -29.91
CA SER B 274 -5.50 29.32 -30.25
C SER B 274 -5.29 30.79 -30.57
N GLY B 275 -4.17 31.38 -30.15
CA GLY B 275 -3.95 32.78 -30.43
C GLY B 275 -3.36 33.02 -31.80
N ASP B 276 -3.31 34.29 -32.17
CA ASP B 276 -2.67 34.75 -33.39
C ASP B 276 -1.41 35.57 -33.11
N ASN B 277 -0.93 35.57 -31.88
CA ASN B 277 0.11 36.48 -31.43
C ASN B 277 1.19 35.68 -30.72
N PRO B 278 2.07 35.02 -31.46
CA PRO B 278 3.09 34.19 -30.83
C PRO B 278 4.20 35.03 -30.21
N LEU B 279 4.76 34.50 -29.13
CA LEU B 279 5.93 35.08 -28.48
C LEU B 279 6.97 33.98 -28.37
N HIS B 280 8.16 34.27 -28.86
CA HIS B 280 9.19 33.25 -28.90
C HIS B 280 9.74 33.02 -27.49
N PRO B 281 10.05 31.76 -27.14
CA PRO B 281 10.60 31.47 -25.81
C PRO B 281 11.79 32.33 -25.41
N LEU B 282 12.67 32.64 -26.35
CA LEU B 282 13.88 33.40 -26.03
C LEU B 282 13.61 34.88 -25.79
N ALA B 283 12.42 35.37 -26.15
CA ALA B 283 12.06 36.76 -25.90
C ALA B 283 11.49 36.99 -24.50
N LEU B 284 11.11 35.91 -23.82
CA LEU B 284 10.53 36.04 -22.48
C LEU B 284 11.47 36.68 -21.48
N PRO B 285 12.75 36.30 -21.36
CA PRO B 285 13.62 36.94 -20.35
C PRO B 285 13.93 38.39 -20.63
N LEU B 286 13.59 38.90 -21.81
CA LEU B 286 13.77 40.30 -22.16
C LEU B 286 12.48 41.10 -22.01
N LEU B 287 11.45 40.50 -21.43
CA LEU B 287 10.18 41.13 -21.15
C LEU B 287 9.91 41.04 -19.65
N ARG B 288 9.09 41.96 -19.16
CA ARG B 288 8.71 41.99 -17.74
C ARG B 288 7.20 42.12 -17.64
N PRO B 289 6.48 41.01 -17.75
CA PRO B 289 5.02 41.08 -17.69
C PRO B 289 4.54 41.41 -16.29
N GLN B 290 3.39 42.10 -16.23
CA GLN B 290 2.78 42.43 -14.95
C GLN B 290 1.97 41.26 -14.40
N GLN B 291 1.42 40.41 -15.27
CA GLN B 291 0.71 39.22 -14.84
C GLN B 291 0.88 38.14 -15.90
N VAL B 292 0.71 36.89 -15.48
CA VAL B 292 0.89 35.73 -16.35
C VAL B 292 -0.38 34.88 -16.29
N ILE B 293 -0.85 34.45 -17.45
CA ILE B 293 -1.88 33.44 -17.55
C ILE B 293 -1.20 32.14 -17.98
N MET B 294 -1.30 31.12 -17.14
CA MET B 294 -0.62 29.86 -17.39
C MET B 294 -1.65 28.82 -17.80
N LEU B 295 -1.48 28.25 -18.98
CA LEU B 295 -2.43 27.31 -19.55
C LEU B 295 -1.87 25.89 -19.43
N GLY B 296 -2.64 25.00 -18.82
CA GLY B 296 -2.22 23.61 -18.79
C GLY B 296 -1.02 23.42 -17.89
N ARG B 297 -0.09 22.58 -18.33
CA ARG B 297 1.06 22.16 -17.53
C ARG B 297 2.36 22.51 -18.24
N PRO B 298 2.95 23.68 -17.96
CA PRO B 298 4.23 24.02 -18.58
C PRO B 298 5.34 23.13 -18.09
N THR B 299 6.18 22.68 -19.02
CA THR B 299 7.29 21.80 -18.67
C THR B 299 8.59 22.12 -19.38
N LEU B 300 8.58 22.84 -20.49
CA LEU B 300 9.67 22.77 -21.45
C LEU B 300 10.81 23.75 -21.20
N HIS B 301 10.53 25.00 -20.85
CA HIS B 301 11.54 26.05 -20.93
C HIS B 301 12.04 26.49 -19.56
N ARG B 302 13.36 26.62 -19.43
CA ARG B 302 13.96 27.19 -18.23
C ARG B 302 13.52 28.63 -17.97
N PRO B 303 13.53 29.55 -18.94
CA PRO B 303 13.02 30.90 -18.66
C PRO B 303 11.55 30.91 -18.28
N VAL B 304 10.72 30.07 -18.88
CA VAL B 304 9.35 29.90 -18.41
C VAL B 304 9.36 29.50 -16.95
N SER B 305 10.17 28.50 -16.59
CA SER B 305 10.28 28.08 -15.20
C SER B 305 10.82 29.21 -14.33
N VAL B 306 11.81 29.96 -14.81
CA VAL B 306 12.35 31.07 -14.04
C VAL B 306 11.30 32.15 -13.82
N LEU B 307 10.63 32.55 -14.91
CA LEU B 307 9.56 33.53 -14.80
C LEU B 307 8.48 33.07 -13.82
N LEU B 308 8.02 31.83 -13.97
CA LEU B 308 7.03 31.30 -13.05
C LEU B 308 7.58 31.10 -11.65
N ALA B 309 8.90 30.95 -11.51
CA ALA B 309 9.49 30.82 -10.19
C ALA B 309 9.49 32.15 -9.43
N ASP B 310 9.52 33.28 -10.14
CA ASP B 310 9.49 34.58 -9.47
C ASP B 310 8.18 34.74 -8.69
N ALA B 311 8.31 35.04 -7.41
CA ALA B 311 7.16 35.15 -6.53
C ALA B 311 6.46 36.51 -6.63
N GLU B 312 6.94 37.39 -7.51
CA GLU B 312 6.44 38.76 -7.58
C GLU B 312 5.42 38.97 -8.69
N VAL B 313 5.36 38.07 -9.67
CA VAL B 313 4.41 38.19 -10.77
C VAL B 313 3.21 37.29 -10.47
N PRO B 314 2.00 37.83 -10.41
CA PRO B 314 0.81 36.98 -10.19
C PRO B 314 0.55 36.07 -11.39
N VAL B 315 0.26 34.81 -11.09
CA VAL B 315 0.00 33.79 -12.11
C VAL B 315 -1.45 33.35 -11.97
N PHE B 316 -2.15 33.28 -13.10
CA PHE B 316 -3.50 32.71 -13.15
C PHE B 316 -3.43 31.40 -13.90
N ALA B 317 -3.85 30.31 -13.24
CA ALA B 317 -3.75 28.97 -13.79
C ALA B 317 -5.09 28.58 -14.41
N LEU B 318 -5.11 28.44 -15.72
CA LEU B 318 -6.29 28.01 -16.46
C LEU B 318 -6.07 26.59 -16.98
N THR B 319 -6.87 25.65 -16.52
CA THR B 319 -6.67 24.25 -16.86
C THR B 319 -7.96 23.61 -17.33
N THR B 320 -7.79 22.46 -17.95
CA THR B 320 -8.88 21.69 -18.52
C THR B 320 -9.53 20.80 -17.47
N GLY B 321 -8.75 20.32 -16.51
CA GLY B 321 -9.24 19.45 -15.47
C GLY B 321 -8.99 20.00 -14.07
N PRO B 322 -9.31 19.20 -13.06
CA PRO B 322 -9.14 19.66 -11.67
C PRO B 322 -7.70 19.93 -11.28
N ARG B 323 -6.73 19.22 -11.87
CA ARG B 323 -5.33 19.44 -11.54
C ARG B 323 -4.85 20.80 -12.05
N TRP B 324 -3.83 21.35 -11.37
CA TRP B 324 -3.19 22.57 -11.84
C TRP B 324 -1.74 22.54 -11.40
N PRO B 325 -0.84 23.14 -12.17
CA PRO B 325 0.59 22.97 -11.91
C PRO B 325 1.07 23.82 -10.75
N ASP B 326 2.05 23.27 -10.03
CA ASP B 326 2.63 23.95 -8.88
C ASP B 326 3.97 24.59 -9.21
N VAL B 327 4.23 24.86 -10.49
CA VAL B 327 5.49 25.44 -10.91
C VAL B 327 5.67 26.87 -10.42
N SER B 328 4.58 27.54 -10.01
CA SER B 328 4.65 28.92 -9.57
C SER B 328 4.18 29.02 -8.13
N GLY B 329 5.01 29.64 -7.29
CA GLY B 329 4.59 29.88 -5.92
C GLY B 329 3.57 30.98 -5.76
N ASN B 330 3.28 31.71 -6.84
CA ASN B 330 2.37 32.86 -6.73
C ASN B 330 1.20 32.69 -7.69
N SER B 331 0.55 31.53 -7.67
CA SER B 331 -0.68 31.33 -8.41
C SER B 331 -1.82 31.96 -7.62
N GLN B 332 -2.38 33.05 -8.15
CA GLN B 332 -3.46 33.75 -7.47
C GLN B 332 -4.74 32.93 -7.45
N ALA B 333 -5.05 32.28 -8.55
CA ALA B 333 -6.36 31.67 -8.71
C ALA B 333 -6.29 30.62 -9.79
N THR B 334 -7.30 29.76 -9.83
CA THR B 334 -7.44 28.70 -10.82
C THR B 334 -8.76 28.86 -11.55
N GLY B 335 -8.79 28.38 -12.79
CA GLY B 335 -10.03 28.36 -13.55
C GLY B 335 -9.92 27.40 -14.72
N THR B 336 -11.05 27.25 -15.41
CA THR B 336 -11.06 26.58 -16.70
C THR B 336 -11.02 27.55 -17.87
N ARG B 337 -11.53 28.75 -17.67
CA ARG B 337 -11.60 29.76 -18.71
C ARG B 337 -11.50 31.13 -18.04
N ALA B 338 -11.33 32.15 -18.86
CA ALA B 338 -11.20 33.52 -18.38
C ALA B 338 -12.46 34.30 -18.72
N VAL B 339 -12.94 35.09 -17.76
CA VAL B 339 -13.95 36.10 -18.00
C VAL B 339 -13.18 37.42 -18.03
N THR B 340 -12.92 37.93 -19.24
CA THR B 340 -11.97 39.02 -19.41
C THR B 340 -12.61 40.38 -19.18
N THR B 341 -11.78 41.32 -18.74
CA THR B 341 -12.15 42.72 -18.62
C THR B 341 -11.01 43.53 -19.22
N GLY B 342 -11.34 44.52 -20.05
CA GLY B 342 -10.32 45.35 -20.66
C GLY B 342 -9.65 44.70 -21.85
N ALA B 343 -8.60 45.34 -22.32
CA ALA B 343 -7.86 44.91 -23.50
C ALA B 343 -6.38 45.18 -23.30
N PRO B 344 -5.50 44.38 -23.91
CA PRO B 344 -4.07 44.60 -23.71
C PRO B 344 -3.62 45.94 -24.28
N ARG B 345 -2.70 46.57 -23.59
CA ARG B 345 -2.27 47.91 -23.96
C ARG B 345 -1.46 47.88 -25.26
N PRO B 346 -1.67 48.85 -26.15
CA PRO B 346 -0.95 48.84 -27.44
C PRO B 346 0.57 48.86 -27.30
N ALA B 347 1.10 49.60 -26.32
CA ALA B 347 2.55 49.64 -26.13
C ALA B 347 3.08 48.27 -25.71
N TRP B 348 2.29 47.52 -24.93
CA TRP B 348 2.71 46.21 -24.48
C TRP B 348 2.78 45.22 -25.64
N LEU B 349 1.81 45.27 -26.55
CA LEU B 349 1.86 44.38 -27.71
C LEU B 349 3.03 44.69 -28.62
N ASP B 350 3.42 45.96 -28.72
CA ASP B 350 4.54 46.34 -29.58
C ASP B 350 5.85 45.77 -29.07
N ARG B 351 6.11 45.89 -27.77
CA ARG B 351 7.34 45.34 -27.20
C ARG B 351 7.44 43.84 -27.46
N CYS B 352 6.39 43.09 -27.10
CA CYS B 352 6.40 41.65 -27.30
C CYS B 352 6.59 41.29 -28.77
N ALA B 353 5.81 41.92 -29.65
CA ALA B 353 6.01 41.72 -31.08
C ALA B 353 7.44 42.05 -31.48
N ALA B 354 8.02 43.10 -30.90
CA ALA B 354 9.37 43.49 -31.28
C ALA B 354 10.41 42.47 -30.82
N MET B 355 10.32 42.01 -29.56
CA MET B 355 11.28 41.03 -29.08
C MET B 355 11.07 39.67 -29.76
N ASN B 356 9.82 39.37 -30.10
CA ASN B 356 9.53 38.15 -30.84
C ASN B 356 10.25 38.13 -32.18
N ARG B 357 10.24 39.26 -32.91
CA ARG B 357 10.95 39.32 -34.18
C ARG B 357 12.45 39.09 -33.97
N HIS B 358 13.03 39.71 -32.94
CA HIS B 358 14.46 39.54 -32.68
C HIS B 358 14.82 38.07 -32.48
N ALA B 359 14.02 37.36 -31.69
CA ALA B 359 14.32 35.97 -31.39
C ALA B 359 14.23 35.11 -32.65
N ILE B 360 13.17 35.28 -33.43
CA ILE B 360 13.03 34.54 -34.68
C ILE B 360 14.21 34.84 -35.60
N ALA B 361 14.54 36.12 -35.75
CA ALA B 361 15.66 36.51 -36.61
C ALA B 361 16.97 35.94 -36.10
N ALA B 362 17.21 36.02 -34.79
CA ALA B 362 18.46 35.52 -34.22
C ALA B 362 18.64 34.04 -34.52
N VAL B 363 17.58 33.26 -34.28
CA VAL B 363 17.64 31.83 -34.58
C VAL B 363 17.87 31.60 -36.07
N ARG B 364 17.14 32.33 -36.91
CA ARG B 364 17.21 32.10 -38.35
C ARG B 364 18.56 32.53 -38.91
N GLU B 365 19.03 33.71 -38.52
CA GLU B 365 20.33 34.18 -39.00
C GLU B 365 21.47 33.29 -38.52
N GLN B 366 21.46 32.90 -37.24
CA GLN B 366 22.58 32.13 -36.70
C GLN B 366 22.59 30.69 -37.19
N LEU B 367 21.42 30.10 -37.45
CA LEU B 367 21.41 28.81 -38.12
C LEU B 367 22.02 28.91 -39.52
N ALA B 368 21.69 29.98 -40.24
CA ALA B 368 22.21 30.12 -41.60
C ALA B 368 23.72 30.29 -41.61
N ALA B 369 24.28 30.91 -40.58
CA ALA B 369 25.71 31.15 -40.52
C ALA B 369 26.48 30.01 -39.89
N HIS B 370 25.81 28.95 -39.46
CA HIS B 370 26.58 27.95 -38.73
C HIS B 370 27.19 26.95 -39.70
N PRO B 371 28.46 26.60 -39.52
CA PRO B 371 29.14 25.76 -40.53
C PRO B 371 28.66 24.32 -40.54
N LEU B 372 28.10 23.82 -39.44
CA LEU B 372 27.83 22.40 -39.30
C LEU B 372 26.34 22.16 -39.08
N THR B 373 25.82 21.12 -39.71
CA THR B 373 24.46 20.67 -39.44
C THR B 373 24.35 20.19 -38.00
N THR B 374 23.42 20.76 -37.25
CA THR B 374 23.14 20.33 -35.89
C THR B 374 21.69 19.88 -35.78
N GLY B 375 21.34 19.36 -34.60
CA GLY B 375 19.98 18.94 -34.34
C GLY B 375 18.99 20.09 -34.47
N LEU B 376 19.43 21.31 -34.18
CA LEU B 376 18.57 22.47 -34.38
C LEU B 376 18.31 22.71 -35.86
N HIS B 377 19.30 22.43 -36.71
CA HIS B 377 19.10 22.52 -38.15
C HIS B 377 18.10 21.46 -38.61
N VAL B 378 18.20 20.26 -38.06
CA VAL B 378 17.28 19.18 -38.43
C VAL B 378 15.86 19.54 -38.00
N ALA B 379 15.73 20.20 -36.84
CA ALA B 379 14.41 20.59 -36.34
C ALA B 379 13.77 21.64 -37.25
N ALA B 380 14.54 22.66 -37.63
CA ALA B 380 14.00 23.67 -38.53
C ALA B 380 13.61 23.08 -39.88
N ALA B 381 14.40 22.13 -40.39
CA ALA B 381 14.06 21.48 -41.64
C ALA B 381 12.75 20.72 -41.53
N VAL B 382 12.61 19.91 -40.48
CA VAL B 382 11.37 19.18 -40.25
C VAL B 382 10.22 20.14 -40.04
N SER B 383 10.44 21.21 -39.28
CA SER B 383 9.38 22.18 -39.06
C SER B 383 8.96 22.85 -40.37
N HIS B 384 9.94 23.14 -41.23
CA HIS B 384 9.65 23.83 -42.47
C HIS B 384 8.87 22.95 -43.45
N ALA B 385 8.97 21.63 -43.30
CA ALA B 385 8.39 20.71 -44.26
C ALA B 385 6.96 20.29 -43.92
N LEU B 386 6.49 20.56 -42.72
CA LEU B 386 5.15 20.12 -42.35
C LEU B 386 4.10 20.88 -43.15
N ARG B 387 2.95 20.26 -43.33
CA ARG B 387 1.82 20.89 -43.99
C ARG B 387 0.55 20.55 -43.23
N PRO B 388 -0.51 21.34 -43.40
CA PRO B 388 -1.75 21.09 -42.66
C PRO B 388 -2.23 19.65 -42.79
N GLY B 389 -2.73 19.12 -41.68
CA GLY B 389 -3.15 17.74 -41.62
C GLY B 389 -2.08 16.77 -41.18
N ASP B 390 -0.83 17.21 -41.08
CA ASP B 390 0.23 16.34 -40.61
C ASP B 390 0.13 16.12 -39.11
N GLN B 391 0.72 15.02 -38.66
CA GLN B 391 0.89 14.74 -37.24
C GLN B 391 2.39 14.68 -36.95
N LEU B 392 2.81 15.36 -35.89
CA LEU B 392 4.21 15.46 -35.51
C LEU B 392 4.40 14.85 -34.13
N VAL B 393 5.33 13.89 -34.02
CA VAL B 393 5.68 13.26 -32.75
C VAL B 393 7.09 13.69 -32.39
N LEU B 394 7.24 14.32 -31.23
CA LEU B 394 8.52 14.87 -30.82
C LEU B 394 9.09 14.04 -29.68
N GLY B 395 10.32 13.54 -29.86
CA GLY B 395 11.02 12.92 -28.76
C GLY B 395 11.47 13.94 -27.74
N ALA B 396 11.74 13.46 -26.53
CA ALA B 396 12.21 14.32 -25.46
C ALA B 396 13.65 14.75 -25.76
N SER B 397 14.26 15.46 -24.81
CA SER B 397 15.57 16.06 -24.96
C SER B 397 15.52 17.20 -25.97
N ASN B 398 16.53 17.30 -26.83
CA ASN B 398 16.65 18.45 -27.72
C ASN B 398 15.57 18.57 -28.78
N PRO B 399 15.10 17.47 -29.39
CA PRO B 399 14.08 17.64 -30.46
C PRO B 399 12.89 18.50 -30.08
N VAL B 400 12.25 18.25 -28.93
CA VAL B 400 11.03 19.00 -28.60
C VAL B 400 11.38 20.45 -28.28
N ARG B 401 12.52 20.67 -27.61
CA ARG B 401 12.95 22.03 -27.35
C ARG B 401 13.38 22.75 -28.63
N ASP B 402 14.10 22.05 -29.51
CA ASP B 402 14.60 22.66 -30.73
C ASP B 402 13.45 23.10 -31.64
N VAL B 403 12.39 22.30 -31.72
CA VAL B 403 11.29 22.63 -32.60
C VAL B 403 10.57 23.89 -32.10
N ALA B 404 10.51 24.09 -30.79
CA ALA B 404 10.01 25.35 -30.27
C ALA B 404 10.97 26.49 -30.57
N LEU B 405 12.28 26.23 -30.53
CA LEU B 405 13.26 27.25 -30.88
C LEU B 405 13.16 27.64 -32.35
N ALA B 406 13.05 26.64 -33.23
CA ALA B 406 13.00 26.90 -34.66
C ALA B 406 11.68 27.48 -35.10
N GLY B 407 10.75 27.73 -34.18
CA GLY B 407 9.43 28.18 -34.55
C GLY B 407 8.62 27.05 -35.17
N LEU B 408 7.32 27.05 -34.90
CA LEU B 408 6.43 26.09 -35.52
C LEU B 408 5.12 26.79 -35.83
N ASP B 409 4.38 26.22 -36.77
CA ASP B 409 3.08 26.75 -37.17
C ASP B 409 2.05 25.68 -36.84
N THR B 410 1.66 25.61 -35.56
CA THR B 410 0.81 24.51 -35.12
C THR B 410 -0.58 24.54 -35.73
N ARG B 411 -0.96 25.60 -36.44
CA ARG B 411 -2.28 25.60 -37.08
C ARG B 411 -2.32 24.54 -38.17
N GLY B 412 -3.27 23.62 -38.06
CA GLY B 412 -3.42 22.52 -38.99
C GLY B 412 -2.74 21.23 -38.60
N ILE B 413 -1.87 21.23 -37.60
CA ILE B 413 -1.13 20.03 -37.24
C ILE B 413 -1.43 19.63 -35.80
N ARG B 414 -1.24 18.34 -35.54
CA ARG B 414 -1.30 17.76 -34.22
C ARG B 414 0.11 17.41 -33.78
N VAL B 415 0.49 17.88 -32.60
CA VAL B 415 1.84 17.69 -32.09
C VAL B 415 1.71 16.87 -30.82
N ARG B 416 2.39 15.73 -30.80
CA ARG B 416 2.35 14.81 -29.68
C ARG B 416 3.75 14.66 -29.10
N SER B 417 3.81 14.60 -27.78
CA SER B 417 5.06 14.29 -27.09
C SER B 417 4.71 13.75 -25.72
N ASN B 418 5.54 12.83 -25.24
CA ASN B 418 5.34 12.24 -23.91
C ASN B 418 5.84 13.21 -22.84
N ARG B 419 5.05 14.25 -22.61
CA ARG B 419 5.42 15.35 -21.73
C ARG B 419 5.06 15.11 -20.26
N GLY B 420 4.55 13.93 -19.91
CA GLY B 420 4.19 13.63 -18.53
C GLY B 420 5.40 13.65 -17.62
N VAL B 421 6.37 12.79 -17.91
CA VAL B 421 7.65 12.79 -17.22
C VAL B 421 8.82 13.01 -18.17
N ALA B 422 8.56 13.15 -19.47
CA ALA B 422 9.57 13.53 -20.45
C ALA B 422 10.73 12.54 -20.48
N GLY B 423 10.42 11.25 -20.41
CA GLY B 423 11.44 10.24 -20.55
C GLY B 423 11.69 9.85 -21.99
N ILE B 424 12.75 9.07 -22.20
CA ILE B 424 13.06 8.58 -23.55
C ILE B 424 12.51 7.19 -23.79
N ASP B 425 12.04 6.51 -22.75
CA ASP B 425 11.42 5.21 -22.89
C ASP B 425 10.25 5.25 -23.86
N GLY B 426 10.21 4.28 -24.78
CA GLY B 426 9.00 4.06 -25.55
C GLY B 426 8.67 5.13 -26.56
N THR B 427 9.63 5.96 -26.96
CA THR B 427 9.30 7.06 -27.86
C THR B 427 9.02 6.55 -29.26
N VAL B 428 9.74 5.52 -29.69
CA VAL B 428 9.48 4.94 -31.01
C VAL B 428 8.10 4.30 -31.05
N SER B 429 7.77 3.50 -30.03
CA SER B 429 6.46 2.87 -29.95
C SER B 429 5.34 3.90 -29.87
N THR B 430 5.56 4.99 -29.14
CA THR B 430 4.57 6.05 -29.06
C THR B 430 4.29 6.67 -30.43
N ALA B 431 5.36 6.88 -31.23
CA ALA B 431 5.18 7.42 -32.57
C ALA B 431 4.40 6.46 -33.46
N ILE B 432 4.73 5.17 -33.39
CA ILE B 432 4.01 4.16 -34.18
C ILE B 432 2.54 4.11 -33.78
N GLY B 433 2.27 4.10 -32.47
CA GLY B 433 0.89 4.07 -32.00
C GLY B 433 0.11 5.30 -32.40
N ALA B 434 0.72 6.49 -32.28
CA ALA B 434 0.04 7.72 -32.67
C ALA B 434 -0.28 7.72 -34.15
N ALA B 435 0.66 7.25 -34.97
CA ALA B 435 0.43 7.22 -36.42
C ALA B 435 -0.70 6.27 -36.77
N LEU B 436 -0.73 5.09 -36.14
CA LEU B 436 -1.77 4.12 -36.44
C LEU B 436 -3.16 4.62 -36.06
N ALA B 437 -3.27 5.35 -34.95
CA ALA B 437 -4.58 5.82 -34.51
C ALA B 437 -5.01 7.09 -35.23
N TYR B 438 -4.05 7.93 -35.59
CA TYR B 438 -4.35 9.09 -36.42
C TYR B 438 -4.85 8.65 -37.80
N GLU B 439 -4.27 7.59 -38.34
CA GLU B 439 -4.71 7.07 -39.63
C GLU B 439 -6.11 6.45 -39.54
N GLY B 440 -6.41 5.76 -38.45
CA GLY B 440 -7.74 5.20 -38.28
C GLY B 440 -8.83 6.25 -38.24
N ALA B 441 -8.59 7.33 -37.49
CA ALA B 441 -9.59 8.40 -37.41
C ALA B 441 -9.76 9.09 -38.75
N HIS B 442 -8.65 9.33 -39.46
CA HIS B 442 -8.74 9.99 -40.76
C HIS B 442 -9.53 9.16 -41.76
N GLU B 443 -9.29 7.85 -41.78
CA GLU B 443 -10.05 6.96 -42.65
C GLU B 443 -11.55 7.04 -42.35
N ARG B 444 -11.89 7.05 -41.06
CA ARG B 444 -13.28 6.95 -40.61
C ARG B 444 -14.13 8.12 -41.07
N THR B 445 -13.53 9.22 -41.51
CA THR B 445 -14.30 10.39 -41.94
C THR B 445 -14.74 10.27 -43.40
N PRO B 451 -4.54 9.72 -46.93
CA PRO B 451 -4.07 9.52 -45.56
C PRO B 451 -3.09 10.61 -45.09
N PRO B 452 -3.11 10.90 -43.78
CA PRO B 452 -2.24 11.96 -43.26
C PRO B 452 -0.84 11.44 -42.99
N ARG B 453 0.12 12.35 -43.09
CA ARG B 453 1.50 12.05 -42.74
C ARG B 453 1.68 12.10 -41.23
N THR B 454 2.52 11.21 -40.71
CA THR B 454 3.02 11.31 -39.35
C THR B 454 4.54 11.37 -39.43
N ILE B 455 5.12 12.44 -38.91
CA ILE B 455 6.56 12.65 -38.90
C ILE B 455 7.01 12.73 -37.44
N ALA B 456 7.98 11.91 -37.08
CA ALA B 456 8.53 11.93 -35.74
C ALA B 456 9.97 12.42 -35.78
N LEU B 457 10.31 13.34 -34.88
CA LEU B 457 11.68 13.80 -34.71
C LEU B 457 12.21 13.27 -33.38
N ILE B 458 13.21 12.40 -33.43
CA ILE B 458 13.72 11.70 -32.26
C ILE B 458 15.25 11.72 -32.30
N GLY B 459 15.87 11.98 -31.15
CA GLY B 459 17.31 11.98 -31.07
C GLY B 459 17.87 10.57 -31.13
N ASP B 460 19.20 10.47 -31.25
CA ASP B 460 19.81 9.17 -31.52
C ASP B 460 19.86 8.27 -30.28
N LEU B 461 20.10 8.82 -29.09
CA LEU B 461 20.04 8.00 -27.89
C LEU B 461 18.63 7.51 -27.62
N THR B 462 17.64 8.39 -27.77
CA THR B 462 16.25 7.99 -27.63
C THR B 462 15.89 6.88 -28.62
N PHE B 463 16.34 7.00 -29.87
CA PHE B 463 16.01 5.99 -30.87
C PHE B 463 16.67 4.65 -30.53
N VAL B 464 17.95 4.67 -30.19
CA VAL B 464 18.63 3.45 -29.79
C VAL B 464 17.92 2.82 -28.61
N HIS B 465 17.53 3.63 -27.63
CA HIS B 465 16.92 3.12 -26.42
C HIS B 465 15.64 2.35 -26.70
N ASP B 466 14.76 2.90 -27.54
CA ASP B 466 13.51 2.25 -27.88
C ASP B 466 13.52 1.69 -29.30
N SER B 467 14.69 1.27 -29.79
CA SER B 467 14.75 0.71 -31.14
C SER B 467 13.89 -0.55 -31.26
N SER B 468 13.79 -1.35 -30.19
CA SER B 468 12.92 -2.50 -30.22
C SER B 468 11.44 -2.15 -30.35
N GLY B 469 11.06 -0.89 -30.11
CA GLY B 469 9.71 -0.46 -30.45
C GLY B 469 9.41 -0.53 -31.93
N LEU B 470 10.44 -0.56 -32.78
CA LEU B 470 10.26 -0.75 -34.21
C LEU B 470 9.70 -2.11 -34.57
N LEU B 471 9.89 -3.10 -33.71
CA LEU B 471 9.49 -4.47 -34.01
C LEU B 471 7.98 -4.57 -34.15
N ILE B 472 7.52 -4.97 -35.33
CA ILE B 472 6.11 -5.19 -35.59
C ILE B 472 5.98 -6.55 -36.25
N GLY B 473 5.18 -7.42 -35.67
CA GLY B 473 4.96 -8.73 -36.23
C GLY B 473 4.44 -8.62 -37.64
N PRO B 474 4.79 -9.59 -38.47
CA PRO B 474 4.27 -9.61 -39.85
C PRO B 474 2.76 -9.51 -39.92
N THR B 475 2.05 -10.17 -39.00
CA THR B 475 0.60 -10.10 -38.95
C THR B 475 0.04 -8.84 -38.30
N GLU B 476 0.89 -7.91 -37.89
CA GLU B 476 0.41 -6.81 -37.07
C GLU B 476 0.26 -5.53 -37.87
N PRO B 477 -0.59 -4.61 -37.40
CA PRO B 477 -0.80 -3.36 -38.12
C PRO B 477 0.47 -2.53 -38.21
N ILE B 478 0.69 -1.92 -39.37
CA ILE B 478 1.86 -1.11 -39.63
C ILE B 478 1.38 0.25 -40.13
N PRO B 479 1.95 1.35 -39.62
CA PRO B 479 1.51 2.67 -40.07
C PRO B 479 1.59 2.82 -41.58
N ARG B 480 0.54 3.43 -42.15
CA ARG B 480 0.51 3.65 -43.60
C ARG B 480 1.50 4.74 -44.01
N SER B 481 1.78 5.69 -43.12
CA SER B 481 2.60 6.83 -43.51
C SER B 481 3.31 7.45 -42.33
N LEU B 482 4.28 6.74 -41.75
CA LEU B 482 5.07 7.23 -40.63
C LEU B 482 6.53 7.28 -41.04
N THR B 483 7.11 8.46 -41.00
CA THR B 483 8.55 8.63 -41.18
C THR B 483 9.15 9.06 -39.86
N ILE B 484 10.11 8.28 -39.38
CA ILE B 484 10.84 8.61 -38.16
C ILE B 484 12.15 9.25 -38.57
N VAL B 485 12.30 10.54 -38.27
CA VAL B 485 13.55 11.25 -38.54
C VAL B 485 14.41 11.17 -37.29
N VAL B 486 15.62 10.66 -37.45
CA VAL B 486 16.57 10.51 -36.34
C VAL B 486 17.70 11.48 -36.57
N SER B 487 17.75 12.54 -35.76
CA SER B 487 18.89 13.44 -35.76
C SER B 487 19.97 12.83 -34.87
N ASN B 488 21.10 12.48 -35.47
CA ASN B 488 22.12 11.65 -34.81
C ASN B 488 23.40 12.46 -34.65
N ASP B 489 23.64 13.00 -33.45
CA ASP B 489 24.93 13.58 -33.09
C ASP B 489 25.73 12.64 -32.21
N ASN B 490 25.47 11.34 -32.32
CA ASN B 490 26.23 10.29 -31.66
C ASN B 490 26.39 10.57 -30.16
N GLY B 491 25.27 10.84 -29.52
CA GLY B 491 25.26 10.96 -28.07
C GLY B 491 24.27 12.00 -27.63
N GLY B 492 24.53 12.57 -26.47
CA GLY B 492 23.63 13.52 -25.86
C GLY B 492 23.90 14.97 -26.23
N GLY B 493 22.91 15.63 -26.81
CA GLY B 493 23.00 17.06 -27.02
C GLY B 493 23.21 17.83 -25.73
N ILE B 494 22.73 17.27 -24.61
CA ILE B 494 22.91 17.75 -23.23
C ILE B 494 22.54 19.22 -23.04
N VAL B 508 29.22 11.34 -12.46
CA VAL B 508 29.98 10.13 -12.75
C VAL B 508 29.19 9.31 -13.70
N SER B 509 27.89 9.26 -13.42
CA SER B 509 27.01 8.47 -14.25
C SER B 509 27.00 8.97 -15.67
N SER B 510 27.39 10.22 -15.90
CA SER B 510 27.43 10.84 -17.21
C SER B 510 28.72 10.56 -17.97
N ARG B 511 29.63 9.77 -17.41
CA ARG B 511 30.72 9.23 -18.23
C ARG B 511 30.17 8.43 -19.39
N ILE B 512 28.94 7.94 -19.26
CA ILE B 512 28.25 7.23 -20.34
C ILE B 512 28.05 8.15 -21.54
N PHE B 513 27.81 9.44 -21.31
CA PHE B 513 27.63 10.41 -22.37
C PHE B 513 28.91 11.15 -22.72
N GLY B 514 30.03 10.78 -22.11
CA GLY B 514 31.30 11.42 -22.39
C GLY B 514 32.01 10.87 -23.60
N THR B 515 31.35 10.05 -24.41
CA THR B 515 31.99 9.43 -25.56
C THR B 515 30.92 9.02 -26.56
N PRO B 516 31.13 9.25 -27.85
CA PRO B 516 30.15 8.79 -28.86
C PRO B 516 29.85 7.31 -28.69
N HIS B 517 28.56 6.96 -28.74
CA HIS B 517 28.17 5.58 -28.52
C HIS B 517 28.48 4.72 -29.74
N ASP B 518 28.48 5.33 -30.93
CA ASP B 518 28.83 4.65 -32.18
C ASP B 518 27.89 3.48 -32.49
N VAL B 519 26.65 3.55 -32.05
CA VAL B 519 25.67 2.52 -32.39
C VAL B 519 25.19 2.76 -33.81
N ASP B 520 25.10 1.67 -34.59
CA ASP B 520 24.77 1.73 -36.00
C ASP B 520 23.26 1.82 -36.19
N VAL B 521 22.77 2.97 -36.61
CA VAL B 521 21.33 3.17 -36.73
C VAL B 521 20.76 2.33 -37.86
N GLY B 522 21.46 2.26 -38.99
CA GLY B 522 20.96 1.45 -40.10
C GLY B 522 20.94 -0.03 -39.78
N ALA B 523 21.93 -0.50 -39.02
CA ALA B 523 21.94 -1.89 -38.59
C ALA B 523 20.75 -2.18 -37.67
N LEU B 524 20.42 -1.24 -36.78
CA LEU B 524 19.25 -1.41 -35.93
C LEU B 524 17.98 -1.54 -36.77
N CYS B 525 17.82 -0.67 -37.76
CA CYS B 525 16.63 -0.74 -38.60
C CYS B 525 16.61 -2.04 -39.39
N ARG B 526 17.78 -2.52 -39.79
CA ARG B 526 17.88 -3.83 -40.44
C ARG B 526 17.39 -4.93 -39.52
N ALA B 527 17.82 -4.90 -38.25
CA ALA B 527 17.44 -5.94 -37.29
C ALA B 527 15.93 -6.07 -37.18
N TYR B 528 15.20 -4.95 -37.29
CA TYR B 528 13.75 -4.96 -37.20
C TYR B 528 13.09 -4.79 -38.56
N HIS B 529 13.80 -5.14 -39.63
N HIS B 529 13.83 -5.09 -39.62
CA HIS B 529 13.27 -5.15 -41.00
CA HIS B 529 13.33 -5.12 -41.00
C HIS B 529 12.47 -3.89 -41.32
C HIS B 529 12.49 -3.90 -41.33
N VAL B 530 13.06 -2.74 -41.05
CA VAL B 530 12.44 -1.44 -41.31
C VAL B 530 13.31 -0.68 -42.30
N GLU B 531 12.68 -0.09 -43.32
CA GLU B 531 13.39 0.69 -44.31
C GLU B 531 14.03 1.92 -43.65
N SER B 532 15.29 2.19 -44.02
CA SER B 532 16.02 3.32 -43.45
C SER B 532 17.08 3.81 -44.42
N ARG B 533 17.23 5.13 -44.53
CA ARG B 533 18.32 5.68 -45.30
CA ARG B 533 18.26 5.75 -45.36
C ARG B 533 18.94 6.86 -44.57
N GLN B 534 20.23 7.07 -44.85
CA GLN B 534 21.02 8.15 -44.30
C GLN B 534 21.02 9.28 -45.32
N ILE B 535 20.63 10.49 -44.90
CA ILE B 535 20.51 11.62 -45.81
C ILE B 535 21.06 12.88 -45.14
N GLU B 536 21.14 13.93 -45.95
CA GLU B 536 21.57 15.26 -45.53
C GLU B 536 20.35 16.12 -45.27
N VAL B 537 20.56 17.18 -44.47
CA VAL B 537 19.41 17.98 -44.03
C VAL B 537 18.76 18.69 -45.19
N ASP B 538 19.53 19.05 -46.22
CA ASP B 538 18.95 19.73 -47.37
C ASP B 538 18.01 18.82 -48.14
N GLU B 539 18.30 17.51 -48.15
CA GLU B 539 17.45 16.54 -48.82
C GLU B 539 16.16 16.25 -48.07
N LEU B 540 16.00 16.81 -46.85
CA LEU B 540 15.00 16.29 -45.92
C LEU B 540 13.59 16.64 -46.37
N GLY B 541 13.34 17.90 -46.67
CA GLY B 541 12.05 18.35 -47.18
C GLY B 541 11.58 17.55 -48.39
N PRO B 542 12.45 17.41 -49.40
CA PRO B 542 12.05 16.58 -50.56
C PRO B 542 11.75 15.14 -50.21
N THR B 543 12.62 14.50 -49.42
CA THR B 543 12.44 13.08 -49.11
C THR B 543 11.15 12.83 -48.35
N LEU B 544 10.82 13.70 -47.39
CA LEU B 544 9.56 13.58 -46.66
C LEU B 544 8.37 13.59 -47.62
N ASP B 545 8.45 14.36 -48.69
CA ASP B 545 7.30 14.60 -49.55
C ASP B 545 6.90 13.38 -50.39
N GLN B 546 7.76 12.38 -50.51
CA GLN B 546 7.44 11.23 -51.34
C GLN B 546 6.97 10.07 -50.47
N PRO B 547 5.75 9.57 -50.63
CA PRO B 547 5.30 8.43 -49.82
C PRO B 547 6.08 7.18 -50.21
N GLY B 548 6.89 6.68 -49.28
CA GLY B 548 7.66 5.47 -49.54
C GLY B 548 7.07 4.28 -48.82
N ALA B 549 7.91 3.48 -48.17
CA ALA B 549 7.40 2.45 -47.29
C ALA B 549 6.56 3.08 -46.19
N GLY B 550 5.53 2.35 -45.75
CA GLY B 550 4.61 2.88 -44.75
C GLY B 550 5.33 3.38 -43.52
N MET B 551 6.29 2.61 -43.03
CA MET B 551 7.14 3.00 -41.91
C MET B 551 8.59 3.00 -42.38
N ARG B 552 9.28 4.12 -42.17
CA ARG B 552 10.66 4.25 -42.63
C ARG B 552 11.43 5.16 -41.69
N VAL B 553 12.75 5.05 -41.72
CA VAL B 553 13.65 5.81 -40.85
C VAL B 553 14.61 6.61 -41.72
N LEU B 554 14.59 7.94 -41.59
CA LEU B 554 15.55 8.80 -42.25
C LEU B 554 16.54 9.31 -41.21
N GLU B 555 17.79 8.88 -41.30
CA GLU B 555 18.82 9.24 -40.34
C GLU B 555 19.63 10.42 -40.87
N VAL B 556 19.66 11.51 -40.12
CA VAL B 556 20.44 12.69 -40.48
C VAL B 556 21.63 12.78 -39.53
N LYS B 557 22.84 12.79 -40.09
CA LYS B 557 24.02 12.99 -39.27
C LYS B 557 24.11 14.45 -38.84
N ALA B 558 24.54 14.65 -37.59
CA ALA B 558 24.57 15.99 -37.01
C ALA B 558 25.73 16.06 -36.03
N ASP B 559 26.13 17.28 -35.73
CA ASP B 559 27.24 17.57 -34.83
C ASP B 559 26.72 18.15 -33.52
N ARG B 560 27.27 17.69 -32.41
CA ARG B 560 26.97 18.29 -31.12
C ARG B 560 28.15 19.05 -30.53
N SER B 561 29.34 18.92 -31.09
CA SER B 561 30.51 19.60 -30.55
C SER B 561 30.43 21.11 -30.72
N SER B 562 29.68 21.60 -31.72
CA SER B 562 29.54 23.03 -31.95
C SER B 562 28.23 23.58 -31.40
N LEU B 563 27.48 22.78 -30.65
CA LEU B 563 26.13 23.17 -30.26
C LEU B 563 26.14 24.35 -29.30
N ARG B 564 27.05 24.35 -28.31
CA ARG B 564 27.11 25.46 -27.37
C ARG B 564 27.44 26.76 -28.07
N GLN B 565 28.32 26.71 -29.08
CA GLN B 565 28.62 27.91 -29.86
C GLN B 565 27.39 28.40 -30.60
N LEU B 566 26.65 27.49 -31.22
CA LEU B 566 25.45 27.88 -31.94
C LEU B 566 24.45 28.54 -31.01
N HIS B 567 24.21 27.95 -29.85
CA HIS B 567 23.23 28.50 -28.93
C HIS B 567 23.74 29.82 -28.33
N ALA B 568 25.01 29.87 -27.96
CA ALA B 568 25.57 31.12 -27.46
C ALA B 568 25.45 32.22 -28.50
N ALA B 569 25.73 31.90 -29.77
CA ALA B 569 25.60 32.90 -30.83
C ALA B 569 24.16 33.38 -30.97
N ILE B 570 23.20 32.47 -30.76
CA ILE B 570 21.79 32.87 -30.79
C ILE B 570 21.47 33.79 -29.62
N LYS B 571 21.98 33.47 -28.42
CA LYS B 571 21.76 34.33 -27.26
C LYS B 571 22.31 35.74 -27.50
N ALA B 572 23.53 35.83 -28.04
CA ALA B 572 24.16 37.13 -28.20
C ALA B 572 23.52 37.93 -29.32
N ALA B 573 22.92 37.25 -30.31
CA ALA B 573 22.25 37.95 -31.38
C ALA B 573 20.90 38.52 -30.96
N LEU B 574 20.44 38.20 -29.76
CA LEU B 574 19.19 38.73 -29.24
C LEU B 574 19.31 40.21 -28.96
N ASN C 22 30.95 20.60 4.44
CA ASN C 22 29.76 19.78 4.16
C ASN C 22 29.76 18.49 4.95
N PRO C 23 28.73 18.28 5.77
CA PRO C 23 28.67 17.04 6.54
C PRO C 23 28.22 15.84 5.72
N SER C 24 27.58 16.06 4.57
CA SER C 24 26.99 14.96 3.82
C SER C 24 28.06 14.11 3.13
N THR C 25 29.12 14.74 2.62
CA THR C 25 30.16 13.97 1.95
C THR C 25 30.81 12.99 2.92
N THR C 26 31.07 13.43 4.14
CA THR C 26 31.54 12.51 5.18
C THR C 26 30.57 11.33 5.30
N GLN C 27 29.30 11.63 5.55
CA GLN C 27 28.26 10.61 5.62
C GLN C 27 28.30 9.68 4.40
N ALA C 28 28.33 10.26 3.20
CA ALA C 28 28.34 9.46 1.98
C ALA C 28 29.55 8.54 1.95
N ARG C 29 30.73 9.04 2.33
CA ARG C 29 31.91 8.19 2.31
C ARG C 29 31.86 7.14 3.41
N VAL C 30 31.24 7.46 4.54
CA VAL C 30 31.12 6.46 5.61
C VAL C 30 30.21 5.33 5.16
N VAL C 31 29.08 5.66 4.56
CA VAL C 31 28.14 4.65 4.08
C VAL C 31 28.83 3.74 3.07
N VAL C 32 29.46 4.33 2.07
CA VAL C 32 30.14 3.54 1.04
C VAL C 32 31.21 2.65 1.66
N ASP C 33 31.97 3.19 2.61
CA ASP C 33 32.99 2.39 3.28
C ASP C 33 32.38 1.19 4.00
N GLU C 34 31.25 1.40 4.69
CA GLU C 34 30.59 0.28 5.37
C GLU C 34 29.99 -0.70 4.38
N LEU C 35 29.40 -0.19 3.28
CA LEU C 35 28.92 -1.06 2.21
C LEU C 35 30.04 -1.98 1.70
N ILE C 36 31.22 -1.43 1.46
CA ILE C 36 32.35 -2.23 0.99
C ILE C 36 32.75 -3.25 2.06
N ARG C 37 32.85 -2.81 3.33
CA ARG C 37 33.13 -3.73 4.42
C ARG C 37 32.11 -4.86 4.49
N GLY C 38 30.90 -4.63 3.99
CA GLY C 38 29.84 -5.60 4.03
C GLY C 38 29.74 -6.51 2.82
N GLY C 39 30.74 -6.53 1.94
CA GLY C 39 30.75 -7.42 0.81
C GLY C 39 30.19 -6.89 -0.50
N VAL C 40 29.86 -5.61 -0.56
CA VAL C 40 29.37 -5.03 -1.82
C VAL C 40 30.57 -4.75 -2.73
N ARG C 41 30.64 -5.47 -3.85
CA ARG C 41 31.71 -5.29 -4.82
C ARG C 41 31.29 -4.48 -6.03
N ASP C 42 30.00 -4.47 -6.36
CA ASP C 42 29.53 -3.87 -7.59
C ASP C 42 28.33 -2.98 -7.29
N VAL C 43 28.25 -1.84 -7.98
CA VAL C 43 27.15 -0.90 -7.85
C VAL C 43 26.75 -0.47 -9.25
N VAL C 44 25.45 -0.50 -9.52
CA VAL C 44 24.90 -0.11 -10.81
C VAL C 44 24.32 1.29 -10.67
N LEU C 45 24.62 2.16 -11.63
CA LEU C 45 24.09 3.50 -11.65
C LEU C 45 23.44 3.76 -12.99
N CYS C 46 22.48 4.67 -13.00
CA CYS C 46 21.94 5.17 -14.25
C CYS C 46 21.99 6.69 -14.21
N PRO C 47 22.29 7.32 -15.34
CA PRO C 47 22.28 8.78 -15.36
C PRO C 47 20.85 9.30 -15.28
N GLY C 48 20.72 10.47 -14.67
CA GLY C 48 19.44 11.11 -14.64
C GLY C 48 19.60 12.56 -14.24
N SER C 49 18.47 13.22 -13.98
CA SER C 49 18.49 14.67 -13.83
C SER C 49 19.22 15.10 -12.56
N ARG C 50 19.14 14.32 -11.49
CA ARG C 50 19.82 14.66 -10.25
C ARG C 50 20.97 13.69 -9.99
N ASN C 51 21.91 14.14 -9.15
CA ASN C 51 23.06 13.31 -8.83
C ASN C 51 22.62 12.01 -8.15
N ALA C 52 23.29 10.92 -8.51
CA ALA C 52 23.02 9.65 -7.87
C ALA C 52 23.34 9.71 -6.39
N PRO C 53 22.69 8.90 -5.57
CA PRO C 53 23.06 8.83 -4.16
C PRO C 53 24.49 8.33 -4.02
N LEU C 54 25.25 8.98 -3.13
CA LEU C 54 26.61 8.57 -2.79
C LEU C 54 27.56 8.63 -3.99
N ALA C 55 27.24 9.43 -5.00
CA ALA C 55 27.94 9.34 -6.29
C ALA C 55 29.43 9.62 -6.13
N PHE C 56 29.78 10.76 -5.54
CA PHE C 56 31.19 11.08 -5.36
C PHE C 56 31.89 10.01 -4.54
N ALA C 57 31.25 9.55 -3.47
CA ALA C 57 31.83 8.48 -2.67
C ALA C 57 31.94 7.20 -3.47
N LEU C 58 30.97 6.95 -4.35
CA LEU C 58 31.04 5.74 -5.19
C LEU C 58 32.11 5.88 -6.26
N GLN C 59 32.28 7.07 -6.82
CA GLN C 59 33.31 7.22 -7.84
C GLN C 59 34.70 7.29 -7.22
N ASP C 60 34.81 7.88 -6.03
CA ASP C 60 36.03 7.72 -5.23
C ASP C 60 36.39 6.25 -5.11
N ALA C 61 35.44 5.44 -4.63
CA ALA C 61 35.72 4.03 -4.39
C ALA C 61 35.96 3.27 -5.69
N ASP C 62 35.32 3.70 -6.79
CA ASP C 62 35.53 3.03 -8.06
C ASP C 62 36.93 3.31 -8.63
N ARG C 63 37.39 4.56 -8.49
CA ARG C 63 38.73 4.91 -8.98
C ARG C 63 39.81 4.14 -8.22
N SER C 64 39.66 4.03 -6.90
CA SER C 64 40.66 3.36 -6.08
C SER C 64 40.56 1.84 -6.16
N GLY C 65 39.59 1.33 -6.91
CA GLY C 65 39.44 -0.11 -7.07
C GLY C 65 38.67 -0.81 -5.97
N ARG C 66 38.22 -0.09 -4.95
CA ARG C 66 37.52 -0.73 -3.84
C ARG C 66 36.15 -1.25 -4.24
N ILE C 67 35.58 -0.73 -5.32
CA ILE C 67 34.24 -1.10 -5.76
C ILE C 67 34.21 -0.91 -7.27
N ARG C 68 33.35 -1.66 -7.94
CA ARG C 68 33.25 -1.61 -9.39
C ARG C 68 31.89 -1.06 -9.78
N LEU C 69 31.89 0.08 -10.45
CA LEU C 69 30.66 0.69 -10.93
C LEU C 69 30.29 0.17 -12.31
N HIS C 70 28.98 0.18 -12.60
CA HIS C 70 28.45 -0.21 -13.90
C HIS C 70 27.39 0.80 -14.27
N VAL C 71 27.53 1.43 -15.43
CA VAL C 71 26.59 2.44 -15.88
C VAL C 71 25.78 1.90 -17.05
N ARG C 72 24.49 2.22 -17.07
CA ARG C 72 23.58 1.89 -18.17
C ARG C 72 22.61 3.03 -18.38
N ILE C 73 22.09 3.14 -19.59
CA ILE C 73 21.07 4.14 -19.89
C ILE C 73 19.68 3.60 -19.60
N ASP C 74 19.44 2.33 -19.89
CA ASP C 74 18.13 1.73 -19.66
C ASP C 74 18.04 1.28 -18.21
N GLU C 75 17.10 1.86 -17.48
CA GLU C 75 16.98 1.59 -16.06
C GLU C 75 16.51 0.17 -15.78
N ARG C 76 15.69 -0.40 -16.67
CA ARG C 76 15.14 -1.72 -16.42
C ARG C 76 16.21 -2.80 -16.61
N THR C 77 16.95 -2.74 -17.72
CA THR C 77 18.04 -3.68 -17.90
C THR C 77 19.10 -3.50 -16.83
N ALA C 78 19.21 -2.29 -16.27
CA ALA C 78 20.18 -2.03 -15.21
C ALA C 78 19.84 -2.80 -13.94
N GLY C 79 18.56 -2.84 -13.57
CA GLY C 79 18.18 -3.59 -12.39
C GLY C 79 18.45 -5.07 -12.55
N TYR C 80 18.20 -5.60 -13.75
CA TYR C 80 18.51 -7.00 -13.99
C TYR C 80 20.00 -7.24 -14.06
N LEU C 81 20.77 -6.23 -14.49
CA LEU C 81 22.22 -6.35 -14.40
C LEU C 81 22.65 -6.50 -12.95
N ALA C 82 22.02 -5.74 -12.05
CA ALA C 82 22.31 -5.86 -10.63
C ALA C 82 21.98 -7.25 -10.11
N ILE C 83 20.87 -7.83 -10.58
CA ILE C 83 20.50 -9.19 -10.15
C ILE C 83 21.58 -10.18 -10.57
N GLY C 84 22.02 -10.10 -11.83
CA GLY C 84 23.09 -10.97 -12.28
C GLY C 84 24.36 -10.79 -11.46
N LEU C 85 24.75 -9.53 -11.23
CA LEU C 85 25.89 -9.24 -10.37
C LEU C 85 25.71 -9.82 -8.97
N ALA C 86 24.47 -10.03 -8.55
CA ALA C 86 24.21 -10.55 -7.21
C ALA C 86 24.28 -12.07 -7.18
N ILE C 87 23.60 -12.73 -8.12
CA ILE C 87 23.55 -14.19 -8.09
C ILE C 87 24.79 -14.84 -8.71
N GLY C 88 25.67 -14.05 -9.34
CA GLY C 88 26.85 -14.65 -9.95
C GLY C 88 27.82 -15.21 -8.94
N ALA C 89 28.01 -14.51 -7.82
CA ALA C 89 28.87 -14.99 -6.74
C ALA C 89 28.20 -14.91 -5.39
N GLY C 90 26.96 -14.45 -5.29
CA GLY C 90 26.23 -14.47 -4.05
C GLY C 90 26.40 -13.25 -3.16
N ALA C 91 26.83 -12.14 -3.70
CA ALA C 91 27.08 -10.95 -2.89
C ALA C 91 25.94 -9.95 -3.02
N PRO C 92 25.76 -9.07 -2.05
CA PRO C 92 24.79 -7.99 -2.21
C PRO C 92 25.30 -6.97 -3.22
N VAL C 93 24.40 -6.40 -4.00
CA VAL C 93 24.77 -5.33 -4.91
C VAL C 93 23.79 -4.18 -4.77
N CYS C 94 24.29 -2.98 -4.98
CA CYS C 94 23.47 -1.78 -4.93
C CYS C 94 23.11 -1.33 -6.34
N VAL C 95 21.91 -0.78 -6.47
CA VAL C 95 21.51 -0.03 -7.65
C VAL C 95 21.04 1.32 -7.13
N ALA C 96 21.62 2.40 -7.64
CA ALA C 96 21.32 3.75 -7.20
C ALA C 96 20.91 4.57 -8.42
N MET C 97 19.69 5.10 -8.38
CA MET C 97 19.12 5.70 -9.58
C MET C 97 18.37 6.98 -9.25
N THR C 98 18.09 7.75 -10.30
CA THR C 98 17.98 9.19 -10.21
C THR C 98 16.94 9.77 -11.18
N SER C 99 15.68 9.35 -11.14
CA SER C 99 14.76 9.91 -12.12
C SER C 99 13.32 9.65 -11.71
N GLY C 100 12.41 10.34 -12.40
CA GLY C 100 10.99 10.09 -12.28
C GLY C 100 10.54 8.79 -12.91
N THR C 101 11.46 8.05 -13.53
CA THR C 101 11.14 6.75 -14.09
C THR C 101 11.93 5.64 -13.43
N ALA C 102 12.76 5.94 -12.43
CA ALA C 102 13.62 4.92 -11.84
C ALA C 102 12.81 3.87 -11.12
N VAL C 103 11.87 4.29 -10.29
CA VAL C 103 11.06 3.35 -9.51
C VAL C 103 10.26 2.45 -10.44
N ALA C 104 9.72 3.01 -11.51
CA ALA C 104 8.90 2.22 -12.42
C ALA C 104 9.74 1.23 -13.22
N ASN C 105 10.95 1.62 -13.61
CA ASN C 105 11.77 0.73 -14.42
C ASN C 105 12.46 -0.33 -13.58
N LEU C 106 12.75 -0.03 -12.32
CA LEU C 106 13.35 -1.02 -11.43
C LEU C 106 12.34 -2.02 -10.89
N GLY C 107 11.04 -1.76 -11.03
CA GLY C 107 10.00 -2.62 -10.53
C GLY C 107 10.16 -4.10 -10.82
N PRO C 108 10.36 -4.47 -12.09
CA PRO C 108 10.46 -5.90 -12.40
C PRO C 108 11.63 -6.58 -11.72
N ALA C 109 12.80 -5.93 -11.68
CA ALA C 109 13.95 -6.50 -11.01
C ALA C 109 13.70 -6.64 -9.51
N VAL C 110 13.02 -5.68 -8.91
CA VAL C 110 12.76 -5.75 -7.47
C VAL C 110 11.80 -6.88 -7.16
N VAL C 111 10.78 -7.08 -8.00
CA VAL C 111 9.87 -8.20 -7.78
C VAL C 111 10.60 -9.53 -7.91
N GLU C 112 11.55 -9.61 -8.85
CA GLU C 112 12.34 -10.83 -9.00
C GLU C 112 13.27 -11.02 -7.81
N ALA C 113 13.87 -9.92 -7.32
CA ALA C 113 14.75 -10.02 -6.16
C ALA C 113 14.00 -10.53 -4.94
N ASN C 114 12.76 -10.06 -4.76
CA ASN C 114 11.93 -10.53 -3.66
C ASN C 114 11.63 -12.01 -3.79
N TYR C 115 11.04 -12.42 -4.91
CA TYR C 115 10.56 -13.79 -5.06
C TYR C 115 11.71 -14.79 -5.21
N ALA C 116 12.84 -14.38 -5.77
CA ALA C 116 13.99 -15.27 -5.86
C ALA C 116 14.96 -15.10 -4.69
N ARG C 117 14.67 -14.16 -3.79
CA ARG C 117 15.47 -13.94 -2.58
C ARG C 117 16.90 -13.54 -2.94
N VAL C 118 17.00 -12.44 -3.67
CA VAL C 118 18.27 -11.89 -4.17
C VAL C 118 18.56 -10.60 -3.41
N PRO C 119 19.75 -10.42 -2.85
CA PRO C 119 20.02 -9.22 -2.05
C PRO C 119 20.35 -8.00 -2.88
N LEU C 120 19.32 -7.22 -3.21
CA LEU C 120 19.46 -6.05 -4.08
C LEU C 120 19.15 -4.80 -3.28
N ILE C 121 20.11 -3.90 -3.15
CA ILE C 121 19.96 -2.68 -2.36
C ILE C 121 19.65 -1.54 -3.30
N VAL C 122 18.46 -0.96 -3.19
CA VAL C 122 18.07 0.19 -4.00
C VAL C 122 18.38 1.44 -3.20
N LEU C 123 19.25 2.29 -3.73
CA LEU C 123 19.64 3.52 -3.07
C LEU C 123 18.86 4.68 -3.66
N SER C 124 18.34 5.54 -2.79
CA SER C 124 17.67 6.75 -3.18
C SER C 124 18.19 7.90 -2.33
N ALA C 125 17.89 9.11 -2.77
CA ALA C 125 18.37 10.32 -2.09
C ALA C 125 17.23 11.34 -2.10
N ASN C 126 16.37 11.27 -1.09
CA ASN C 126 15.27 12.21 -0.98
C ASN C 126 15.79 13.57 -0.50
N ARG C 127 15.00 14.61 -0.72
CA ARG C 127 15.39 15.98 -0.43
CA ARG C 127 15.41 15.97 -0.40
C ARG C 127 14.45 16.61 0.58
N PRO C 128 14.78 16.60 1.87
CA PRO C 128 13.86 17.12 2.90
C PRO C 128 13.51 18.58 2.76
N TYR C 129 14.23 19.35 1.96
CA TYR C 129 13.99 20.78 1.86
C TYR C 129 13.10 21.17 0.69
N GLU C 130 12.63 20.20 -0.10
CA GLU C 130 11.70 20.45 -1.18
C GLU C 130 10.33 19.88 -0.82
N LEU C 131 9.32 20.40 -1.51
CA LEU C 131 7.95 19.95 -1.32
C LEU C 131 7.70 18.59 -1.95
N LEU C 132 6.84 17.79 -1.32
CA LEU C 132 6.44 16.49 -1.80
C LEU C 132 4.93 16.49 -2.02
N GLY C 133 4.48 15.87 -3.10
CA GLY C 133 3.07 15.60 -3.28
C GLY C 133 2.28 16.66 -4.01
N THR C 134 2.91 17.75 -4.45
CA THR C 134 2.22 18.82 -5.17
C THR C 134 2.36 18.70 -6.69
N GLY C 135 3.08 17.69 -7.17
CA GLY C 135 3.32 17.52 -8.58
C GLY C 135 4.15 16.27 -8.84
N ALA C 136 5.10 16.35 -9.76
CA ALA C 136 5.92 15.21 -10.14
C ALA C 136 7.32 15.36 -9.56
N ASN C 137 7.71 14.40 -8.73
CA ASN C 137 9.07 14.29 -8.25
C ASN C 137 9.91 13.60 -9.31
N GLN C 138 10.99 14.24 -9.75
CA GLN C 138 11.88 13.59 -10.70
C GLN C 138 13.06 12.88 -10.01
N THR C 139 12.97 12.63 -8.72
CA THR C 139 13.57 11.46 -8.11
C THR C 139 12.43 10.63 -7.55
N MET C 140 12.61 9.31 -7.51
CA MET C 140 11.65 8.44 -6.84
C MET C 140 10.19 8.82 -7.06
N GLU C 141 9.70 8.66 -8.29
CA GLU C 141 8.26 8.65 -8.55
C GLU C 141 7.75 7.30 -8.10
N GLN C 142 7.12 7.25 -6.93
CA GLN C 142 6.83 5.98 -6.28
C GLN C 142 5.54 5.35 -6.80
N LEU C 143 5.55 4.03 -6.88
CA LEU C 143 4.38 3.22 -7.15
C LEU C 143 3.95 2.52 -5.85
N GLY C 144 3.24 1.41 -5.97
CA GLY C 144 2.73 0.77 -4.77
C GLY C 144 3.40 -0.53 -4.36
N TYR C 145 4.48 -0.91 -5.05
CA TYR C 145 5.06 -2.23 -4.83
C TYR C 145 6.13 -2.26 -3.75
N PHE C 146 6.69 -1.11 -3.38
CA PHE C 146 7.77 -1.13 -2.38
C PHE C 146 7.28 -1.68 -1.05
N GLY C 147 6.03 -1.39 -0.68
CA GLY C 147 5.50 -1.93 0.55
C GLY C 147 5.48 -3.45 0.58
N THR C 148 5.11 -4.07 -0.53
CA THR C 148 4.95 -5.52 -0.55
C THR C 148 6.26 -6.25 -0.83
N GLN C 149 7.22 -5.61 -1.50
CA GLN C 149 8.36 -6.38 -2.04
C GLN C 149 9.59 -6.38 -1.16
N VAL C 150 9.91 -5.29 -0.46
CA VAL C 150 11.23 -5.16 0.17
C VAL C 150 11.24 -5.77 1.56
N ARG C 151 12.43 -6.22 1.97
CA ARG C 151 12.62 -6.72 3.33
C ARG C 151 12.70 -5.58 4.33
N ALA C 152 13.09 -4.39 3.87
CA ALA C 152 13.30 -3.29 4.79
C ALA C 152 13.30 -2.00 3.98
N SER C 153 13.01 -0.92 4.69
CA SER C 153 13.01 0.42 4.09
C SER C 153 13.64 1.34 5.15
N ILE C 154 14.90 1.69 4.94
CA ILE C 154 15.68 2.43 5.93
C ILE C 154 16.18 3.72 5.31
N SER C 155 16.01 4.82 6.03
CA SER C 155 16.55 6.11 5.61
C SER C 155 17.44 6.65 6.71
N LEU C 156 18.66 7.04 6.34
CA LEU C 156 19.46 7.79 7.29
C LEU C 156 18.83 9.15 7.53
N GLY C 157 19.25 9.80 8.58
CA GLY C 157 18.87 11.17 8.77
C GLY C 157 19.72 12.11 7.93
N LEU C 158 19.30 13.36 7.86
CA LEU C 158 20.15 14.37 7.26
C LEU C 158 21.42 14.52 8.09
N ALA C 159 22.56 14.57 7.42
CA ALA C 159 23.82 14.82 8.11
C ALA C 159 23.84 16.26 8.61
N GLU C 160 24.24 16.46 9.86
CA GLU C 160 24.17 17.79 10.44
C GLU C 160 25.52 18.23 10.98
N ASP C 161 25.59 19.53 11.28
CA ASP C 161 26.78 20.22 11.78
C ASP C 161 27.04 19.80 13.22
N ALA C 162 27.98 18.88 13.41
CA ALA C 162 28.42 18.62 14.77
C ALA C 162 29.75 17.89 14.77
N PRO C 163 30.87 18.61 14.67
CA PRO C 163 32.17 17.98 14.95
C PRO C 163 32.17 17.33 16.31
N GLU C 164 31.47 18.00 17.24
CA GLU C 164 31.25 17.48 18.57
C GLU C 164 30.62 16.09 18.55
N ARG C 165 29.70 15.84 17.60
CA ARG C 165 28.99 14.56 17.53
C ARG C 165 29.50 13.65 16.42
N THR C 166 30.74 13.83 15.96
CA THR C 166 31.21 13.07 14.80
C THR C 166 31.32 11.59 15.13
N SER C 167 31.70 11.26 16.36
CA SER C 167 31.85 9.85 16.73
C SER C 167 30.49 9.16 16.79
N ALA C 168 29.51 9.80 17.42
CA ALA C 168 28.19 9.18 17.55
C ALA C 168 27.51 9.03 16.20
N LEU C 169 27.60 10.05 15.35
CA LEU C 169 26.97 9.96 14.04
C LEU C 169 27.65 8.90 13.18
N ASN C 170 28.96 8.74 13.31
CA ASN C 170 29.63 7.63 12.63
C ASN C 170 29.09 6.30 13.11
N ALA C 171 28.87 6.16 14.41
CA ALA C 171 28.32 4.93 14.96
C ALA C 171 26.92 4.67 14.42
N THR C 172 26.11 5.73 14.29
CA THR C 172 24.74 5.55 13.81
C THR C 172 24.72 5.21 12.33
N TRP C 173 25.54 5.88 11.51
CA TRP C 173 25.52 5.66 10.08
C TRP C 173 25.98 4.24 9.72
N ARG C 174 27.02 3.75 10.38
CA ARG C 174 27.52 2.42 10.07
C ARG C 174 26.57 1.34 10.58
N SER C 175 25.96 1.56 11.75
CA SER C 175 24.97 0.61 12.25
C SER C 175 23.80 0.47 11.29
N ALA C 176 23.28 1.61 10.81
CA ALA C 176 22.14 1.57 9.91
C ALA C 176 22.51 0.90 8.59
N THR C 177 23.70 1.20 8.06
CA THR C 177 24.17 0.54 6.86
C THR C 177 24.27 -0.97 7.08
N CYS C 178 24.80 -1.39 8.24
CA CYS C 178 24.83 -2.80 8.57
C CYS C 178 23.43 -3.38 8.67
N ARG C 179 22.50 -2.62 9.24
CA ARG C 179 21.11 -3.06 9.27
C ARG C 179 20.56 -3.24 7.86
N VAL C 180 20.95 -2.35 6.93
CA VAL C 180 20.52 -2.49 5.53
C VAL C 180 21.09 -3.77 4.92
N LEU C 181 22.38 -4.01 5.14
CA LEU C 181 23.03 -5.18 4.57
C LEU C 181 22.48 -6.47 5.14
N ALA C 182 22.24 -6.52 6.46
CA ALA C 182 21.74 -7.73 7.09
C ALA C 182 20.33 -8.06 6.61
N ALA C 183 19.50 -7.03 6.42
CA ALA C 183 18.16 -7.26 5.90
C ALA C 183 18.20 -7.75 4.46
N ALA C 184 19.11 -7.21 3.63
CA ALA C 184 19.16 -7.60 2.23
C ALA C 184 19.76 -9.00 2.06
N THR C 185 20.79 -9.32 2.84
CA THR C 185 21.41 -10.63 2.71
C THR C 185 20.68 -11.70 3.51
N GLY C 186 19.77 -11.31 4.40
CA GLY C 186 19.12 -12.27 5.28
C GLY C 186 20.07 -12.86 6.29
N ALA C 187 21.01 -12.06 6.79
CA ALA C 187 22.01 -12.56 7.72
C ALA C 187 21.38 -13.11 9.00
N ARG C 188 20.31 -12.48 9.48
CA ARG C 188 19.62 -12.97 10.66
C ARG C 188 18.29 -13.64 10.35
N THR C 189 17.68 -13.34 9.21
CA THR C 189 16.39 -13.91 8.86
C THR C 189 16.48 -15.09 7.91
N ALA C 190 17.60 -15.25 7.22
CA ALA C 190 17.75 -16.22 6.14
C ALA C 190 16.68 -16.02 5.06
N ASN C 191 16.27 -14.77 4.88
CA ASN C 191 15.25 -14.40 3.89
C ASN C 191 15.78 -13.21 3.09
N ALA C 192 16.85 -13.45 2.32
CA ALA C 192 17.46 -12.39 1.53
C ALA C 192 16.46 -11.82 0.55
N GLY C 193 16.65 -10.57 0.16
CA GLY C 193 15.73 -9.90 -0.71
C GLY C 193 16.12 -8.46 -0.90
N PRO C 194 15.32 -7.72 -1.67
CA PRO C 194 15.64 -6.31 -1.91
C PRO C 194 15.35 -5.44 -0.70
N VAL C 195 16.15 -4.40 -0.55
CA VAL C 195 16.01 -3.42 0.52
C VAL C 195 16.05 -2.03 -0.09
N HIS C 196 15.24 -1.13 0.44
CA HIS C 196 15.24 0.26 0.04
C HIS C 196 16.02 1.09 1.05
N PHE C 197 17.08 1.74 0.60
CA PHE C 197 18.02 2.46 1.44
C PHE C 197 18.08 3.91 0.97
N ASP C 198 17.64 4.83 1.81
CA ASP C 198 17.60 6.25 1.45
C ASP C 198 18.66 7.01 2.22
N ILE C 199 19.43 7.81 1.49
CA ILE C 199 20.40 8.73 2.08
C ILE C 199 20.00 10.14 1.69
N PRO C 200 19.37 10.89 2.60
CA PRO C 200 18.78 12.18 2.21
C PRO C 200 19.83 13.22 1.90
N LEU C 201 19.41 14.23 1.15
CA LEU C 201 20.31 15.24 0.60
C LEU C 201 19.69 16.62 0.74
N ARG C 202 20.48 17.60 1.17
CA ARG C 202 20.00 18.99 1.22
C ARG C 202 20.24 19.68 -0.12
N GLU C 203 21.51 19.86 -0.48
CA GLU C 203 21.90 20.43 -1.77
C GLU C 203 21.35 21.84 -1.96
N VAL C 215 40.04 11.92 5.55
CA VAL C 215 39.42 12.38 6.78
C VAL C 215 37.99 11.85 6.88
N THR C 216 37.82 10.54 6.72
CA THR C 216 36.50 9.98 6.94
C THR C 216 36.51 9.14 8.20
N PRO C 217 35.53 9.34 9.08
CA PRO C 217 35.48 8.62 10.34
C PRO C 217 35.68 7.13 10.12
N PRO C 218 36.58 6.52 10.86
CA PRO C 218 36.96 5.13 10.57
C PRO C 218 35.91 4.14 11.02
N GLY C 219 35.83 3.04 10.28
CA GLY C 219 35.09 1.88 10.72
C GLY C 219 35.85 1.11 11.77
N ARG C 220 35.59 -0.19 11.83
CA ARG C 220 36.26 -1.06 12.78
C ARG C 220 37.63 -1.50 12.27
N PRO C 221 38.50 -1.96 13.15
CA PRO C 221 39.82 -2.41 12.69
C PRO C 221 39.72 -3.63 11.79
N ALA C 222 40.70 -3.76 10.90
CA ALA C 222 40.84 -4.93 10.04
C ALA C 222 39.63 -5.13 9.13
N GLY C 223 38.97 -4.03 8.75
CA GLY C 223 37.86 -4.14 7.83
C GLY C 223 36.64 -4.87 8.35
N LYS C 224 36.52 -5.03 9.66
CA LYS C 224 35.34 -5.66 10.21
C LYS C 224 34.12 -4.78 9.98
N PRO C 225 32.97 -5.38 9.67
CA PRO C 225 31.73 -4.59 9.62
C PRO C 225 31.42 -4.02 11.00
N TRP C 226 30.73 -2.87 11.01
CA TRP C 226 30.49 -2.18 12.27
C TRP C 226 29.71 -3.04 13.24
N THR C 227 28.61 -3.63 12.77
CA THR C 227 27.85 -4.60 13.56
C THR C 227 28.05 -5.96 12.93
N TYR C 228 28.75 -6.84 13.64
CA TYR C 228 29.05 -8.17 13.14
C TYR C 228 27.86 -9.10 13.41
N THR C 229 27.41 -9.80 12.37
CA THR C 229 26.38 -10.82 12.55
C THR C 229 26.96 -12.20 12.29
N PRO C 230 27.25 -12.99 13.33
CA PRO C 230 27.79 -14.34 13.14
C PRO C 230 26.80 -15.24 12.41
N PRO C 231 27.27 -16.35 11.84
CA PRO C 231 26.38 -17.24 11.10
C PRO C 231 25.20 -17.69 11.93
N VAL C 232 24.08 -17.90 11.25
CA VAL C 232 22.78 -18.14 11.87
C VAL C 232 22.24 -19.47 11.36
N THR C 233 21.57 -20.24 12.24
CA THR C 233 20.88 -21.45 11.80
C THR C 233 19.41 -21.41 12.19
N PHE C 234 18.55 -21.81 11.24
CA PHE C 234 17.14 -22.07 11.48
C PHE C 234 16.93 -23.56 11.33
N ASP C 235 16.55 -24.24 12.42
CA ASP C 235 16.46 -25.69 12.39
C ASP C 235 15.04 -26.14 12.71
N GLN C 236 14.42 -26.85 11.76
CA GLN C 236 13.10 -27.47 11.93
C GLN C 236 13.18 -28.89 11.39
N PRO C 237 13.55 -29.87 12.23
CA PRO C 237 13.63 -31.26 11.77
C PRO C 237 12.27 -31.93 11.67
N LEU C 238 12.03 -32.63 10.57
CA LEU C 238 10.82 -33.41 10.34
C LEU C 238 11.19 -34.88 10.24
N ASP C 239 10.45 -35.72 10.95
CA ASP C 239 10.63 -37.17 10.84
C ASP C 239 10.07 -37.65 9.51
N ILE C 240 10.83 -38.49 8.82
CA ILE C 240 10.40 -39.04 7.53
C ILE C 240 10.87 -40.49 7.45
N ASP C 241 9.96 -41.39 7.10
CA ASP C 241 10.30 -42.79 6.89
C ASP C 241 10.54 -43.03 5.40
N LEU C 242 11.74 -43.50 5.07
CA LEU C 242 12.12 -43.69 3.68
C LEU C 242 11.66 -45.03 3.11
N SER C 243 11.17 -45.95 3.94
CA SER C 243 10.66 -47.21 3.41
C SER C 243 9.39 -46.99 2.60
N VAL C 244 8.65 -45.92 2.91
CA VAL C 244 7.57 -45.48 2.05
C VAL C 244 8.16 -45.06 0.71
N ASP C 245 7.53 -45.51 -0.38
CA ASP C 245 8.01 -45.17 -1.72
C ASP C 245 8.10 -43.66 -1.89
N THR C 246 9.32 -43.14 -1.99
CA THR C 246 9.57 -41.71 -1.90
C THR C 246 10.25 -41.20 -3.15
N VAL C 247 9.79 -40.05 -3.65
CA VAL C 247 10.46 -39.29 -4.69
C VAL C 247 10.81 -37.91 -4.14
N VAL C 248 11.90 -37.34 -4.63
CA VAL C 248 12.34 -36.00 -4.24
C VAL C 248 12.17 -35.07 -5.43
N ILE C 249 11.41 -34.00 -5.24
CA ILE C 249 11.32 -32.90 -6.20
C ILE C 249 12.11 -31.73 -5.60
N SER C 250 13.13 -31.26 -6.30
CA SER C 250 13.89 -30.12 -5.84
C SER C 250 13.81 -29.01 -6.88
N GLY C 251 13.50 -27.81 -6.41
CA GLY C 251 13.34 -26.64 -7.25
C GLY C 251 14.22 -25.51 -6.77
N HIS C 252 13.83 -24.30 -7.16
CA HIS C 252 14.62 -23.11 -6.88
C HIS C 252 14.76 -22.89 -5.37
N GLY C 253 15.98 -22.56 -4.95
CA GLY C 253 16.27 -22.31 -3.55
C GLY C 253 16.48 -23.54 -2.71
N ALA C 254 16.40 -24.73 -3.29
CA ALA C 254 16.53 -25.96 -2.52
C ALA C 254 17.90 -26.05 -1.86
N GLY C 255 17.94 -26.62 -0.67
CA GLY C 255 19.19 -26.90 0.00
C GLY C 255 19.75 -28.25 -0.40
N VAL C 256 20.89 -28.58 0.20
CA VAL C 256 21.60 -29.83 -0.05
C VAL C 256 21.38 -30.74 1.16
N HIS C 257 20.85 -31.93 0.92
CA HIS C 257 20.50 -32.86 2.00
C HIS C 257 21.23 -34.18 1.81
N PRO C 258 22.35 -34.39 2.49
CA PRO C 258 23.08 -35.65 2.31
C PRO C 258 22.29 -36.90 2.69
N ASN C 259 21.40 -36.81 3.68
CA ASN C 259 20.64 -38.01 4.03
C ASN C 259 19.56 -38.35 3.00
N LEU C 260 19.41 -37.55 1.94
CA LEU C 260 18.50 -37.83 0.84
C LEU C 260 19.23 -38.04 -0.48
N ALA C 261 20.55 -38.25 -0.43
CA ALA C 261 21.34 -38.25 -1.65
C ALA C 261 21.00 -39.42 -2.56
N ALA C 262 20.59 -40.56 -2.01
CA ALA C 262 20.35 -41.76 -2.81
C ALA C 262 18.92 -41.88 -3.31
N LEU C 263 18.04 -40.98 -2.91
CA LEU C 263 16.65 -41.08 -3.30
C LEU C 263 16.48 -40.67 -4.76
N PRO C 264 15.49 -41.23 -5.45
CA PRO C 264 15.19 -40.79 -6.82
C PRO C 264 14.76 -39.33 -6.79
N THR C 265 15.46 -38.50 -7.55
CA THR C 265 15.33 -37.06 -7.45
C THR C 265 15.01 -36.46 -8.81
N VAL C 266 13.93 -35.70 -8.88
CA VAL C 266 13.59 -34.89 -10.04
C VAL C 266 14.03 -33.47 -9.73
N ALA C 267 15.23 -33.11 -10.17
CA ALA C 267 15.85 -31.85 -9.79
C ALA C 267 15.74 -30.83 -10.93
N GLU C 268 15.17 -29.67 -10.63
CA GLU C 268 15.19 -28.57 -11.56
C GLU C 268 16.63 -28.11 -11.81
N PRO C 269 16.88 -27.46 -12.95
CA PRO C 269 18.28 -27.06 -13.27
C PRO C 269 18.95 -26.22 -12.20
N THR C 270 18.25 -25.24 -11.62
CA THR C 270 18.87 -24.37 -10.63
C THR C 270 18.95 -25.02 -9.25
N ALA C 271 18.39 -26.19 -9.06
CA ALA C 271 18.45 -26.84 -7.76
C ALA C 271 19.79 -27.54 -7.59
N PRO C 272 20.55 -27.22 -6.54
CA PRO C 272 21.78 -27.98 -6.29
C PRO C 272 21.43 -29.43 -5.96
N ARG C 273 22.18 -30.35 -6.54
CA ARG C 273 21.86 -31.76 -6.35
C ARG C 273 22.62 -32.33 -5.16
N SER C 274 21.95 -33.23 -4.44
CA SER C 274 22.57 -33.93 -3.33
C SER C 274 23.24 -35.22 -3.77
N GLY C 275 22.73 -35.89 -4.80
CA GLY C 275 23.25 -37.19 -5.15
C GLY C 275 23.30 -37.53 -6.62
N ASP C 276 23.32 -38.83 -6.90
CA ASP C 276 23.61 -39.38 -8.22
C ASP C 276 22.50 -40.32 -8.67
N ASN C 277 21.28 -40.10 -8.21
CA ASN C 277 20.14 -40.94 -8.57
C ASN C 277 19.06 -40.08 -9.22
N PRO C 278 19.28 -39.62 -10.44
CA PRO C 278 18.31 -38.73 -11.07
C PRO C 278 17.06 -39.49 -11.48
N LEU C 279 15.96 -38.76 -11.52
CA LEU C 279 14.69 -39.27 -12.05
C LEU C 279 14.19 -38.27 -13.07
N HIS C 280 14.14 -38.69 -14.33
CA HIS C 280 13.77 -37.78 -15.39
C HIS C 280 12.36 -37.26 -15.17
N PRO C 281 12.09 -35.98 -15.48
CA PRO C 281 10.73 -35.46 -15.31
C PRO C 281 9.64 -36.29 -15.97
N LEU C 282 9.90 -36.84 -17.15
CA LEU C 282 8.87 -37.58 -17.87
C LEU C 282 8.63 -38.98 -17.31
N ALA C 283 9.49 -39.47 -16.43
CA ALA C 283 9.22 -40.74 -15.76
C ALA C 283 8.17 -40.61 -14.64
N LEU C 284 7.98 -39.40 -14.11
CA LEU C 284 7.03 -39.19 -13.02
C LEU C 284 5.62 -39.70 -13.29
N PRO C 285 4.98 -39.37 -14.42
CA PRO C 285 3.59 -39.84 -14.63
C PRO C 285 3.47 -41.36 -14.69
N LEU C 286 4.56 -42.07 -14.92
CA LEU C 286 4.54 -43.52 -15.04
C LEU C 286 4.79 -44.20 -13.70
N LEU C 287 5.01 -43.43 -12.64
CA LEU C 287 5.27 -43.93 -11.31
C LEU C 287 4.17 -43.47 -10.37
N ARG C 288 4.03 -44.18 -9.26
CA ARG C 288 3.04 -43.85 -8.23
C ARG C 288 3.76 -43.75 -6.89
N PRO C 289 4.40 -42.62 -6.61
CA PRO C 289 5.07 -42.44 -5.31
C PRO C 289 4.06 -42.39 -4.17
N GLN C 290 4.47 -42.95 -3.03
CA GLN C 290 3.63 -42.89 -1.84
C GLN C 290 3.89 -41.67 -1.00
N GLN C 291 5.01 -40.98 -1.18
CA GLN C 291 5.25 -39.72 -0.48
C GLN C 291 6.32 -38.92 -1.21
N VAL C 292 6.26 -37.60 -1.04
CA VAL C 292 7.12 -36.66 -1.75
C VAL C 292 7.89 -35.82 -0.75
N ILE C 293 9.20 -35.73 -0.95
CA ILE C 293 10.04 -34.76 -0.26
C ILE C 293 10.36 -33.67 -1.27
N MET C 294 9.86 -32.47 -1.05
CA MET C 294 10.05 -31.39 -2.00
C MET C 294 10.99 -30.37 -1.39
N LEU C 295 12.11 -30.13 -2.07
CA LEU C 295 13.14 -29.21 -1.60
C LEU C 295 13.01 -27.88 -2.33
N GLY C 296 12.92 -26.80 -1.58
CA GLY C 296 12.81 -25.49 -2.20
C GLY C 296 11.51 -25.34 -2.95
N ARG C 297 11.54 -24.53 -4.00
CA ARG C 297 10.33 -24.10 -4.69
C ARG C 297 10.28 -24.63 -6.11
N PRO C 298 9.45 -25.61 -6.41
CA PRO C 298 9.33 -26.09 -7.78
C PRO C 298 8.36 -25.25 -8.60
N THR C 299 8.69 -25.11 -9.88
CA THR C 299 7.84 -24.38 -10.81
C THR C 299 7.65 -25.08 -12.14
N LEU C 300 8.36 -26.18 -12.40
CA LEU C 300 8.34 -26.84 -13.70
C LEU C 300 7.53 -28.12 -13.67
N HIS C 301 6.95 -28.46 -14.82
CA HIS C 301 6.32 -29.74 -15.14
C HIS C 301 4.96 -29.91 -14.49
N ARG C 302 3.91 -29.99 -15.30
CA ARG C 302 2.58 -30.31 -14.79
C ARG C 302 2.52 -31.61 -14.00
N PRO C 303 3.15 -32.72 -14.43
CA PRO C 303 3.14 -33.92 -13.58
C PRO C 303 3.68 -33.68 -12.20
N VAL C 304 4.63 -32.76 -12.04
CA VAL C 304 5.07 -32.35 -10.70
C VAL C 304 3.91 -31.67 -9.97
N SER C 305 3.17 -30.81 -10.67
CA SER C 305 2.03 -30.12 -10.07
C SER C 305 0.95 -31.10 -9.63
N VAL C 306 0.61 -32.06 -10.48
CA VAL C 306 -0.44 -33.02 -10.15
C VAL C 306 -0.01 -33.91 -8.99
N LEU C 307 1.25 -34.35 -8.99
CA LEU C 307 1.73 -35.17 -7.88
C LEU C 307 1.73 -34.37 -6.58
N LEU C 308 2.10 -33.09 -6.65
CA LEU C 308 2.14 -32.28 -5.44
C LEU C 308 0.74 -32.03 -4.88
N ALA C 309 -0.28 -32.03 -5.74
CA ALA C 309 -1.66 -31.81 -5.32
C ALA C 309 -2.42 -33.09 -5.06
N ASP C 310 -1.81 -34.25 -5.29
CA ASP C 310 -2.52 -35.51 -5.07
C ASP C 310 -2.79 -35.69 -3.58
N ALA C 311 -4.07 -35.79 -3.22
CA ALA C 311 -4.45 -35.83 -1.81
C ALA C 311 -4.00 -37.11 -1.12
N GLU C 312 -3.61 -38.13 -1.87
CA GLU C 312 -3.22 -39.40 -1.27
C GLU C 312 -1.72 -39.52 -1.07
N VAL C 313 -0.94 -38.53 -1.46
CA VAL C 313 0.51 -38.55 -1.34
C VAL C 313 0.90 -37.51 -0.28
N PRO C 314 1.42 -37.93 0.87
CA PRO C 314 1.98 -36.95 1.81
C PRO C 314 3.14 -36.19 1.20
N VAL C 315 3.14 -34.87 1.37
CA VAL C 315 4.18 -33.98 0.86
C VAL C 315 4.90 -33.35 2.04
N PHE C 316 6.22 -33.49 2.07
CA PHE C 316 7.08 -32.88 3.07
C PHE C 316 7.91 -31.80 2.39
N ALA C 317 7.70 -30.54 2.79
CA ALA C 317 8.40 -29.41 2.22
C ALA C 317 9.58 -29.04 3.11
N LEU C 318 10.79 -29.13 2.58
CA LEU C 318 12.00 -28.71 3.28
C LEU C 318 12.56 -27.49 2.56
N THR C 319 12.50 -26.34 3.22
CA THR C 319 12.99 -25.10 2.62
C THR C 319 13.60 -24.22 3.69
N THR C 320 14.32 -23.20 3.23
CA THR C 320 14.84 -22.14 4.08
C THR C 320 13.96 -20.91 3.93
N GLY C 321 13.69 -20.23 5.03
CA GLY C 321 12.98 -18.98 4.96
C GLY C 321 11.57 -19.05 5.52
N PRO C 322 10.87 -17.91 5.49
CA PRO C 322 9.60 -17.81 6.23
C PRO C 322 8.45 -18.60 5.63
N ARG C 323 8.34 -18.70 4.31
CA ARG C 323 7.19 -19.33 3.69
C ARG C 323 7.59 -20.62 3.00
N TRP C 324 6.58 -21.39 2.64
CA TRP C 324 6.76 -22.67 1.96
C TRP C 324 5.86 -22.74 0.73
N PRO C 325 6.28 -23.47 -0.30
CA PRO C 325 5.45 -23.60 -1.50
C PRO C 325 4.38 -24.65 -1.29
N ASP C 326 3.14 -24.31 -1.64
CA ASP C 326 2.05 -25.27 -1.62
C ASP C 326 0.83 -24.66 -2.29
N VAL C 327 0.77 -24.77 -3.62
CA VAL C 327 -0.31 -24.16 -4.38
C VAL C 327 -1.65 -24.80 -4.02
N SER C 328 -1.66 -26.11 -3.82
CA SER C 328 -2.91 -26.82 -3.56
C SER C 328 -3.26 -26.91 -2.09
N GLY C 329 -2.32 -26.57 -1.21
CA GLY C 329 -2.54 -26.72 0.21
C GLY C 329 -2.45 -28.13 0.73
N ASN C 330 -2.00 -29.07 -0.12
CA ASN C 330 -2.00 -30.50 0.19
C ASN C 330 -0.85 -30.93 1.10
N SER C 331 0.11 -30.05 1.38
CA SER C 331 1.28 -30.47 2.14
C SER C 331 0.93 -30.92 3.54
N GLN C 332 1.71 -31.89 4.03
CA GLN C 332 1.51 -32.47 5.35
C GLN C 332 2.41 -31.85 6.41
N ALA C 333 3.59 -31.34 6.03
CA ALA C 333 4.53 -30.79 7.00
C ALA C 333 5.58 -29.96 6.28
N THR C 334 6.03 -28.90 6.95
CA THR C 334 7.13 -28.08 6.46
C THR C 334 8.18 -27.92 7.53
N GLY C 335 9.44 -27.84 7.09
CA GLY C 335 10.57 -27.62 7.95
C GLY C 335 11.80 -27.32 7.14
N THR C 336 12.98 -27.62 7.66
CA THR C 336 14.24 -27.41 6.98
C THR C 336 15.04 -28.68 6.75
N ARG C 337 14.96 -29.64 7.67
CA ARG C 337 15.73 -30.87 7.62
C ARG C 337 14.81 -32.08 7.60
N ALA C 338 15.34 -33.19 7.13
CA ALA C 338 14.72 -34.49 7.33
C ALA C 338 15.54 -35.28 8.33
N VAL C 339 14.84 -35.95 9.24
CA VAL C 339 15.42 -37.00 10.06
C VAL C 339 14.82 -38.29 9.54
N THR C 340 15.65 -39.15 8.96
CA THR C 340 15.16 -40.29 8.20
C THR C 340 15.33 -41.58 8.99
N THR C 341 14.35 -42.47 8.85
CA THR C 341 14.46 -43.85 9.30
C THR C 341 14.10 -44.76 8.14
N GLY C 342 14.80 -45.89 8.04
CA GLY C 342 14.50 -46.86 7.00
C GLY C 342 15.25 -46.60 5.71
N ALA C 343 14.90 -47.42 4.72
CA ALA C 343 15.51 -47.40 3.40
C ALA C 343 14.45 -47.71 2.37
N PRO C 344 14.58 -47.20 1.16
CA PRO C 344 13.58 -47.48 0.12
C PRO C 344 13.62 -48.94 -0.32
N ARG C 345 12.45 -49.46 -0.67
CA ARG C 345 12.39 -50.81 -1.19
C ARG C 345 13.19 -50.90 -2.50
N PRO C 346 13.98 -51.95 -2.69
CA PRO C 346 14.75 -52.06 -3.94
C PRO C 346 13.89 -52.06 -5.19
N ALA C 347 12.73 -52.71 -5.16
CA ALA C 347 11.84 -52.71 -6.31
C ALA C 347 11.38 -51.30 -6.68
N TRP C 348 11.21 -50.44 -5.68
CA TRP C 348 10.85 -49.05 -5.96
C TRP C 348 12.00 -48.31 -6.61
N LEU C 349 13.21 -48.45 -6.05
CA LEU C 349 14.38 -47.85 -6.68
C LEU C 349 14.65 -48.44 -8.05
N ASP C 350 14.52 -49.77 -8.17
CA ASP C 350 14.77 -50.42 -9.44
C ASP C 350 13.83 -49.92 -10.52
N ARG C 351 12.56 -49.74 -10.17
CA ARG C 351 11.60 -49.32 -11.18
C ARG C 351 11.72 -47.83 -11.48
N CYS C 352 12.05 -47.02 -10.47
CA CYS C 352 12.35 -45.62 -10.71
C CYS C 352 13.55 -45.48 -11.64
N ALA C 353 14.63 -46.22 -11.35
CA ALA C 353 15.79 -46.18 -12.24
C ALA C 353 15.44 -46.70 -13.62
N ALA C 354 14.55 -47.69 -13.70
CA ALA C 354 14.15 -48.22 -15.00
C ALA C 354 13.38 -47.19 -15.80
N MET C 355 12.39 -46.54 -15.16
CA MET C 355 11.63 -45.54 -15.91
C MET C 355 12.50 -44.35 -16.27
N ASN C 356 13.51 -44.03 -15.45
CA ASN C 356 14.42 -42.95 -15.77
C ASN C 356 15.18 -43.24 -17.05
N ARG C 357 15.76 -44.44 -17.15
CA ARG C 357 16.43 -44.84 -18.38
C ARG C 357 15.46 -44.92 -19.56
N HIS C 358 14.22 -45.35 -19.31
CA HIS C 358 13.21 -45.37 -20.35
C HIS C 358 12.97 -43.97 -20.91
N ALA C 359 12.92 -42.96 -20.04
CA ALA C 359 12.61 -41.60 -20.49
C ALA C 359 13.79 -40.94 -21.18
N ILE C 360 15.00 -41.11 -20.65
CA ILE C 360 16.16 -40.49 -21.28
C ILE C 360 16.33 -41.03 -22.70
N ALA C 361 16.23 -42.35 -22.87
CA ALA C 361 16.38 -42.94 -24.19
C ALA C 361 15.28 -42.48 -25.14
N ALA C 362 14.07 -42.26 -24.63
CA ALA C 362 12.98 -41.80 -25.49
C ALA C 362 13.28 -40.43 -26.06
N VAL C 363 13.92 -39.56 -25.28
CA VAL C 363 14.20 -38.21 -25.75
C VAL C 363 15.36 -38.21 -26.73
N ARG C 364 16.45 -38.90 -26.41
CA ARG C 364 17.57 -39.02 -27.33
C ARG C 364 17.13 -39.56 -28.66
N GLU C 365 16.36 -40.64 -28.62
CA GLU C 365 16.00 -41.36 -29.82
C GLU C 365 15.13 -40.49 -30.73
N GLN C 366 14.12 -39.84 -30.17
CA GLN C 366 13.24 -39.02 -31.01
C GLN C 366 13.92 -37.71 -31.42
N LEU C 367 14.85 -37.21 -30.61
CA LEU C 367 15.67 -36.10 -31.07
C LEU C 367 16.50 -36.51 -32.28
N ALA C 368 17.11 -37.69 -32.23
CA ALA C 368 17.83 -38.22 -33.39
C ALA C 368 16.89 -38.45 -34.56
N ALA C 369 15.68 -38.96 -34.29
CA ALA C 369 14.71 -39.18 -35.36
C ALA C 369 14.18 -37.86 -35.91
N HIS C 370 14.04 -36.83 -35.09
CA HIS C 370 13.42 -35.60 -35.56
C HIS C 370 14.38 -34.84 -36.47
N PRO C 371 13.93 -34.41 -37.64
CA PRO C 371 14.86 -33.81 -38.61
C PRO C 371 15.17 -32.36 -38.28
N LEU C 372 14.14 -31.57 -38.05
CA LEU C 372 14.31 -30.14 -37.88
C LEU C 372 14.90 -29.83 -36.51
N THR C 373 15.88 -28.93 -36.50
CA THR C 373 16.42 -28.43 -35.25
C THR C 373 15.34 -27.71 -34.45
N THR C 374 15.18 -28.07 -33.19
CA THR C 374 14.28 -27.39 -32.27
C THR C 374 15.07 -26.97 -31.03
N GLY C 375 14.45 -26.12 -30.22
CA GLY C 375 15.12 -25.66 -29.01
C GLY C 375 15.53 -26.80 -28.11
N LEU C 376 14.76 -27.90 -28.12
CA LEU C 376 15.17 -29.08 -27.37
C LEU C 376 16.49 -29.64 -27.89
N HIS C 377 16.65 -29.67 -29.23
CA HIS C 377 17.93 -30.07 -29.81
C HIS C 377 19.06 -29.17 -29.34
N VAL C 378 18.80 -27.87 -29.26
CA VAL C 378 19.85 -26.93 -28.85
C VAL C 378 20.21 -27.15 -27.40
N ALA C 379 19.22 -27.41 -26.53
CA ALA C 379 19.51 -27.58 -25.11
C ALA C 379 20.39 -28.80 -24.88
N ALA C 380 20.12 -29.89 -25.60
CA ALA C 380 20.93 -31.08 -25.46
C ALA C 380 22.37 -30.80 -25.88
N ALA C 381 22.56 -30.07 -26.98
CA ALA C 381 23.90 -29.75 -27.43
C ALA C 381 24.63 -28.88 -26.42
N VAL C 382 23.93 -27.92 -25.82
CA VAL C 382 24.56 -27.07 -24.82
C VAL C 382 24.95 -27.88 -23.59
N SER C 383 24.06 -28.78 -23.15
CA SER C 383 24.34 -29.60 -21.98
C SER C 383 25.60 -30.45 -22.19
N HIS C 384 25.68 -31.13 -23.35
CA HIS C 384 26.83 -31.98 -23.63
C HIS C 384 28.13 -31.18 -23.63
N ALA C 385 28.08 -29.92 -24.06
CA ALA C 385 29.27 -29.08 -24.12
C ALA C 385 29.72 -28.57 -22.76
N LEU C 386 28.83 -28.57 -21.76
CA LEU C 386 29.16 -28.02 -20.46
C LEU C 386 30.21 -28.88 -19.75
N ARG C 387 30.95 -28.25 -18.85
CA ARG C 387 31.97 -28.95 -18.08
C ARG C 387 32.05 -28.32 -16.69
N PRO C 388 32.53 -29.05 -15.68
CA PRO C 388 32.56 -28.50 -14.32
C PRO C 388 33.39 -27.23 -14.24
N GLY C 389 32.88 -26.27 -13.45
CA GLY C 389 33.43 -24.93 -13.40
C GLY C 389 32.68 -23.94 -14.25
N ASP C 390 31.81 -24.41 -15.14
CA ASP C 390 30.99 -23.51 -15.95
C ASP C 390 29.87 -22.90 -15.11
N GLN C 391 29.46 -21.71 -15.53
CA GLN C 391 28.21 -21.11 -15.08
C GLN C 391 27.22 -21.12 -16.23
N LEU C 392 26.01 -21.61 -15.97
CA LEU C 392 24.98 -21.71 -17.00
C LEU C 392 23.79 -20.85 -16.61
N VAL C 393 23.49 -19.84 -17.41
CA VAL C 393 22.34 -18.97 -17.20
C VAL C 393 21.23 -19.39 -18.15
N LEU C 394 20.05 -19.68 -17.62
CA LEU C 394 18.94 -20.18 -18.42
C LEU C 394 17.81 -19.17 -18.46
N GLY C 395 17.22 -19.00 -19.65
CA GLY C 395 16.03 -18.21 -19.79
C GLY C 395 14.79 -18.99 -19.41
N ALA C 396 13.68 -18.27 -19.27
CA ALA C 396 12.40 -18.90 -18.97
C ALA C 396 11.86 -19.53 -20.25
N SER C 397 10.60 -19.98 -20.19
CA SER C 397 9.95 -20.67 -21.32
C SER C 397 10.65 -22.00 -21.55
N ASN C 398 10.68 -22.44 -22.80
CA ASN C 398 11.23 -23.77 -23.10
C ASN C 398 12.68 -23.96 -22.71
N PRO C 399 13.58 -22.96 -22.83
CA PRO C 399 14.99 -23.20 -22.45
C PRO C 399 15.21 -23.86 -21.11
N VAL C 400 14.60 -23.35 -20.02
CA VAL C 400 14.89 -23.95 -18.73
C VAL C 400 14.24 -25.32 -18.61
N ARG C 401 13.10 -25.53 -19.28
CA ARG C 401 12.51 -26.87 -19.32
C ARG C 401 13.33 -27.80 -20.18
N ASP C 402 13.77 -27.32 -21.35
CA ASP C 402 14.45 -28.18 -22.30
C ASP C 402 15.74 -28.74 -21.70
N VAL C 403 16.46 -27.92 -20.94
CA VAL C 403 17.65 -28.41 -20.25
C VAL C 403 17.29 -29.53 -19.28
N ALA C 404 16.16 -29.39 -18.59
CA ALA C 404 15.71 -30.46 -17.69
C ALA C 404 15.33 -31.71 -18.47
N LEU C 405 14.74 -31.54 -19.66
CA LEU C 405 14.37 -32.70 -20.45
C LEU C 405 15.57 -33.30 -21.18
N ALA C 406 16.55 -32.47 -21.55
CA ALA C 406 17.81 -33.00 -22.07
C ALA C 406 18.58 -33.78 -21.01
N GLY C 407 18.21 -33.63 -19.74
CA GLY C 407 18.80 -34.44 -18.69
C GLY C 407 20.20 -34.04 -18.27
N LEU C 408 20.47 -32.73 -18.20
CA LEU C 408 21.80 -32.27 -17.81
C LEU C 408 22.12 -32.70 -16.38
N ASP C 409 23.33 -33.20 -16.19
CA ASP C 409 23.87 -33.49 -14.87
C ASP C 409 24.52 -32.21 -14.36
N THR C 410 23.83 -31.52 -13.45
CA THR C 410 24.19 -30.16 -13.07
C THR C 410 25.29 -30.08 -12.02
N ARG C 411 25.79 -31.21 -11.53
CA ARG C 411 26.79 -31.17 -10.46
C ARG C 411 28.13 -30.64 -10.98
N GLY C 412 28.74 -29.74 -10.22
CA GLY C 412 29.93 -29.05 -10.64
C GLY C 412 29.67 -27.78 -11.43
N ILE C 413 28.45 -27.59 -11.91
CA ILE C 413 28.04 -26.42 -12.68
C ILE C 413 27.10 -25.59 -11.83
N ARG C 414 27.26 -24.28 -11.87
CA ARG C 414 26.35 -23.39 -11.15
C ARG C 414 25.33 -22.83 -12.12
N VAL C 415 24.07 -23.20 -11.92
CA VAL C 415 22.97 -22.90 -12.83
C VAL C 415 22.16 -21.74 -12.25
N ARG C 416 21.92 -20.72 -13.08
CA ARG C 416 21.17 -19.54 -12.68
C ARG C 416 19.96 -19.38 -13.58
N SER C 417 18.82 -19.05 -12.98
CA SER C 417 17.62 -18.70 -13.73
C SER C 417 16.73 -17.84 -12.85
N ASN C 418 16.04 -16.88 -13.47
CA ASN C 418 15.19 -15.95 -12.72
C ASN C 418 13.82 -16.59 -12.48
N ARG C 419 13.83 -17.63 -11.65
CA ARG C 419 12.62 -18.42 -11.38
C ARG C 419 11.65 -17.75 -10.41
N GLY C 420 12.04 -16.64 -9.79
CA GLY C 420 11.18 -16.00 -8.80
C GLY C 420 9.80 -15.71 -9.36
N VAL C 421 9.74 -15.05 -10.53
CA VAL C 421 8.52 -14.77 -11.25
C VAL C 421 8.55 -15.32 -12.66
N ALA C 422 9.68 -15.86 -13.11
CA ALA C 422 9.79 -16.57 -14.39
C ALA C 422 9.50 -15.67 -15.59
N GLY C 423 9.91 -14.41 -15.49
CA GLY C 423 9.71 -13.48 -16.59
C GLY C 423 10.67 -13.73 -17.74
N ILE C 424 10.27 -13.26 -18.92
CA ILE C 424 11.15 -13.34 -20.09
C ILE C 424 11.87 -12.02 -20.28
N ASP C 425 11.81 -11.15 -19.28
CA ASP C 425 12.48 -9.86 -19.31
C ASP C 425 13.79 -9.92 -18.54
N GLY C 426 14.76 -9.13 -18.97
CA GLY C 426 16.01 -8.92 -18.26
C GLY C 426 17.03 -10.04 -18.29
N THR C 427 16.89 -11.02 -19.19
CA THR C 427 17.78 -12.18 -19.12
C THR C 427 19.15 -11.90 -19.74
N VAL C 428 19.26 -10.95 -20.66
CA VAL C 428 20.57 -10.62 -21.22
C VAL C 428 21.44 -9.95 -20.16
N SER C 429 20.92 -8.90 -19.53
CA SER C 429 21.69 -8.21 -18.48
C SER C 429 21.91 -9.10 -17.26
N THR C 430 20.94 -9.98 -16.94
CA THR C 430 21.17 -10.96 -15.89
C THR C 430 22.41 -11.80 -16.19
N ALA C 431 22.48 -12.34 -17.41
CA ALA C 431 23.62 -13.17 -17.81
C ALA C 431 24.91 -12.35 -17.83
N ILE C 432 24.85 -11.11 -18.34
CA ILE C 432 26.02 -10.25 -18.32
C ILE C 432 26.48 -9.99 -16.89
N GLY C 433 25.54 -9.70 -15.99
CA GLY C 433 25.92 -9.42 -14.62
C GLY C 433 26.47 -10.63 -13.90
N ALA C 434 25.87 -11.80 -14.16
CA ALA C 434 26.35 -13.02 -13.53
C ALA C 434 27.77 -13.36 -13.98
N ALA C 435 28.06 -13.22 -15.27
CA ALA C 435 29.39 -13.53 -15.79
C ALA C 435 30.43 -12.57 -15.20
N LEU C 436 30.09 -11.29 -15.12
CA LEU C 436 31.00 -10.32 -14.52
C LEU C 436 31.31 -10.68 -13.07
N ALA C 437 30.27 -11.01 -12.30
CA ALA C 437 30.48 -11.34 -10.89
C ALA C 437 31.26 -12.64 -10.75
N TYR C 438 30.92 -13.64 -11.56
CA TYR C 438 31.61 -14.92 -11.48
C TYR C 438 33.07 -14.78 -11.90
N GLU C 439 33.34 -13.95 -12.91
CA GLU C 439 34.71 -13.71 -13.33
C GLU C 439 35.47 -12.91 -12.28
N GLY C 440 34.81 -11.95 -11.65
CA GLY C 440 35.46 -11.23 -10.56
C GLY C 440 35.89 -12.16 -9.43
N ALA C 441 35.09 -13.19 -9.15
CA ALA C 441 35.48 -14.16 -8.15
C ALA C 441 36.73 -14.92 -8.58
N HIS C 442 36.84 -15.23 -9.87
CA HIS C 442 38.01 -15.92 -10.39
C HIS C 442 39.27 -15.06 -10.29
N GLU C 443 39.14 -13.75 -10.40
CA GLU C 443 40.32 -12.90 -10.30
C GLU C 443 40.87 -12.89 -8.88
N ARG C 444 40.00 -12.72 -7.88
CA ARG C 444 40.46 -12.53 -6.51
C ARG C 444 41.16 -13.75 -5.94
N THR C 445 41.02 -14.92 -6.55
CA THR C 445 41.85 -16.05 -6.16
C THR C 445 43.21 -16.05 -6.84
N GLY C 446 43.54 -14.98 -7.58
CA GLY C 446 44.85 -14.84 -8.19
C GLY C 446 45.08 -15.75 -9.38
N ASP C 449 44.43 -18.92 -14.30
CA ASP C 449 44.13 -19.23 -15.70
C ASP C 449 43.11 -18.24 -16.25
N SER C 450 42.55 -18.55 -17.43
CA SER C 450 41.53 -17.69 -18.01
C SER C 450 40.21 -17.89 -17.26
N PRO C 451 39.39 -16.85 -17.17
CA PRO C 451 38.22 -16.93 -16.29
C PRO C 451 37.27 -18.02 -16.73
N PRO C 452 36.51 -18.59 -15.80
CA PRO C 452 35.59 -19.67 -16.15
C PRO C 452 34.56 -19.22 -17.17
N ARG C 453 34.08 -20.18 -17.96
CA ARG C 453 33.06 -19.88 -18.96
C ARG C 453 31.72 -19.63 -18.30
N THR C 454 30.97 -18.67 -18.84
CA THR C 454 29.56 -18.50 -18.52
C THR C 454 28.78 -18.62 -19.82
N ILE C 455 27.85 -19.56 -19.87
CA ILE C 455 27.07 -19.84 -21.07
C ILE C 455 25.60 -19.63 -20.74
N ALA C 456 24.91 -18.87 -21.59
CA ALA C 456 23.50 -18.57 -21.42
C ALA C 456 22.72 -19.14 -22.60
N LEU C 457 21.66 -19.88 -22.31
CA LEU C 457 20.74 -20.37 -23.33
C LEU C 457 19.40 -19.67 -23.15
N ILE C 458 19.00 -18.87 -24.13
CA ILE C 458 17.75 -18.14 -24.06
C ILE C 458 17.01 -18.27 -25.39
N GLY C 459 15.70 -18.04 -25.35
CA GLY C 459 14.90 -18.07 -26.54
C GLY C 459 14.92 -16.74 -27.27
N ASP C 460 14.32 -16.74 -28.46
CA ASP C 460 14.41 -15.56 -29.32
C ASP C 460 13.59 -14.40 -28.77
N LEU C 461 12.37 -14.66 -28.27
CA LEU C 461 11.58 -13.60 -27.67
C LEU C 461 12.29 -13.03 -26.44
N THR C 462 12.85 -13.90 -25.60
CA THR C 462 13.60 -13.45 -24.44
C THR C 462 14.76 -12.55 -24.85
N PHE C 463 15.50 -12.95 -25.90
CA PHE C 463 16.61 -12.16 -26.38
C PHE C 463 16.14 -10.79 -26.85
N VAL C 464 15.03 -10.74 -27.59
CA VAL C 464 14.53 -9.47 -28.11
C VAL C 464 14.07 -8.59 -26.97
N HIS C 465 13.42 -9.18 -25.96
CA HIS C 465 12.91 -8.43 -24.82
C HIS C 465 14.00 -7.55 -24.20
N ASP C 466 15.15 -8.14 -23.88
CA ASP C 466 16.23 -7.46 -23.18
C ASP C 466 17.43 -7.22 -24.09
N SER C 467 17.18 -6.98 -25.38
CA SER C 467 18.28 -6.83 -26.32
C SER C 467 19.12 -5.59 -26.03
N SER C 468 18.56 -4.60 -25.34
CA SER C 468 19.35 -3.43 -25.00
C SER C 468 20.38 -3.69 -23.91
N GLY C 469 20.34 -4.85 -23.24
CA GLY C 469 21.44 -5.21 -22.37
C GLY C 469 22.77 -5.32 -23.10
N LEU C 470 22.71 -5.53 -24.42
CA LEU C 470 23.93 -5.65 -25.21
C LEU C 470 24.69 -4.33 -25.31
N LEU C 471 24.04 -3.20 -25.06
CA LEU C 471 24.65 -1.89 -25.22
C LEU C 471 25.48 -1.55 -23.99
N ILE C 472 26.80 -1.75 -24.10
CA ILE C 472 27.73 -1.49 -23.00
C ILE C 472 28.76 -0.49 -23.49
N GLY C 473 28.89 0.62 -22.77
CA GLY C 473 29.84 1.65 -23.11
C GLY C 473 31.27 1.18 -23.00
N PRO C 474 32.19 1.89 -23.65
CA PRO C 474 33.61 1.52 -23.56
C PRO C 474 34.16 1.66 -22.16
N THR C 475 33.61 2.58 -21.36
CA THR C 475 34.07 2.79 -19.99
C THR C 475 33.54 1.75 -19.02
N GLU C 476 32.64 0.87 -19.44
CA GLU C 476 31.99 -0.01 -18.50
C GLU C 476 32.61 -1.40 -18.53
N PRO C 477 32.51 -2.14 -17.42
CA PRO C 477 33.07 -3.49 -17.40
C PRO C 477 32.30 -4.42 -18.33
N ILE C 478 33.04 -5.24 -19.07
CA ILE C 478 32.46 -6.20 -20.01
C ILE C 478 32.96 -7.60 -19.67
N PRO C 479 32.11 -8.62 -19.70
CA PRO C 479 32.55 -9.99 -19.39
C PRO C 479 33.53 -10.53 -20.42
N ARG C 480 34.42 -11.41 -19.94
CA ARG C 480 35.46 -11.98 -20.78
C ARG C 480 35.06 -13.33 -21.38
N SER C 481 34.32 -14.14 -20.65
CA SER C 481 34.00 -15.49 -21.10
C SER C 481 32.50 -15.73 -21.14
N LEU C 482 31.74 -14.75 -21.61
CA LEU C 482 30.29 -14.90 -21.73
C LEU C 482 29.97 -15.29 -23.16
N THR C 483 29.27 -16.41 -23.31
CA THR C 483 28.67 -16.80 -24.57
C THR C 483 27.17 -16.93 -24.37
N ILE C 484 26.40 -16.25 -25.21
CA ILE C 484 24.94 -16.29 -25.15
C ILE C 484 24.45 -17.06 -26.37
N VAL C 485 23.85 -18.23 -26.14
CA VAL C 485 23.26 -19.03 -27.21
C VAL C 485 21.79 -18.68 -27.31
N VAL C 486 21.37 -18.17 -28.46
CA VAL C 486 19.97 -17.85 -28.72
C VAL C 486 19.40 -18.91 -29.64
N SER C 487 18.44 -19.69 -29.13
CA SER C 487 17.74 -20.68 -29.93
C SER C 487 16.49 -20.03 -30.50
N ASN C 488 16.51 -19.75 -31.80
CA ASN C 488 15.50 -18.92 -32.44
C ASN C 488 14.58 -19.80 -33.28
N ASP C 489 13.38 -20.07 -32.75
CA ASP C 489 12.29 -20.59 -33.56
C ASP C 489 11.30 -19.51 -33.95
N ASN C 490 11.77 -18.26 -34.02
CA ASN C 490 10.96 -17.11 -34.44
C ASN C 490 9.62 -17.08 -33.72
N GLY C 491 9.68 -17.09 -32.39
CA GLY C 491 8.49 -16.97 -31.58
C GLY C 491 8.61 -17.77 -30.30
N GLY C 492 7.48 -17.89 -29.61
CA GLY C 492 7.44 -18.63 -28.36
C GLY C 492 7.08 -20.09 -28.56
N GLY C 493 8.09 -20.97 -28.54
CA GLY C 493 7.83 -22.38 -28.75
C GLY C 493 6.97 -23.01 -27.68
N ILE C 494 6.91 -22.41 -26.49
CA ILE C 494 6.23 -23.06 -25.37
C ILE C 494 4.73 -23.14 -25.61
N PHE C 495 4.15 -22.17 -26.30
CA PHE C 495 2.72 -22.21 -26.52
C PHE C 495 2.31 -23.27 -27.53
N GLU C 496 3.28 -23.85 -28.25
CA GLU C 496 3.01 -25.02 -29.06
C GLU C 496 2.77 -26.26 -28.23
N LEU C 497 3.24 -26.29 -26.98
CA LEU C 497 3.08 -27.45 -26.11
C LEU C 497 1.87 -27.37 -25.20
N LEU C 498 1.16 -26.25 -25.21
CA LEU C 498 0.04 -26.05 -24.30
C LEU C 498 -1.29 -26.27 -25.03
N GLU C 499 -2.38 -26.05 -24.30
CA GLU C 499 -3.71 -26.30 -24.85
C GLU C 499 -4.02 -25.38 -26.03
N GLN C 500 -3.48 -24.16 -26.04
CA GLN C 500 -3.69 -23.29 -27.20
C GLN C 500 -2.87 -23.73 -28.41
N GLY C 501 -1.89 -24.63 -28.23
CA GLY C 501 -1.18 -25.22 -29.35
C GLY C 501 -1.94 -26.31 -30.06
N ASP C 502 -3.07 -26.73 -29.52
CA ASP C 502 -3.91 -27.73 -30.16
C ASP C 502 -4.24 -27.28 -31.57
N PRO C 503 -4.26 -28.20 -32.53
CA PRO C 503 -4.55 -27.80 -33.92
C PRO C 503 -5.96 -27.28 -34.15
N ARG C 504 -6.91 -27.56 -33.25
CA ARG C 504 -8.20 -26.88 -33.37
C ARG C 504 -8.04 -25.38 -33.26
N PHE C 505 -6.91 -24.91 -32.73
CA PHE C 505 -6.56 -23.51 -32.65
C PHE C 505 -5.49 -23.11 -33.67
N SER C 506 -5.27 -23.95 -34.68
CA SER C 506 -4.28 -23.63 -35.71
C SER C 506 -4.59 -22.29 -36.37
N ASP C 507 -5.88 -21.99 -36.53
CA ASP C 507 -6.28 -20.78 -37.25
C ASP C 507 -6.00 -19.50 -36.47
N VAL C 508 -5.84 -19.57 -35.15
CA VAL C 508 -5.84 -18.36 -34.34
C VAL C 508 -4.66 -18.30 -33.38
N SER C 509 -3.94 -19.41 -33.20
CA SER C 509 -2.90 -19.41 -32.17
C SER C 509 -1.63 -18.72 -32.62
N SER C 510 -1.37 -18.66 -33.92
CA SER C 510 -0.09 -18.16 -34.41
C SER C 510 0.12 -16.70 -34.02
N ARG C 511 -0.89 -15.87 -34.21
CA ARG C 511 -0.72 -14.44 -34.02
C ARG C 511 -0.74 -14.05 -32.54
N ILE C 512 -1.64 -14.62 -31.75
CA ILE C 512 -1.75 -14.22 -30.35
C ILE C 512 -0.87 -15.03 -29.41
N PHE C 513 -0.35 -16.17 -29.85
CA PHE C 513 0.55 -16.96 -29.03
C PHE C 513 1.90 -17.21 -29.67
N GLY C 514 1.93 -17.56 -30.96
CA GLY C 514 3.21 -17.78 -31.62
C GLY C 514 4.03 -16.51 -31.74
N THR C 515 3.38 -15.37 -31.93
CA THR C 515 3.98 -14.05 -32.07
C THR C 515 5.29 -14.10 -32.89
N PRO C 516 5.22 -14.49 -34.16
CA PRO C 516 6.43 -14.43 -34.99
C PRO C 516 6.85 -12.99 -35.20
N HIS C 517 8.16 -12.77 -35.41
CA HIS C 517 8.68 -11.42 -35.44
C HIS C 517 9.72 -11.15 -36.53
N ASP C 518 10.51 -12.14 -36.94
CA ASP C 518 11.47 -12.02 -38.04
C ASP C 518 12.63 -11.08 -37.72
N VAL C 519 13.05 -10.94 -36.47
CA VAL C 519 14.17 -10.04 -36.23
C VAL C 519 15.44 -10.68 -36.78
N ASP C 520 16.36 -9.83 -37.25
CA ASP C 520 17.68 -10.26 -37.70
C ASP C 520 18.61 -10.12 -36.50
N VAL C 521 18.88 -11.23 -35.82
CA VAL C 521 19.74 -11.19 -34.64
C VAL C 521 21.14 -10.71 -35.02
N GLY C 522 21.66 -11.18 -36.15
CA GLY C 522 22.99 -10.75 -36.57
C GLY C 522 23.10 -9.25 -36.74
N ALA C 523 22.08 -8.65 -37.36
CA ALA C 523 22.10 -7.20 -37.54
C ALA C 523 22.05 -6.49 -36.19
N LEU C 524 21.22 -6.99 -35.27
CA LEU C 524 21.07 -6.38 -33.97
C LEU C 524 22.37 -6.42 -33.19
N CYS C 525 23.04 -7.59 -33.17
CA CYS C 525 24.30 -7.68 -32.46
C CYS C 525 25.37 -6.81 -33.11
N ARG C 526 25.32 -6.68 -34.45
CA ARG C 526 26.30 -5.83 -35.12
C ARG C 526 26.10 -4.38 -34.74
N ALA C 527 24.84 -3.96 -34.55
CA ALA C 527 24.56 -2.57 -34.22
C ALA C 527 25.20 -2.17 -32.90
N TYR C 528 25.16 -3.07 -31.92
CA TYR C 528 25.78 -2.82 -30.63
C TYR C 528 27.23 -3.25 -30.57
N HIS C 529 27.78 -3.71 -31.70
CA HIS C 529 29.19 -4.09 -31.80
C HIS C 529 29.50 -5.28 -30.89
N VAL C 530 28.60 -6.26 -30.90
CA VAL C 530 28.78 -7.52 -30.19
C VAL C 530 28.91 -8.62 -31.25
N GLU C 531 30.00 -9.39 -31.16
CA GLU C 531 30.22 -10.46 -32.12
C GLU C 531 29.09 -11.48 -32.06
N SER C 532 28.56 -11.84 -33.22
CA SER C 532 27.51 -12.84 -33.28
C SER C 532 27.70 -13.72 -34.50
N ARG C 533 27.02 -14.86 -34.48
CA ARG C 533 27.22 -15.91 -35.45
C ARG C 533 26.00 -16.79 -35.52
N GLN C 534 25.70 -17.27 -36.73
CA GLN C 534 24.79 -18.39 -36.91
C GLN C 534 25.58 -19.68 -36.95
N ILE C 535 25.16 -20.66 -36.15
CA ILE C 535 25.76 -21.99 -36.18
C ILE C 535 24.64 -23.02 -36.08
N GLU C 536 24.97 -24.25 -36.42
CA GLU C 536 24.08 -25.38 -36.28
C GLU C 536 24.43 -26.15 -35.02
N VAL C 537 23.47 -26.96 -34.55
CA VAL C 537 23.61 -27.58 -33.24
C VAL C 537 24.87 -28.43 -33.15
N ASP C 538 25.27 -29.05 -34.26
CA ASP C 538 26.41 -29.95 -34.22
C ASP C 538 27.73 -29.18 -34.15
N GLU C 539 27.72 -27.90 -34.51
CA GLU C 539 28.91 -27.05 -34.40
C GLU C 539 29.00 -26.32 -33.07
N LEU C 540 28.05 -26.53 -32.16
CA LEU C 540 27.97 -25.71 -30.95
C LEU C 540 29.11 -26.00 -29.99
N GLY C 541 29.33 -27.26 -29.65
CA GLY C 541 30.38 -27.66 -28.75
C GLY C 541 31.76 -27.17 -29.15
N PRO C 542 32.17 -27.45 -30.39
CA PRO C 542 33.46 -26.92 -30.87
C PRO C 542 33.60 -25.42 -30.78
N THR C 543 32.54 -24.66 -31.11
CA THR C 543 32.60 -23.21 -31.01
C THR C 543 32.70 -22.76 -29.56
N LEU C 544 31.95 -23.40 -28.65
CA LEU C 544 31.98 -23.01 -27.25
C LEU C 544 33.33 -23.31 -26.59
N ASP C 545 34.03 -24.35 -27.06
CA ASP C 545 35.30 -24.71 -26.46
C ASP C 545 36.31 -23.56 -26.54
N GLN C 546 36.34 -22.92 -27.57
CA GLN C 546 37.42 -21.97 -27.73
C GLN C 546 37.01 -20.58 -27.26
N PRO C 547 37.93 -19.90 -26.56
CA PRO C 547 37.52 -18.79 -25.69
C PRO C 547 36.75 -17.71 -26.40
N GLY C 548 37.10 -17.40 -27.64
CA GLY C 548 36.41 -16.36 -28.36
C GLY C 548 36.79 -14.99 -27.86
N ALA C 549 36.62 -13.97 -28.71
CA ALA C 549 36.93 -12.59 -28.34
C ALA C 549 35.82 -12.10 -27.41
N GLY C 550 35.91 -12.53 -26.16
CA GLY C 550 35.09 -11.94 -25.11
C GLY C 550 33.63 -12.30 -25.22
N MET C 551 32.78 -11.28 -25.08
CA MET C 551 31.34 -11.46 -25.04
C MET C 551 30.81 -11.70 -26.45
N ARG C 552 30.10 -12.81 -26.65
CA ARG C 552 29.63 -13.18 -27.97
C ARG C 552 28.25 -13.81 -27.90
N VAL C 553 27.55 -13.74 -29.03
CA VAL C 553 26.23 -14.33 -29.21
C VAL C 553 26.34 -15.38 -30.29
N LEU C 554 25.82 -16.58 -30.04
CA LEU C 554 25.69 -17.60 -31.06
C LEU C 554 24.22 -17.89 -31.27
N GLU C 555 23.74 -17.67 -32.49
CA GLU C 555 22.34 -17.91 -32.82
C GLU C 555 22.22 -19.25 -33.55
N VAL C 556 21.27 -20.06 -33.11
CA VAL C 556 20.97 -21.34 -33.74
C VAL C 556 19.53 -21.29 -34.23
N LYS C 557 19.34 -21.57 -35.51
CA LYS C 557 18.01 -21.52 -36.09
C LYS C 557 17.22 -22.75 -35.66
N ALA C 558 15.95 -22.53 -35.27
CA ALA C 558 15.13 -23.60 -34.75
C ALA C 558 13.72 -23.49 -35.30
N ASP C 559 12.98 -24.59 -35.17
CA ASP C 559 11.63 -24.73 -35.69
C ASP C 559 10.68 -25.07 -34.55
N ARG C 560 9.51 -24.43 -34.54
CA ARG C 560 8.50 -24.73 -33.55
C ARG C 560 7.23 -25.29 -34.14
N SER C 561 7.15 -25.42 -35.48
CA SER C 561 5.97 -26.03 -36.08
C SER C 561 5.89 -27.51 -35.76
N SER C 562 7.04 -28.18 -35.63
CA SER C 562 7.10 -29.60 -35.33
C SER C 562 7.31 -29.88 -33.84
N LEU C 563 7.21 -28.85 -33.00
CA LEU C 563 7.50 -29.02 -31.58
C LEU C 563 6.45 -29.88 -30.88
N ARG C 564 5.18 -29.68 -31.19
CA ARG C 564 4.13 -30.45 -30.53
C ARG C 564 4.22 -31.93 -30.89
N GLN C 565 4.46 -32.23 -32.17
CA GLN C 565 4.65 -33.62 -32.58
C GLN C 565 5.89 -34.21 -31.93
N LEU C 566 7.00 -33.45 -31.89
CA LEU C 566 8.23 -33.96 -31.30
C LEU C 566 8.01 -34.40 -29.85
N HIS C 567 7.30 -33.58 -29.06
CA HIS C 567 6.95 -34.00 -27.71
C HIS C 567 5.93 -35.12 -27.72
N ALA C 568 4.98 -35.07 -28.66
CA ALA C 568 4.05 -36.18 -28.83
C ALA C 568 4.80 -37.48 -29.11
N ALA C 569 5.85 -37.44 -29.94
CA ALA C 569 6.65 -38.63 -30.23
C ALA C 569 7.38 -39.14 -28.99
N ILE C 570 7.88 -38.22 -28.16
CA ILE C 570 8.69 -38.62 -27.01
C ILE C 570 7.84 -39.36 -25.97
N LYS C 571 6.70 -38.79 -25.60
CA LYS C 571 5.80 -39.52 -24.69
C LYS C 571 5.19 -40.73 -25.38
N ALA C 572 4.84 -40.63 -26.67
CA ALA C 572 4.36 -41.81 -27.40
C ALA C 572 5.32 -42.98 -27.32
N ALA C 573 6.59 -42.71 -26.99
CA ALA C 573 7.58 -43.75 -26.72
C ALA C 573 7.72 -44.04 -25.23
N LEU C 574 6.62 -43.95 -24.48
CA LEU C 574 6.67 -44.15 -23.03
C LEU C 574 5.46 -44.91 -22.49
N ASN D 22 14.12 32.22 13.57
CA ASN D 22 13.94 30.79 13.37
C ASN D 22 13.06 30.52 12.15
N PRO D 23 13.57 29.71 11.21
CA PRO D 23 12.81 29.46 9.98
C PRO D 23 11.55 28.66 10.25
N SER D 24 11.67 27.60 11.05
CA SER D 24 10.51 26.78 11.40
C SER D 24 9.39 27.63 11.98
N THR D 25 9.73 28.51 12.91
CA THR D 25 8.73 29.33 13.58
C THR D 25 7.95 30.18 12.58
N THR D 26 8.67 30.87 11.69
CA THR D 26 8.02 31.67 10.66
C THR D 26 7.10 30.83 9.80
N GLN D 27 7.60 29.66 9.36
CA GLN D 27 6.81 28.76 8.55
C GLN D 27 5.50 28.39 9.23
N ALA D 28 5.58 28.09 10.52
CA ALA D 28 4.41 27.63 11.25
C ALA D 28 3.33 28.71 11.32
N ARG D 29 3.73 29.97 11.54
CA ARG D 29 2.73 31.04 11.62
C ARG D 29 2.12 31.31 10.26
N VAL D 30 2.91 31.18 9.19
CA VAL D 30 2.38 31.36 7.84
C VAL D 30 1.38 30.25 7.52
N VAL D 31 1.72 29.01 7.83
CA VAL D 31 0.81 27.90 7.57
C VAL D 31 -0.48 28.06 8.36
N VAL D 32 -0.36 28.36 9.66
CA VAL D 32 -1.54 28.52 10.50
C VAL D 32 -2.39 29.69 10.00
N ASP D 33 -1.73 30.78 9.58
CA ASP D 33 -2.48 31.92 9.06
C ASP D 33 -3.22 31.58 7.78
N GLU D 34 -2.59 30.82 6.88
CA GLU D 34 -3.26 30.46 5.63
C GLU D 34 -4.38 29.46 5.87
N LEU D 35 -4.21 28.55 6.83
CA LEU D 35 -5.31 27.65 7.20
C LEU D 35 -6.52 28.44 7.68
N ILE D 36 -6.29 29.43 8.54
CA ILE D 36 -7.38 30.27 9.04
C ILE D 36 -8.07 30.98 7.88
N ARG D 37 -7.28 31.57 6.97
CA ARG D 37 -7.84 32.18 5.77
C ARG D 37 -8.65 31.18 4.98
N GLY D 38 -8.25 29.91 4.98
CA GLY D 38 -9.00 28.87 4.29
C GLY D 38 -10.27 28.44 4.97
N GLY D 39 -10.58 28.98 6.14
CA GLY D 39 -11.80 28.65 6.82
C GLY D 39 -11.68 27.63 7.94
N VAL D 40 -10.47 27.32 8.38
CA VAL D 40 -10.29 26.41 9.51
C VAL D 40 -10.55 27.19 10.80
N ARG D 41 -11.63 26.82 11.49
CA ARG D 41 -12.03 27.43 12.76
C ARG D 41 -11.59 26.63 13.98
N ASP D 42 -11.47 25.31 13.84
CA ASP D 42 -11.24 24.42 14.95
C ASP D 42 -10.11 23.46 14.62
N VAL D 43 -9.24 23.22 15.58
CA VAL D 43 -8.17 22.24 15.45
C VAL D 43 -8.18 21.35 16.67
N VAL D 44 -8.05 20.05 16.46
CA VAL D 44 -8.09 19.06 17.52
C VAL D 44 -6.67 18.53 17.73
N LEU D 45 -6.25 18.48 19.00
CA LEU D 45 -4.90 18.06 19.34
C LEU D 45 -4.94 16.98 20.40
N CYS D 46 -3.93 16.13 20.38
CA CYS D 46 -3.74 15.14 21.44
C CYS D 46 -2.32 15.27 21.95
N PRO D 47 -2.12 15.29 23.27
CA PRO D 47 -0.76 15.26 23.80
C PRO D 47 -0.07 13.96 23.41
N GLY D 48 1.22 14.07 23.10
CA GLY D 48 1.95 12.89 22.70
C GLY D 48 3.40 12.91 23.14
N SER D 49 4.18 11.97 22.59
CA SER D 49 5.60 11.92 22.92
C SER D 49 6.30 13.21 22.55
N ARG D 50 5.95 13.77 21.40
CA ARG D 50 6.67 14.90 20.88
C ARG D 50 5.72 16.06 20.62
N ASN D 51 6.31 17.20 20.25
CA ASN D 51 5.54 18.43 20.16
C ASN D 51 4.70 18.44 18.88
N ALA D 52 3.43 18.81 19.03
CA ALA D 52 2.46 18.75 17.96
C ALA D 52 2.93 19.57 16.76
N PRO D 53 2.40 19.26 15.57
CA PRO D 53 2.65 20.12 14.41
C PRO D 53 2.20 21.55 14.70
N LEU D 54 3.06 22.52 14.38
CA LEU D 54 2.71 23.94 14.44
C LEU D 54 2.17 24.34 15.81
N ALA D 55 2.74 23.75 16.87
CA ALA D 55 2.14 23.88 18.20
C ALA D 55 2.14 25.32 18.70
N PHE D 56 3.27 26.02 18.53
CA PHE D 56 3.33 27.38 19.06
C PHE D 56 2.49 28.34 18.23
N ALA D 57 2.49 28.16 16.90
CA ALA D 57 1.64 28.98 16.04
C ALA D 57 0.16 28.74 16.35
N LEU D 58 -0.23 27.48 16.55
CA LEU D 58 -1.61 27.18 16.91
C LEU D 58 -1.97 27.76 18.27
N GLN D 59 -1.02 27.72 19.20
CA GLN D 59 -1.26 28.26 20.53
C GLN D 59 -1.49 29.77 20.49
N ASP D 60 -0.68 30.50 19.72
CA ASP D 60 -0.92 31.94 19.57
C ASP D 60 -2.30 32.21 18.98
N ALA D 61 -2.67 31.49 17.93
CA ALA D 61 -3.94 31.74 17.26
C ALA D 61 -5.14 31.45 18.15
N ASP D 62 -5.02 30.48 19.07
CA ASP D 62 -6.14 30.20 19.96
C ASP D 62 -6.28 31.27 21.04
N ARG D 63 -5.16 31.95 21.39
CA ARG D 63 -5.25 33.05 22.35
C ARG D 63 -5.97 34.25 21.75
N SER D 64 -5.59 34.61 20.53
CA SER D 64 -6.20 35.71 19.81
C SER D 64 -7.65 35.45 19.47
N GLY D 65 -8.17 34.26 19.76
CA GLY D 65 -9.49 33.89 19.29
C GLY D 65 -9.59 33.69 17.81
N ARG D 66 -8.47 33.67 17.08
CA ARG D 66 -8.51 33.44 15.64
C ARG D 66 -8.85 32.00 15.31
N ILE D 67 -8.42 31.05 16.15
CA ILE D 67 -8.67 29.64 15.96
C ILE D 67 -9.04 29.06 17.32
N ARG D 68 -9.78 27.96 17.31
CA ARG D 68 -10.20 27.33 18.56
C ARG D 68 -9.65 25.92 18.64
N LEU D 69 -8.98 25.60 19.75
CA LEU D 69 -8.35 24.31 19.95
C LEU D 69 -9.20 23.42 20.84
N HIS D 70 -9.12 22.12 20.60
CA HIS D 70 -9.77 21.08 21.38
C HIS D 70 -8.75 19.99 21.68
N VAL D 71 -8.58 19.66 22.94
CA VAL D 71 -7.57 18.69 23.36
C VAL D 71 -8.27 17.51 24.03
N ARG D 72 -7.84 16.31 23.65
CA ARG D 72 -8.32 15.07 24.26
C ARG D 72 -7.12 14.15 24.47
N ILE D 73 -7.25 13.24 25.42
CA ILE D 73 -6.23 12.21 25.59
C ILE D 73 -6.47 11.05 24.63
N ASP D 74 -7.74 10.67 24.44
CA ASP D 74 -8.10 9.56 23.57
C ASP D 74 -7.98 9.99 22.12
N GLU D 75 -7.09 9.34 21.39
CA GLU D 75 -6.81 9.74 20.02
C GLU D 75 -7.93 9.31 19.07
N ARG D 76 -8.55 8.16 19.33
CA ARG D 76 -9.67 7.74 18.49
C ARG D 76 -10.83 8.69 18.61
N THR D 77 -11.22 9.03 19.83
CA THR D 77 -12.33 9.96 20.01
C THR D 77 -11.98 11.35 19.47
N ALA D 78 -10.67 11.67 19.40
CA ALA D 78 -10.26 12.98 18.92
C ALA D 78 -10.49 13.12 17.42
N GLY D 79 -10.25 12.05 16.65
CA GLY D 79 -10.53 12.12 15.23
C GLY D 79 -12.02 12.27 14.94
N TYR D 80 -12.86 11.57 15.70
CA TYR D 80 -14.30 11.69 15.50
C TYR D 80 -14.81 13.04 15.98
N LEU D 81 -14.18 13.62 17.01
CA LEU D 81 -14.50 14.99 17.38
C LEU D 81 -14.23 15.94 16.21
N ALA D 82 -13.14 15.71 15.49
CA ALA D 82 -12.83 16.54 14.34
C ALA D 82 -13.84 16.34 13.22
N ILE D 83 -14.25 15.10 12.97
CA ILE D 83 -15.30 14.84 12.00
C ILE D 83 -16.55 15.62 12.35
N GLY D 84 -16.95 15.61 13.63
CA GLY D 84 -18.10 16.38 14.06
C GLY D 84 -17.92 17.88 13.85
N LEU D 85 -16.76 18.42 14.21
CA LEU D 85 -16.50 19.84 13.96
C LEU D 85 -16.51 20.17 12.47
N ALA D 86 -16.25 19.19 11.61
CA ALA D 86 -16.28 19.43 10.17
C ALA D 86 -17.70 19.38 9.62
N ILE D 87 -18.50 18.40 10.06
CA ILE D 87 -19.86 18.27 9.54
C ILE D 87 -20.85 19.21 10.21
N GLY D 88 -20.48 19.86 11.29
CA GLY D 88 -21.40 20.75 11.98
C GLY D 88 -21.79 21.97 11.16
N ALA D 89 -20.82 22.57 10.47
CA ALA D 89 -21.08 23.73 9.63
C ALA D 89 -20.41 23.62 8.26
N GLY D 90 -19.80 22.50 7.95
CA GLY D 90 -19.17 22.32 6.66
C GLY D 90 -17.78 22.90 6.53
N ALA D 91 -17.06 23.00 7.62
CA ALA D 91 -15.75 23.63 7.57
C ALA D 91 -14.63 22.59 7.63
N PRO D 92 -13.53 22.80 6.92
CA PRO D 92 -12.38 21.90 7.07
C PRO D 92 -11.79 21.99 8.48
N VAL D 93 -11.38 20.84 9.00
CA VAL D 93 -10.90 20.72 10.38
C VAL D 93 -9.54 20.04 10.35
N CYS D 94 -8.63 20.50 11.21
CA CYS D 94 -7.30 19.92 11.34
C CYS D 94 -7.22 19.08 12.60
N VAL D 95 -6.51 17.95 12.51
CA VAL D 95 -6.11 17.17 13.67
C VAL D 95 -4.60 17.09 13.65
N ALA D 96 -3.97 17.64 14.67
CA ALA D 96 -2.52 17.60 14.81
C ALA D 96 -2.21 16.56 15.87
N MET D 97 -1.82 15.36 15.44
CA MET D 97 -1.59 14.29 16.39
C MET D 97 -0.24 13.64 16.15
N THR D 98 0.42 13.29 17.25
CA THR D 98 1.87 13.31 17.34
C THR D 98 2.36 12.22 18.29
N SER D 99 2.13 10.95 17.93
CA SER D 99 2.54 9.86 18.79
C SER D 99 2.71 8.59 17.98
N GLY D 100 3.18 7.54 18.65
CA GLY D 100 3.37 6.26 18.00
C GLY D 100 2.13 5.42 17.83
N THR D 101 1.01 5.85 18.39
CA THR D 101 -0.28 5.20 18.18
C THR D 101 -1.26 6.14 17.48
N ALA D 102 -0.79 7.30 17.04
CA ALA D 102 -1.67 8.31 16.45
C ALA D 102 -2.33 7.81 15.18
N VAL D 103 -1.53 7.21 14.29
CA VAL D 103 -2.07 6.76 13.01
C VAL D 103 -3.07 5.63 13.22
N ALA D 104 -2.78 4.72 14.15
CA ALA D 104 -3.67 3.59 14.36
C ALA D 104 -5.00 4.05 14.94
N ASN D 105 -4.97 4.98 15.88
CA ASN D 105 -6.20 5.44 16.52
C ASN D 105 -7.01 6.36 15.59
N LEU D 106 -6.33 7.11 14.71
CA LEU D 106 -7.03 8.01 13.79
C LEU D 106 -7.61 7.30 12.57
N GLY D 107 -7.20 6.06 12.30
CA GLY D 107 -7.69 5.31 11.16
C GLY D 107 -9.20 5.28 10.97
N PRO D 108 -9.95 4.90 12.02
CA PRO D 108 -11.42 4.90 11.89
C PRO D 108 -11.98 6.23 11.44
N ALA D 109 -11.50 7.33 12.02
CA ALA D 109 -11.97 8.66 11.63
C ALA D 109 -11.60 8.99 10.20
N VAL D 110 -10.41 8.58 9.75
CA VAL D 110 -9.96 8.90 8.40
C VAL D 110 -10.76 8.09 7.38
N VAL D 111 -11.01 6.81 7.68
CA VAL D 111 -11.84 6.00 6.78
C VAL D 111 -13.22 6.61 6.64
N GLU D 112 -13.80 7.07 7.75
CA GLU D 112 -15.12 7.71 7.70
C GLU D 112 -15.06 9.02 6.93
N ALA D 113 -14.01 9.81 7.15
CA ALA D 113 -13.86 11.06 6.41
C ALA D 113 -13.75 10.80 4.91
N ASN D 114 -13.15 9.68 4.53
CA ASN D 114 -13.02 9.32 3.13
C ASN D 114 -14.37 8.94 2.53
N TYR D 115 -15.09 8.03 3.17
CA TYR D 115 -16.34 7.56 2.58
C TYR D 115 -17.49 8.55 2.75
N ALA D 116 -17.48 9.36 3.80
CA ALA D 116 -18.50 10.40 3.95
C ALA D 116 -18.08 11.73 3.34
N ARG D 117 -16.85 11.85 2.84
CA ARG D 117 -16.35 13.05 2.16
C ARG D 117 -16.35 14.27 3.09
N VAL D 118 -15.64 14.16 4.20
CA VAL D 118 -15.57 15.29 5.13
C VAL D 118 -14.13 15.81 5.14
N PRO D 119 -13.95 17.13 5.11
CA PRO D 119 -12.60 17.69 4.94
C PRO D 119 -11.76 17.65 6.21
N LEU D 120 -10.98 16.59 6.37
CA LEU D 120 -10.20 16.35 7.59
C LEU D 120 -8.72 16.41 7.24
N ILE D 121 -8.03 17.43 7.72
CA ILE D 121 -6.61 17.60 7.44
C ILE D 121 -5.83 17.02 8.61
N VAL D 122 -5.10 15.93 8.36
CA VAL D 122 -4.29 15.29 9.39
C VAL D 122 -2.90 15.87 9.33
N LEU D 123 -2.48 16.52 10.42
CA LEU D 123 -1.20 17.21 10.47
C LEU D 123 -0.16 16.32 11.14
N SER D 124 1.01 16.26 10.54
CA SER D 124 2.12 15.49 11.08
C SER D 124 3.39 16.32 10.93
N ALA D 125 4.47 15.85 11.57
CA ALA D 125 5.74 16.57 11.53
C ALA D 125 6.85 15.54 11.54
N ASN D 126 7.39 15.25 10.36
CA ASN D 126 8.53 14.34 10.23
C ASN D 126 9.81 15.03 10.69
N ARG D 127 10.79 14.22 11.08
CA ARG D 127 12.14 14.69 11.41
C ARG D 127 13.11 14.18 10.36
N PRO D 128 13.43 14.96 9.34
CA PRO D 128 14.41 14.49 8.35
C PRO D 128 15.79 14.23 8.92
N TYR D 129 16.11 14.81 10.08
CA TYR D 129 17.40 14.58 10.71
C TYR D 129 17.45 13.31 11.54
N GLU D 130 16.35 12.58 11.62
CA GLU D 130 16.30 11.33 12.38
C GLU D 130 16.12 10.15 11.44
N LEU D 131 16.59 9.00 11.89
CA LEU D 131 16.49 7.76 11.11
C LEU D 131 15.06 7.26 11.08
N LEU D 132 14.77 6.43 10.07
CA LEU D 132 13.48 5.80 9.90
C LEU D 132 13.67 4.35 9.52
N GLY D 133 12.80 3.48 10.03
CA GLY D 133 12.76 2.10 9.60
C GLY D 133 13.72 1.17 10.31
N THR D 134 14.53 1.66 11.24
CA THR D 134 15.43 0.82 12.02
C THR D 134 14.75 0.26 13.26
N GLY D 135 13.47 0.56 13.46
CA GLY D 135 12.76 0.22 14.67
C GLY D 135 11.50 1.05 14.77
N ALA D 136 10.93 1.08 15.97
CA ALA D 136 9.69 1.82 16.19
C ALA D 136 9.94 3.31 16.05
N ASN D 137 8.98 4.00 15.43
CA ASN D 137 9.08 5.43 15.19
C ASN D 137 8.25 6.17 16.23
N GLN D 138 8.92 7.02 17.00
CA GLN D 138 8.25 7.85 18.01
C GLN D 138 7.25 8.81 17.38
N THR D 139 7.57 9.34 16.20
CA THR D 139 6.78 10.40 15.59
C THR D 139 5.52 9.86 14.92
N MET D 140 5.68 8.82 14.11
CA MET D 140 4.63 8.44 13.17
C MET D 140 4.84 6.97 12.79
N GLU D 141 4.20 6.08 13.54
CA GLU D 141 4.21 4.65 13.23
C GLU D 141 3.16 4.40 12.15
N GLN D 142 3.62 4.04 10.96
CA GLN D 142 2.75 4.03 9.79
C GLN D 142 2.03 2.70 9.61
N LEU D 143 0.77 2.79 9.17
CA LEU D 143 -0.04 1.68 8.72
C LEU D 143 -0.13 1.71 7.18
N GLY D 144 -1.08 0.96 6.63
CA GLY D 144 -1.25 0.89 5.20
C GLY D 144 -2.44 1.63 4.62
N TYR D 145 -3.16 2.42 5.42
CA TYR D 145 -4.40 3.01 4.93
C TYR D 145 -4.22 4.41 4.37
N PHE D 146 -3.18 5.15 4.79
CA PHE D 146 -2.99 6.50 4.28
C PHE D 146 -2.98 6.52 2.75
N GLY D 147 -2.32 5.53 2.14
CA GLY D 147 -2.17 5.53 0.70
C GLY D 147 -3.46 5.31 -0.07
N THR D 148 -4.52 4.90 0.61
CA THR D 148 -5.76 4.59 -0.08
C THR D 148 -6.94 5.45 0.35
N GLN D 149 -6.84 6.18 1.45
CA GLN D 149 -7.97 6.90 2.01
C GLN D 149 -7.92 8.41 1.81
N VAL D 150 -6.78 8.98 1.45
CA VAL D 150 -6.60 10.43 1.48
C VAL D 150 -6.63 10.98 0.06
N ARG D 151 -7.17 12.20 -0.07
CA ARG D 151 -7.17 12.87 -1.36
C ARG D 151 -5.77 13.29 -1.78
N ALA D 152 -4.89 13.58 -0.81
CA ALA D 152 -3.55 14.02 -1.13
C ALA D 152 -2.63 13.76 0.05
N SER D 153 -1.34 13.64 -0.25
CA SER D 153 -0.29 13.63 0.77
C SER D 153 0.71 14.70 0.39
N ILE D 154 0.73 15.80 1.14
CA ILE D 154 1.59 16.93 0.84
C ILE D 154 2.53 17.14 2.02
N SER D 155 3.80 17.37 1.74
CA SER D 155 4.81 17.59 2.76
C SER D 155 5.57 18.88 2.45
N LEU D 156 5.49 19.84 3.36
CA LEU D 156 6.30 21.03 3.19
C LEU D 156 7.79 20.66 3.21
N GLY D 157 8.61 21.53 2.63
CA GLY D 157 10.02 21.42 2.87
C GLY D 157 10.37 21.86 4.28
N LEU D 158 11.47 21.34 4.79
CA LEU D 158 12.07 21.96 5.97
C LEU D 158 12.30 23.43 5.68
N ALA D 159 12.04 24.27 6.67
CA ALA D 159 12.27 25.70 6.50
C ALA D 159 13.76 25.97 6.43
N GLU D 160 14.24 26.36 5.25
CA GLU D 160 15.64 26.73 5.06
C GLU D 160 15.87 28.16 5.56
N ASP D 161 17.09 28.43 6.00
CA ASP D 161 17.39 29.63 6.80
C ASP D 161 18.14 30.64 5.94
N ALA D 162 17.41 31.24 5.00
CA ALA D 162 17.99 32.29 4.16
C ALA D 162 16.99 33.44 4.00
N PRO D 163 17.34 34.66 4.40
CA PRO D 163 16.36 35.76 4.38
C PRO D 163 16.21 36.50 3.06
N GLU D 164 17.01 36.18 2.05
CA GLU D 164 16.77 36.72 0.71
C GLU D 164 15.47 36.20 0.13
N ARG D 165 15.08 34.99 0.51
CA ARG D 165 13.97 34.27 -0.11
C ARG D 165 12.73 34.22 0.76
N THR D 166 12.62 35.06 1.78
CA THR D 166 11.44 35.01 2.64
C THR D 166 10.16 35.22 1.82
N SER D 167 10.19 36.16 0.88
CA SER D 167 9.05 36.33 -0.01
C SER D 167 8.80 35.08 -0.86
N ALA D 168 9.87 34.48 -1.39
CA ALA D 168 9.73 33.27 -2.19
C ALA D 168 9.22 32.11 -1.35
N LEU D 169 9.77 31.91 -0.15
CA LEU D 169 9.32 30.82 0.71
C LEU D 169 7.90 31.05 1.23
N ASN D 170 7.52 32.30 1.50
CA ASN D 170 6.15 32.59 1.92
C ASN D 170 5.15 32.19 0.85
N ALA D 171 5.49 32.44 -0.42
CA ALA D 171 4.59 32.08 -1.52
C ALA D 171 4.46 30.57 -1.65
N THR D 172 5.58 29.87 -1.55
CA THR D 172 5.55 28.41 -1.65
C THR D 172 4.72 27.79 -0.52
N TRP D 173 4.89 28.29 0.70
CA TRP D 173 4.19 27.72 1.85
C TRP D 173 2.69 27.95 1.76
N ARG D 174 2.28 29.15 1.37
CA ARG D 174 0.86 29.45 1.29
C ARG D 174 0.21 28.73 0.11
N SER D 175 0.90 28.69 -1.03
CA SER D 175 0.41 27.90 -2.16
C SER D 175 0.18 26.45 -1.76
N ALA D 176 1.16 25.85 -1.07
CA ALA D 176 1.00 24.45 -0.66
C ALA D 176 -0.11 24.29 0.36
N THR D 177 -0.27 25.25 1.28
CA THR D 177 -1.37 25.18 2.25
C THR D 177 -2.74 25.28 1.55
N CYS D 178 -2.86 26.19 0.59
CA CYS D 178 -4.08 26.26 -0.21
C CYS D 178 -4.31 24.98 -1.00
N ARG D 179 -3.24 24.33 -1.46
CA ARG D 179 -3.38 23.06 -2.14
C ARG D 179 -3.91 21.98 -1.21
N VAL D 180 -3.47 22.00 0.05
CA VAL D 180 -3.98 21.07 1.06
C VAL D 180 -5.47 21.33 1.29
N LEU D 181 -5.85 22.59 1.43
CA LEU D 181 -7.24 22.93 1.72
C LEU D 181 -8.15 22.59 0.56
N ALA D 182 -7.72 22.86 -0.67
CA ALA D 182 -8.54 22.55 -1.83
C ALA D 182 -8.80 21.05 -1.93
N ALA D 183 -7.76 20.25 -1.68
CA ALA D 183 -7.95 18.81 -1.71
C ALA D 183 -8.94 18.37 -0.65
N ALA D 184 -8.85 18.96 0.55
CA ALA D 184 -9.73 18.55 1.65
C ALA D 184 -11.16 18.95 1.40
N THR D 185 -11.40 20.17 0.91
CA THR D 185 -12.76 20.63 0.71
C THR D 185 -13.36 20.21 -0.63
N GLY D 186 -12.57 19.59 -1.50
CA GLY D 186 -13.05 19.32 -2.85
C GLY D 186 -13.34 20.58 -3.64
N ALA D 187 -12.53 21.62 -3.44
CA ALA D 187 -12.81 22.92 -4.06
C ALA D 187 -12.79 22.82 -5.58
N ARG D 188 -11.85 22.06 -6.14
CA ARG D 188 -11.79 21.87 -7.58
C ARG D 188 -12.31 20.51 -8.02
N THR D 189 -12.37 19.54 -7.12
CA THR D 189 -12.77 18.19 -7.46
C THR D 189 -14.21 17.87 -7.07
N ALA D 190 -14.81 18.64 -6.17
CA ALA D 190 -16.10 18.30 -5.56
C ALA D 190 -16.08 16.92 -4.91
N ASN D 191 -14.89 16.45 -4.55
CA ASN D 191 -14.70 15.17 -3.90
C ASN D 191 -13.93 15.41 -2.60
N ALA D 192 -14.61 15.99 -1.61
CA ALA D 192 -13.97 16.29 -0.33
C ALA D 192 -13.54 15.01 0.38
N GLY D 193 -12.56 15.16 1.26
CA GLY D 193 -12.03 14.04 1.99
C GLY D 193 -10.79 14.39 2.78
N PRO D 194 -10.23 13.40 3.47
CA PRO D 194 -9.09 13.67 4.32
C PRO D 194 -7.82 13.81 3.51
N VAL D 195 -6.94 14.71 3.94
CA VAL D 195 -5.62 14.81 3.33
C VAL D 195 -4.58 14.83 4.44
N HIS D 196 -3.40 14.34 4.11
CA HIS D 196 -2.27 14.29 5.03
C HIS D 196 -1.33 15.46 4.74
N PHE D 197 -1.03 16.25 5.77
CA PHE D 197 -0.26 17.47 5.64
C PHE D 197 0.89 17.38 6.64
N ASP D 198 2.10 17.22 6.12
CA ASP D 198 3.30 17.06 6.94
C ASP D 198 4.14 18.33 6.90
N ILE D 199 4.44 18.87 8.07
CA ILE D 199 5.31 20.03 8.20
C ILE D 199 6.58 19.58 8.92
N PRO D 200 7.64 19.25 8.19
CA PRO D 200 8.84 18.69 8.83
C PRO D 200 9.54 19.70 9.73
N LEU D 201 10.32 19.18 10.67
CA LEU D 201 10.87 20.00 11.73
C LEU D 201 12.18 19.39 12.21
N ARG D 202 13.06 20.24 12.75
CA ARG D 202 14.32 19.79 13.33
C ARG D 202 14.40 20.24 14.78
N GLU D 203 14.61 19.30 15.68
CA GLU D 203 14.79 19.60 17.09
C GLU D 203 16.17 20.18 17.34
N PRO D 204 16.27 21.16 18.26
CA PRO D 204 15.11 21.70 18.97
C PRO D 204 14.67 23.07 18.45
N VAL D 215 7.29 39.18 13.46
CA VAL D 215 6.32 39.59 12.44
C VAL D 215 6.26 38.55 11.33
N THR D 216 5.04 38.26 10.86
CA THR D 216 4.77 37.17 9.94
C THR D 216 4.74 37.69 8.51
N PRO D 217 5.43 37.03 7.58
CA PRO D 217 5.28 37.37 6.16
C PRO D 217 3.81 37.38 5.76
N PRO D 218 3.31 38.50 5.26
CA PRO D 218 1.86 38.63 5.10
C PRO D 218 1.32 37.82 3.95
N GLY D 219 0.07 37.38 4.09
CA GLY D 219 -0.67 36.79 3.01
C GLY D 219 -1.31 37.84 2.13
N ARG D 220 -2.28 37.41 1.33
CA ARG D 220 -2.94 38.33 0.42
C ARG D 220 -3.72 39.39 1.19
N PRO D 221 -3.93 40.55 0.57
CA PRO D 221 -4.76 41.58 1.21
C PRO D 221 -6.19 41.12 1.44
N ALA D 222 -6.87 41.81 2.35
CA ALA D 222 -8.27 41.56 2.70
C ALA D 222 -8.53 40.14 3.19
N GLY D 223 -7.51 39.45 3.71
CA GLY D 223 -7.68 38.12 4.24
C GLY D 223 -7.99 37.04 3.22
N LYS D 224 -7.72 37.30 1.94
CA LYS D 224 -8.02 36.33 0.89
C LYS D 224 -7.05 35.15 0.97
N PRO D 225 -7.49 33.96 0.55
CA PRO D 225 -6.56 32.83 0.44
C PRO D 225 -5.51 33.12 -0.62
N TRP D 226 -4.34 32.51 -0.44
CA TRP D 226 -3.22 32.80 -1.35
C TRP D 226 -3.55 32.38 -2.78
N THR D 227 -4.03 31.15 -2.96
CA THR D 227 -4.52 30.68 -4.24
C THR D 227 -6.05 30.62 -4.15
N TYR D 228 -6.72 31.48 -4.91
CA TYR D 228 -8.17 31.58 -4.85
C TYR D 228 -8.80 30.52 -5.76
N THR D 229 -9.70 29.72 -5.19
CA THR D 229 -10.41 28.70 -5.96
C THR D 229 -11.87 29.13 -6.14
N PRO D 230 -12.20 29.79 -7.25
CA PRO D 230 -13.59 30.23 -7.48
C PRO D 230 -14.53 29.04 -7.67
N PRO D 231 -15.84 29.26 -7.60
CA PRO D 231 -16.78 28.13 -7.62
C PRO D 231 -16.68 27.29 -8.90
N VAL D 232 -16.93 25.99 -8.73
CA VAL D 232 -16.71 24.97 -9.75
C VAL D 232 -18.04 24.26 -10.00
N THR D 233 -18.27 23.85 -11.25
CA THR D 233 -19.43 23.01 -11.57
C THR D 233 -19.00 21.81 -12.41
N PHE D 234 -19.38 20.61 -11.96
CA PHE D 234 -19.29 19.38 -12.74
C PHE D 234 -20.68 19.09 -13.30
N ASP D 235 -20.86 19.23 -14.60
CA ASP D 235 -22.19 19.11 -15.20
C ASP D 235 -22.28 17.86 -16.06
N GLN D 236 -23.18 16.95 -15.69
CA GLN D 236 -23.47 15.74 -16.46
C GLN D 236 -24.98 15.55 -16.53
N PRO D 237 -25.63 16.17 -17.52
CA PRO D 237 -27.09 16.06 -17.60
C PRO D 237 -27.53 14.71 -18.14
N LEU D 238 -28.57 14.14 -17.52
CA LEU D 238 -29.19 12.90 -17.96
C LEU D 238 -30.62 13.17 -18.36
N ASP D 239 -31.02 12.67 -19.54
CA ASP D 239 -32.40 12.77 -19.99
C ASP D 239 -33.26 11.75 -19.26
N ILE D 240 -34.33 12.21 -18.61
CA ILE D 240 -35.26 11.33 -17.91
C ILE D 240 -36.69 11.76 -18.25
N ASP D 241 -37.55 10.78 -18.49
CA ASP D 241 -38.96 11.03 -18.77
C ASP D 241 -39.75 10.72 -17.50
N LEU D 242 -40.33 11.77 -16.92
CA LEU D 242 -41.05 11.60 -15.67
C LEU D 242 -42.45 11.01 -15.85
N SER D 243 -42.95 10.90 -17.08
CA SER D 243 -44.24 10.26 -17.29
C SER D 243 -44.18 8.79 -16.88
N VAL D 244 -43.04 8.15 -17.09
CA VAL D 244 -42.81 6.82 -16.51
C VAL D 244 -42.93 6.91 -15.00
N ASP D 245 -43.57 5.91 -14.40
CA ASP D 245 -43.75 5.90 -12.94
C ASP D 245 -42.40 5.89 -12.24
N THR D 246 -42.05 7.01 -11.62
CA THR D 246 -40.72 7.25 -11.08
C THR D 246 -40.78 7.41 -9.56
N VAL D 247 -39.83 6.80 -8.87
CA VAL D 247 -39.62 7.05 -7.45
C VAL D 247 -38.20 7.58 -7.28
N VAL D 248 -38.01 8.40 -6.26
CA VAL D 248 -36.71 8.95 -5.91
C VAL D 248 -36.26 8.35 -4.59
N ILE D 249 -35.08 7.74 -4.58
CA ILE D 249 -34.40 7.34 -3.36
C ILE D 249 -33.19 8.24 -3.23
N SER D 250 -33.17 9.06 -2.18
CA SER D 250 -32.07 9.99 -1.95
C SER D 250 -31.32 9.59 -0.69
N GLY D 251 -30.00 9.51 -0.78
CA GLY D 251 -29.20 9.08 0.34
C GLY D 251 -28.15 10.07 0.80
N HIS D 252 -27.12 9.55 1.45
CA HIS D 252 -26.05 10.39 2.00
C HIS D 252 -25.33 11.13 0.88
N GLY D 253 -25.14 12.43 1.07
CA GLY D 253 -24.48 13.23 0.05
C GLY D 253 -25.36 13.65 -1.11
N ALA D 254 -26.67 13.40 -1.05
CA ALA D 254 -27.56 13.77 -2.14
C ALA D 254 -27.63 15.28 -2.33
N GLY D 255 -27.72 15.71 -3.59
CA GLY D 255 -27.95 17.10 -3.90
C GLY D 255 -29.43 17.44 -3.88
N VAL D 256 -29.73 18.69 -4.21
CA VAL D 256 -31.10 19.18 -4.28
C VAL D 256 -31.46 19.39 -5.73
N HIS D 257 -32.64 18.92 -6.11
CA HIS D 257 -33.07 18.96 -7.51
C HIS D 257 -34.49 19.52 -7.59
N PRO D 258 -34.64 20.79 -7.91
CA PRO D 258 -35.99 21.37 -8.00
C PRO D 258 -36.89 20.69 -9.03
N ASN D 259 -36.34 20.17 -10.13
CA ASN D 259 -37.19 19.52 -11.12
C ASN D 259 -37.64 18.12 -10.69
N LEU D 260 -37.22 17.64 -9.53
CA LEU D 260 -37.69 16.37 -8.99
C LEU D 260 -38.53 16.55 -7.73
N ALA D 261 -38.96 17.78 -7.43
CA ALA D 261 -39.60 18.07 -6.15
C ALA D 261 -40.94 17.37 -6.01
N ALA D 262 -41.67 17.24 -7.12
CA ALA D 262 -42.99 16.63 -7.06
C ALA D 262 -42.94 15.11 -6.95
N LEU D 263 -41.80 14.50 -7.23
CA LEU D 263 -41.76 13.05 -7.32
C LEU D 263 -41.88 12.41 -5.94
N PRO D 264 -42.53 11.26 -5.83
CA PRO D 264 -42.53 10.55 -4.54
C PRO D 264 -41.11 10.18 -4.18
N THR D 265 -40.71 10.51 -2.96
CA THR D 265 -39.30 10.50 -2.58
C THR D 265 -39.11 9.77 -1.26
N VAL D 266 -38.36 8.68 -1.30
CA VAL D 266 -37.93 7.95 -0.11
C VAL D 266 -36.57 8.53 0.29
N ALA D 267 -36.57 9.49 1.20
CA ALA D 267 -35.36 10.24 1.55
C ALA D 267 -34.77 9.74 2.85
N GLU D 268 -33.49 9.39 2.83
CA GLU D 268 -32.81 9.03 4.07
C GLU D 268 -32.70 10.26 4.98
N PRO D 269 -32.54 10.06 6.29
CA PRO D 269 -32.57 11.21 7.20
C PRO D 269 -31.46 12.22 6.95
N THR D 270 -30.30 11.80 6.44
CA THR D 270 -29.25 12.77 6.15
C THR D 270 -29.42 13.42 4.79
N ALA D 271 -30.37 12.97 3.98
CA ALA D 271 -30.52 13.52 2.65
C ALA D 271 -31.32 14.82 2.70
N PRO D 272 -30.90 15.83 1.94
CA PRO D 272 -31.68 17.07 1.85
C PRO D 272 -32.89 16.91 0.95
N ARG D 273 -34.00 17.49 1.39
CA ARG D 273 -35.25 17.38 0.65
C ARG D 273 -35.30 18.38 -0.49
N SER D 274 -35.68 17.90 -1.66
CA SER D 274 -35.92 18.80 -2.77
C SER D 274 -37.40 19.20 -2.88
N GLY D 275 -38.30 18.44 -2.27
CA GLY D 275 -39.73 18.72 -2.43
C GLY D 275 -40.59 18.33 -1.25
N ASP D 276 -41.90 18.19 -1.49
CA ASP D 276 -42.88 18.01 -0.43
C ASP D 276 -43.74 16.77 -0.64
N ASN D 277 -43.19 15.74 -1.28
CA ASN D 277 -43.93 14.51 -1.59
C ASN D 277 -43.16 13.29 -1.09
N PRO D 278 -43.15 13.07 0.21
CA PRO D 278 -42.39 11.94 0.76
C PRO D 278 -43.12 10.61 0.62
N LEU D 279 -42.32 9.54 0.53
CA LEU D 279 -42.83 8.18 0.41
C LEU D 279 -42.15 7.34 1.47
N HIS D 280 -42.94 6.81 2.41
CA HIS D 280 -42.39 6.10 3.55
C HIS D 280 -41.65 4.83 3.10
N PRO D 281 -40.51 4.52 3.72
CA PRO D 281 -39.74 3.33 3.30
C PRO D 281 -40.54 2.05 3.28
N LEU D 282 -41.44 1.86 4.25
CA LEU D 282 -42.22 0.63 4.31
C LEU D 282 -43.26 0.57 3.19
N ALA D 283 -43.53 1.69 2.53
CA ALA D 283 -44.50 1.68 1.44
C ALA D 283 -43.89 1.23 0.12
N LEU D 284 -42.56 1.26 0.00
CA LEU D 284 -41.89 0.85 -1.24
C LEU D 284 -42.25 -0.56 -1.70
N PRO D 285 -42.16 -1.60 -0.88
CA PRO D 285 -42.51 -2.94 -1.36
C PRO D 285 -43.97 -3.08 -1.77
N LEU D 286 -44.82 -2.13 -1.37
CA LEU D 286 -46.24 -2.12 -1.73
C LEU D 286 -46.49 -1.43 -3.06
N LEU D 287 -45.44 -1.01 -3.76
CA LEU D 287 -45.56 -0.31 -5.03
C LEU D 287 -44.64 -0.94 -6.07
N ARG D 288 -44.89 -0.61 -7.32
CA ARG D 288 -44.03 -1.02 -8.43
C ARG D 288 -43.63 0.23 -9.20
N PRO D 289 -42.54 0.88 -8.82
CA PRO D 289 -41.99 1.93 -9.67
C PRO D 289 -41.50 1.35 -10.99
N GLN D 290 -41.81 2.05 -12.08
CA GLN D 290 -41.27 1.66 -13.38
C GLN D 290 -39.81 2.08 -13.54
N GLN D 291 -39.40 3.16 -12.88
CA GLN D 291 -38.00 3.55 -12.89
C GLN D 291 -37.67 4.26 -11.58
N VAL D 292 -36.37 4.37 -11.32
CA VAL D 292 -35.83 4.90 -10.08
C VAL D 292 -34.80 5.97 -10.41
N ILE D 293 -34.92 7.12 -9.78
CA ILE D 293 -33.85 8.12 -9.76
C ILE D 293 -33.18 8.05 -8.38
N MET D 294 -31.89 7.75 -8.36
CA MET D 294 -31.17 7.62 -7.11
C MET D 294 -30.25 8.81 -6.91
N LEU D 295 -30.41 9.49 -5.78
CA LEU D 295 -29.63 10.66 -5.42
C LEU D 295 -28.68 10.29 -4.29
N GLY D 296 -27.42 10.66 -4.44
CA GLY D 296 -26.50 10.37 -3.36
C GLY D 296 -26.23 8.88 -3.21
N ARG D 297 -25.83 8.51 -2.00
CA ARG D 297 -25.43 7.13 -1.70
C ARG D 297 -26.41 6.52 -0.71
N PRO D 298 -27.29 5.63 -1.15
CA PRO D 298 -28.24 5.02 -0.22
C PRO D 298 -27.59 3.90 0.58
N THR D 299 -27.89 3.87 1.89
CA THR D 299 -27.34 2.87 2.78
C THR D 299 -28.41 2.19 3.64
N LEU D 300 -29.67 2.57 3.51
CA LEU D 300 -30.70 2.09 4.41
C LEU D 300 -31.75 1.31 3.62
N HIS D 301 -32.37 0.36 4.31
CA HIS D 301 -33.56 -0.36 3.86
C HIS D 301 -33.25 -1.38 2.78
N ARG D 302 -33.47 -2.65 3.13
CA ARG D 302 -33.37 -3.74 2.18
C ARG D 302 -34.34 -3.62 1.00
N PRO D 303 -35.59 -3.20 1.16
CA PRO D 303 -36.43 -2.90 -0.02
C PRO D 303 -35.78 -1.93 -0.99
N VAL D 304 -34.97 -1.00 -0.50
CA VAL D 304 -34.26 -0.08 -1.37
C VAL D 304 -33.20 -0.82 -2.18
N SER D 305 -32.38 -1.64 -1.51
CA SER D 305 -31.35 -2.36 -2.25
C SER D 305 -31.96 -3.37 -3.22
N VAL D 306 -33.09 -3.98 -2.87
CA VAL D 306 -33.77 -4.88 -3.80
C VAL D 306 -34.23 -4.13 -5.03
N LEU D 307 -34.85 -2.96 -4.83
CA LEU D 307 -35.35 -2.17 -5.95
C LEU D 307 -34.21 -1.65 -6.82
N LEU D 308 -33.13 -1.18 -6.21
CA LEU D 308 -32.01 -0.69 -7.00
C LEU D 308 -31.37 -1.79 -7.83
N ALA D 309 -31.52 -3.04 -7.40
CA ALA D 309 -30.93 -4.18 -8.08
C ALA D 309 -31.87 -4.82 -9.09
N ASP D 310 -33.15 -4.40 -9.14
CA ASP D 310 -34.12 -5.03 -10.02
C ASP D 310 -33.75 -4.77 -11.47
N ALA D 311 -33.38 -5.83 -12.21
CA ALA D 311 -32.98 -5.67 -13.60
C ALA D 311 -34.11 -5.19 -14.50
N GLU D 312 -35.35 -5.24 -14.03
CA GLU D 312 -36.48 -4.73 -14.81
C GLU D 312 -36.68 -3.23 -14.64
N VAL D 313 -35.98 -2.60 -13.72
CA VAL D 313 -36.19 -1.20 -13.36
C VAL D 313 -34.96 -0.40 -13.77
N PRO D 314 -35.06 0.51 -14.74
CA PRO D 314 -33.93 1.40 -15.03
C PRO D 314 -33.66 2.33 -13.85
N VAL D 315 -32.40 2.37 -13.43
CA VAL D 315 -31.98 3.19 -12.31
C VAL D 315 -31.07 4.30 -12.83
N PHE D 316 -31.41 5.54 -12.50
CA PHE D 316 -30.64 6.72 -12.87
C PHE D 316 -29.97 7.29 -11.62
N ALA D 317 -28.64 7.25 -11.58
CA ALA D 317 -27.88 7.71 -10.42
C ALA D 317 -27.41 9.14 -10.64
N LEU D 318 -27.85 10.05 -9.78
CA LEU D 318 -27.41 11.44 -9.81
C LEU D 318 -26.62 11.72 -8.53
N THR D 319 -25.30 11.77 -8.66
CA THR D 319 -24.41 12.07 -7.54
C THR D 319 -23.38 13.11 -7.96
N THR D 320 -22.67 13.62 -6.96
CA THR D 320 -21.49 14.44 -7.16
C THR D 320 -20.26 13.61 -6.87
N GLY D 321 -19.20 13.86 -7.63
CA GLY D 321 -17.94 13.22 -7.36
C GLY D 321 -17.63 12.08 -8.33
N PRO D 322 -16.46 11.49 -8.18
CA PRO D 322 -15.97 10.58 -9.22
C PRO D 322 -16.72 9.27 -9.34
N ARG D 323 -17.10 8.66 -8.23
CA ARG D 323 -17.74 7.35 -8.27
C ARG D 323 -19.23 7.47 -8.03
N TRP D 324 -19.95 6.42 -8.44
CA TRP D 324 -21.38 6.32 -8.27
C TRP D 324 -21.70 5.01 -7.57
N PRO D 325 -22.73 4.99 -6.72
CA PRO D 325 -23.09 3.76 -6.02
C PRO D 325 -23.89 2.83 -6.92
N ASP D 326 -23.51 1.55 -6.89
CA ASP D 326 -24.16 0.54 -7.71
C ASP D 326 -23.66 -0.84 -7.32
N VAL D 327 -24.17 -1.38 -6.20
CA VAL D 327 -23.68 -2.66 -5.70
C VAL D 327 -23.97 -3.79 -6.69
N SER D 328 -25.17 -3.81 -7.26
CA SER D 328 -25.53 -4.87 -8.18
C SER D 328 -24.99 -4.63 -9.59
N GLY D 329 -24.60 -3.39 -9.90
CA GLY D 329 -24.20 -3.09 -11.26
C GLY D 329 -25.34 -2.95 -12.23
N ASN D 330 -26.57 -2.81 -11.73
CA ASN D 330 -27.77 -2.78 -12.56
C ASN D 330 -28.09 -1.40 -13.11
N SER D 331 -27.42 -0.35 -12.63
CA SER D 331 -27.79 1.01 -12.97
C SER D 331 -27.65 1.29 -14.47
N GLN D 332 -28.60 2.06 -15.01
CA GLN D 332 -28.63 2.32 -16.45
C GLN D 332 -27.71 3.47 -16.84
N ALA D 333 -27.62 4.51 -16.02
CA ALA D 333 -26.84 5.69 -16.37
C ALA D 333 -26.54 6.48 -15.09
N THR D 334 -25.46 7.26 -15.13
CA THR D 334 -25.10 8.12 -14.02
C THR D 334 -24.72 9.51 -14.52
N GLY D 335 -25.08 10.53 -13.75
CA GLY D 335 -24.75 11.89 -14.05
C GLY D 335 -24.85 12.73 -12.80
N THR D 336 -24.97 14.04 -12.99
CA THR D 336 -25.11 14.96 -11.87
C THR D 336 -26.46 15.66 -11.82
N ARG D 337 -27.18 15.70 -12.92
CA ARG D 337 -28.38 16.49 -13.04
C ARG D 337 -29.32 15.80 -14.02
N ALA D 338 -30.61 16.06 -13.89
CA ALA D 338 -31.61 15.47 -14.77
C ALA D 338 -32.23 16.54 -15.66
N VAL D 339 -32.42 16.20 -16.93
CA VAL D 339 -33.18 17.01 -17.87
C VAL D 339 -34.48 16.24 -18.16
N THR D 340 -35.59 16.75 -17.65
CA THR D 340 -36.83 16.00 -17.62
C THR D 340 -37.75 16.39 -18.77
N THR D 341 -38.55 15.41 -19.19
CA THR D 341 -39.71 15.64 -20.04
C THR D 341 -40.92 15.04 -19.35
N GLY D 342 -42.07 15.67 -19.53
CA GLY D 342 -43.30 15.15 -18.99
C GLY D 342 -43.46 15.41 -17.50
N ALA D 343 -44.45 14.73 -16.94
CA ALA D 343 -44.78 14.85 -15.53
C ALA D 343 -45.30 13.51 -15.07
N PRO D 344 -45.24 13.22 -13.77
CA PRO D 344 -45.76 11.94 -13.28
C PRO D 344 -47.27 11.85 -13.40
N ARG D 345 -47.75 10.68 -13.81
CA ARG D 345 -49.19 10.45 -13.93
C ARG D 345 -49.85 10.67 -12.56
N PRO D 346 -51.00 11.36 -12.53
CA PRO D 346 -51.66 11.61 -11.23
C PRO D 346 -52.12 10.32 -10.55
N ALA D 347 -52.37 9.26 -11.32
CA ALA D 347 -52.68 7.97 -10.70
C ALA D 347 -51.50 7.47 -9.89
N TRP D 348 -50.28 7.60 -10.43
CA TRP D 348 -49.09 7.19 -9.71
C TRP D 348 -48.90 7.98 -8.42
N LEU D 349 -49.17 9.29 -8.47
CA LEU D 349 -49.01 10.11 -7.27
C LEU D 349 -49.99 9.70 -6.18
N ASP D 350 -51.27 9.49 -6.53
CA ASP D 350 -52.24 9.13 -5.50
C ASP D 350 -51.94 7.73 -4.97
N ARG D 351 -51.48 6.83 -5.83
CA ARG D 351 -51.10 5.50 -5.37
C ARG D 351 -49.97 5.57 -4.36
N CYS D 352 -48.93 6.36 -4.67
CA CYS D 352 -47.82 6.50 -3.74
C CYS D 352 -48.24 7.23 -2.47
N ALA D 353 -49.03 8.30 -2.61
CA ALA D 353 -49.50 9.02 -1.44
C ALA D 353 -50.34 8.13 -0.53
N ALA D 354 -51.13 7.23 -1.11
CA ALA D 354 -51.98 6.35 -0.30
C ALA D 354 -51.16 5.30 0.43
N MET D 355 -50.09 4.79 -0.18
CA MET D 355 -49.25 3.84 0.53
C MET D 355 -48.43 4.54 1.61
N ASN D 356 -48.08 5.80 1.37
CA ASN D 356 -47.44 6.60 2.40
C ASN D 356 -48.33 6.69 3.64
N ARG D 357 -49.61 7.00 3.44
CA ARG D 357 -50.54 7.13 4.57
C ARG D 357 -50.68 5.82 5.33
N HIS D 358 -50.89 4.71 4.61
CA HIS D 358 -50.98 3.42 5.28
C HIS D 358 -49.71 3.10 6.07
N ALA D 359 -48.55 3.48 5.53
CA ALA D 359 -47.29 3.18 6.22
C ALA D 359 -47.16 4.02 7.50
N ILE D 360 -47.44 5.31 7.42
CA ILE D 360 -47.46 6.15 8.61
C ILE D 360 -48.49 5.61 9.61
N ALA D 361 -49.68 5.29 9.12
CA ALA D 361 -50.73 4.76 9.99
C ALA D 361 -50.29 3.49 10.68
N ALA D 362 -49.66 2.58 9.93
CA ALA D 362 -49.25 1.30 10.49
C ALA D 362 -48.24 1.49 11.62
N VAL D 363 -47.23 2.34 11.39
CA VAL D 363 -46.23 2.60 12.42
C VAL D 363 -46.88 3.23 13.65
N ARG D 364 -47.69 4.26 13.44
CA ARG D 364 -48.26 5.00 14.56
C ARG D 364 -49.17 4.13 15.42
N GLU D 365 -50.09 3.39 14.79
CA GLU D 365 -51.03 2.57 15.54
C GLU D 365 -50.32 1.45 16.28
N GLN D 366 -49.42 0.73 15.61
CA GLN D 366 -48.76 -0.40 16.26
C GLN D 366 -47.85 0.06 17.39
N LEU D 367 -47.29 1.26 17.28
CA LEU D 367 -46.55 1.82 18.40
C LEU D 367 -47.50 2.10 19.57
N ALA D 368 -48.69 2.63 19.29
CA ALA D 368 -49.66 2.86 20.35
C ALA D 368 -50.10 1.55 20.99
N ALA D 369 -50.33 0.51 20.18
CA ALA D 369 -50.80 -0.77 20.68
C ALA D 369 -49.73 -1.60 21.37
N HIS D 370 -48.47 -1.17 21.33
CA HIS D 370 -47.37 -1.94 21.90
C HIS D 370 -47.10 -1.46 23.31
N PRO D 371 -47.14 -2.32 24.32
CA PRO D 371 -47.01 -1.84 25.70
C PRO D 371 -45.60 -1.39 26.04
N LEU D 372 -44.61 -2.18 25.64
CA LEU D 372 -43.23 -1.88 25.98
C LEU D 372 -42.65 -0.78 25.10
N THR D 373 -41.75 0.00 25.69
CA THR D 373 -41.06 1.07 24.98
C THR D 373 -39.86 0.49 24.24
N THR D 374 -39.81 0.72 22.92
CA THR D 374 -38.68 0.33 22.09
C THR D 374 -37.99 1.57 21.55
N GLY D 375 -36.84 1.34 20.90
CA GLY D 375 -36.13 2.45 20.28
C GLY D 375 -36.93 3.13 19.19
N LEU D 376 -37.85 2.40 18.55
CA LEU D 376 -38.74 3.04 17.59
C LEU D 376 -39.68 4.02 18.30
N HIS D 377 -40.19 3.66 19.48
CA HIS D 377 -40.94 4.62 20.29
C HIS D 377 -40.10 5.85 20.59
N VAL D 378 -38.84 5.63 20.99
CA VAL D 378 -37.97 6.75 21.33
C VAL D 378 -37.72 7.62 20.12
N ALA D 379 -37.50 6.99 18.96
CA ALA D 379 -37.23 7.76 17.74
C ALA D 379 -38.43 8.59 17.33
N ALA D 380 -39.63 8.03 17.51
CA ALA D 380 -40.85 8.79 17.21
C ALA D 380 -40.98 10.01 18.12
N ALA D 381 -40.68 9.85 19.41
CA ALA D 381 -40.78 10.95 20.35
C ALA D 381 -39.74 12.04 20.05
N VAL D 382 -38.51 11.66 19.75
CA VAL D 382 -37.49 12.65 19.41
C VAL D 382 -37.89 13.42 18.15
N SER D 383 -38.39 12.71 17.13
CA SER D 383 -38.79 13.37 15.89
C SER D 383 -39.86 14.41 16.15
N HIS D 384 -40.89 14.05 16.93
CA HIS D 384 -42.01 14.95 17.18
C HIS D 384 -41.58 16.20 17.93
N ALA D 385 -40.47 16.14 18.68
CA ALA D 385 -40.00 17.27 19.45
C ALA D 385 -39.11 18.21 18.65
N LEU D 386 -38.64 17.79 17.49
CA LEU D 386 -37.73 18.61 16.70
C LEU D 386 -38.47 19.79 16.10
N ARG D 387 -37.73 20.88 15.88
CA ARG D 387 -38.25 22.11 15.32
C ARG D 387 -37.20 22.72 14.41
N PRO D 388 -37.61 23.57 13.46
CA PRO D 388 -36.63 24.10 12.50
C PRO D 388 -35.52 24.86 13.19
N GLY D 389 -34.31 24.74 12.63
CA GLY D 389 -33.13 25.27 13.26
C GLY D 389 -32.36 24.28 14.12
N ASP D 390 -32.97 23.14 14.44
CA ASP D 390 -32.28 22.12 15.22
C ASP D 390 -31.24 21.40 14.37
N GLN D 391 -30.21 20.89 15.05
CA GLN D 391 -29.29 19.92 14.49
C GLN D 391 -29.55 18.57 15.13
N LEU D 392 -29.78 17.55 14.30
CA LEU D 392 -30.05 16.20 14.77
C LEU D 392 -28.87 15.31 14.39
N VAL D 393 -28.31 14.61 15.39
CA VAL D 393 -27.20 13.70 15.14
C VAL D 393 -27.68 12.28 15.44
N LEU D 394 -27.55 11.39 14.45
CA LEU D 394 -28.15 10.07 14.52
C LEU D 394 -27.05 9.01 14.52
N GLY D 395 -27.06 8.14 15.53
CA GLY D 395 -26.14 7.03 15.54
C GLY D 395 -26.53 5.97 14.53
N ALA D 396 -25.57 5.10 14.23
CA ALA D 396 -25.81 3.98 13.34
C ALA D 396 -26.76 2.98 14.00
N SER D 397 -26.99 1.87 13.31
CA SER D 397 -27.88 0.80 13.75
C SER D 397 -29.33 1.28 13.71
N ASN D 398 -30.17 0.80 14.64
CA ASN D 398 -31.59 1.14 14.59
C ASN D 398 -31.90 2.63 14.64
N PRO D 399 -31.24 3.47 15.46
CA PRO D 399 -31.61 4.89 15.51
C PRO D 399 -31.84 5.59 14.17
N VAL D 400 -30.90 5.50 13.23
CA VAL D 400 -31.06 6.23 11.98
C VAL D 400 -32.19 5.62 11.16
N ARG D 401 -32.34 4.29 11.21
CA ARG D 401 -33.46 3.67 10.52
C ARG D 401 -34.77 3.99 11.21
N ASP D 402 -34.77 3.97 12.55
CA ASP D 402 -36.00 4.19 13.30
C ASP D 402 -36.55 5.59 13.06
N VAL D 403 -35.67 6.58 12.92
CA VAL D 403 -36.12 7.93 12.62
C VAL D 403 -36.78 7.97 11.25
N ALA D 404 -36.24 7.21 10.29
CA ALA D 404 -36.86 7.13 8.97
C ALA D 404 -38.22 6.43 9.05
N LEU D 405 -38.33 5.42 9.93
CA LEU D 405 -39.60 4.72 10.09
C LEU D 405 -40.63 5.61 10.77
N ALA D 406 -40.21 6.54 11.61
CA ALA D 406 -41.12 7.46 12.25
C ALA D 406 -41.54 8.60 11.32
N GLY D 407 -41.00 8.63 10.12
CA GLY D 407 -41.42 9.62 9.13
C GLY D 407 -41.12 11.03 9.54
N LEU D 408 -39.94 11.28 10.10
CA LEU D 408 -39.55 12.64 10.44
C LEU D 408 -39.51 13.52 9.20
N ASP D 409 -40.00 14.75 9.35
CA ASP D 409 -39.89 15.75 8.30
C ASP D 409 -38.60 16.52 8.51
N THR D 410 -37.59 16.23 7.68
CA THR D 410 -36.26 16.77 7.89
C THR D 410 -36.09 18.20 7.39
N ARG D 411 -37.15 18.82 6.88
CA ARG D 411 -37.02 20.18 6.35
C ARG D 411 -36.83 21.19 7.48
N GLY D 412 -35.86 22.08 7.28
CA GLY D 412 -35.40 22.99 8.32
C GLY D 412 -34.44 22.39 9.31
N ILE D 413 -34.16 21.09 9.22
CA ILE D 413 -33.33 20.39 10.19
C ILE D 413 -32.01 20.03 9.53
N ARG D 414 -30.92 20.22 10.28
CA ARG D 414 -29.61 19.71 9.87
C ARG D 414 -29.39 18.35 10.51
N VAL D 415 -29.28 17.31 9.68
CA VAL D 415 -29.22 15.93 10.17
C VAL D 415 -27.87 15.35 9.81
N ARG D 416 -27.15 14.86 10.82
CA ARG D 416 -25.85 14.25 10.61
C ARG D 416 -25.89 12.78 10.99
N SER D 417 -25.11 11.99 10.29
CA SER D 417 -24.90 10.60 10.65
C SER D 417 -23.67 10.13 9.90
N ASN D 418 -22.90 9.23 10.52
CA ASN D 418 -21.62 8.82 9.94
C ASN D 418 -21.83 7.64 8.98
N ARG D 419 -22.46 7.93 7.85
CA ARG D 419 -22.87 6.89 6.91
C ARG D 419 -21.76 6.43 5.97
N GLY D 420 -20.59 7.05 6.00
CA GLY D 420 -19.50 6.58 5.15
C GLY D 420 -19.19 5.11 5.37
N VAL D 421 -18.96 4.73 6.62
CA VAL D 421 -18.75 3.33 6.97
C VAL D 421 -19.81 2.81 7.92
N ALA D 422 -20.63 3.68 8.50
CA ALA D 422 -21.75 3.27 9.36
C ALA D 422 -21.26 2.54 10.60
N GLY D 423 -20.10 2.96 11.11
CA GLY D 423 -19.63 2.42 12.36
C GLY D 423 -20.42 2.93 13.55
N ILE D 424 -20.45 2.12 14.61
CA ILE D 424 -21.01 2.60 15.88
C ILE D 424 -19.95 3.24 16.77
N ASP D 425 -18.72 3.39 16.29
CA ASP D 425 -17.65 3.99 17.07
C ASP D 425 -17.63 5.50 16.85
N GLY D 426 -17.23 6.23 17.89
CA GLY D 426 -16.94 7.64 17.76
C GLY D 426 -18.13 8.57 17.70
N THR D 427 -19.33 8.10 18.03
CA THR D 427 -20.51 8.92 17.78
C THR D 427 -20.71 9.99 18.84
N VAL D 428 -20.29 9.76 20.08
CA VAL D 428 -20.44 10.78 21.11
C VAL D 428 -19.60 12.00 20.78
N SER D 429 -18.33 11.79 20.42
CA SER D 429 -17.49 12.91 20.02
C SER D 429 -17.96 13.54 18.71
N THR D 430 -18.51 12.75 17.79
CA THR D 430 -19.09 13.31 16.58
C THR D 430 -20.24 14.26 16.91
N ALA D 431 -21.08 13.88 17.88
CA ALA D 431 -22.19 14.77 18.28
C ALA D 431 -21.68 16.01 19.00
N ILE D 432 -20.68 15.85 19.87
CA ILE D 432 -20.11 16.99 20.58
C ILE D 432 -19.46 17.97 19.62
N GLY D 433 -18.63 17.45 18.70
CA GLY D 433 -18.00 18.32 17.72
C GLY D 433 -19.00 19.05 16.83
N ALA D 434 -20.03 18.35 16.36
CA ALA D 434 -21.05 18.99 15.53
C ALA D 434 -21.80 20.06 16.32
N ALA D 435 -22.12 19.78 17.59
CA ALA D 435 -22.75 20.80 18.42
C ALA D 435 -21.87 22.03 18.55
N LEU D 436 -20.56 21.83 18.72
CA LEU D 436 -19.66 22.98 18.90
C LEU D 436 -19.49 23.77 17.62
N ALA D 437 -19.37 23.09 16.47
CA ALA D 437 -19.22 23.81 15.21
C ALA D 437 -20.50 24.56 14.85
N TYR D 438 -21.65 23.90 15.02
CA TYR D 438 -22.92 24.53 14.70
C TYR D 438 -23.21 25.71 15.64
N GLU D 439 -22.79 25.60 16.90
CA GLU D 439 -22.96 26.73 17.81
C GLU D 439 -22.02 27.87 17.48
N GLY D 440 -20.84 27.56 16.94
CA GLY D 440 -19.89 28.60 16.61
C GLY D 440 -20.34 29.44 15.43
N ALA D 441 -20.88 28.80 14.39
CA ALA D 441 -21.46 29.54 13.27
C ALA D 441 -22.58 30.46 13.74
N HIS D 442 -23.41 29.97 14.67
CA HIS D 442 -24.48 30.80 15.20
C HIS D 442 -23.93 31.97 16.01
N GLU D 443 -22.86 31.74 16.77
CA GLU D 443 -22.26 32.83 17.53
C GLU D 443 -21.77 33.95 16.62
N ARG D 444 -21.40 33.60 15.37
CA ARG D 444 -20.95 34.60 14.41
C ARG D 444 -22.09 35.47 13.90
N THR D 445 -23.31 34.94 13.82
CA THR D 445 -24.44 35.76 13.38
C THR D 445 -24.70 36.91 14.34
N GLY D 446 -24.42 36.72 15.63
CA GLY D 446 -24.62 37.73 16.63
C GLY D 446 -25.96 37.69 17.34
N SER D 447 -26.86 36.79 16.92
CA SER D 447 -28.23 36.69 17.44
C SER D 447 -28.32 36.84 18.96
N SER D 450 -29.02 33.12 21.88
CA SER D 450 -29.12 31.77 22.41
C SER D 450 -28.80 30.74 21.33
N PRO D 451 -27.92 29.78 21.65
CA PRO D 451 -27.44 28.86 20.62
C PRO D 451 -28.52 27.88 20.21
N PRO D 452 -28.48 27.39 18.97
CA PRO D 452 -29.50 26.43 18.54
C PRO D 452 -29.27 25.07 19.16
N ARG D 453 -30.35 24.29 19.25
CA ARG D 453 -30.27 22.96 19.84
C ARG D 453 -29.56 21.98 18.90
N THR D 454 -28.73 21.13 19.49
CA THR D 454 -28.23 19.93 18.84
C THR D 454 -28.70 18.74 19.66
N ILE D 455 -29.45 17.84 19.04
CA ILE D 455 -30.05 16.70 19.72
C ILE D 455 -29.52 15.43 19.07
N ALA D 456 -29.02 14.51 19.88
CA ALA D 456 -28.40 13.28 19.40
C ALA D 456 -29.21 12.07 19.83
N LEU D 457 -29.33 11.09 18.95
CA LEU D 457 -30.04 9.84 19.26
C LEU D 457 -29.12 8.68 18.91
N ILE D 458 -28.68 7.94 19.92
CA ILE D 458 -27.77 6.82 19.72
C ILE D 458 -28.25 5.65 20.57
N GLY D 459 -27.85 4.45 20.16
CA GLY D 459 -28.11 3.26 20.96
C GLY D 459 -27.12 3.11 22.09
N ASP D 460 -27.38 2.11 22.94
CA ASP D 460 -26.58 1.97 24.16
C ASP D 460 -25.19 1.43 23.85
N LEU D 461 -25.09 0.49 22.90
CA LEU D 461 -23.78 0.02 22.46
C LEU D 461 -22.96 1.16 21.89
N THR D 462 -23.57 1.97 21.03
CA THR D 462 -22.90 3.15 20.48
C THR D 462 -22.41 4.07 21.59
N PHE D 463 -23.22 4.29 22.61
CA PHE D 463 -22.81 5.13 23.74
C PHE D 463 -21.63 4.52 24.46
N VAL D 464 -21.71 3.22 24.77
CA VAL D 464 -20.63 2.54 25.47
C VAL D 464 -19.33 2.61 24.68
N HIS D 465 -19.43 2.43 23.36
CA HIS D 465 -18.25 2.44 22.50
C HIS D 465 -17.44 3.72 22.65
N ASP D 466 -18.11 4.88 22.71
CA ASP D 466 -17.45 6.17 22.68
C ASP D 466 -17.73 6.97 23.96
N SER D 467 -17.93 6.28 25.08
CA SER D 467 -18.27 6.97 26.32
C SER D 467 -17.14 7.87 26.78
N SER D 468 -15.90 7.53 26.45
CA SER D 468 -14.76 8.38 26.80
C SER D 468 -14.81 9.74 26.13
N GLY D 469 -15.66 9.94 25.13
CA GLY D 469 -15.80 11.25 24.53
C GLY D 469 -16.47 12.26 25.45
N LEU D 470 -17.19 11.79 26.47
CA LEU D 470 -17.78 12.69 27.44
C LEU D 470 -16.73 13.38 28.31
N LEU D 471 -15.49 12.93 28.27
CA LEU D 471 -14.41 13.44 29.12
C LEU D 471 -13.83 14.69 28.46
N ILE D 472 -14.33 15.85 28.85
CA ILE D 472 -13.85 17.12 28.34
C ILE D 472 -13.26 17.90 29.50
N GLY D 473 -12.00 18.31 29.37
CA GLY D 473 -11.36 19.07 30.41
C GLY D 473 -12.00 20.44 30.55
N PRO D 474 -11.90 21.04 31.74
CA PRO D 474 -12.36 22.42 31.91
C PRO D 474 -11.58 23.42 31.08
N THR D 475 -10.43 23.01 30.56
CA THR D 475 -9.63 23.79 29.62
C THR D 475 -10.19 23.79 28.20
N GLU D 476 -11.28 23.06 27.96
CA GLU D 476 -11.63 22.72 26.59
C GLU D 476 -13.04 23.20 26.26
N PRO D 477 -13.30 23.48 24.98
CA PRO D 477 -14.64 23.96 24.60
C PRO D 477 -15.72 22.92 24.90
N ILE D 478 -16.81 23.38 25.50
CA ILE D 478 -17.93 22.50 25.83
C ILE D 478 -19.21 23.06 25.23
N PRO D 479 -20.01 22.23 24.55
CA PRO D 479 -21.26 22.70 23.96
C PRO D 479 -22.19 23.27 25.02
N ARG D 480 -23.03 24.21 24.58
CA ARG D 480 -24.02 24.80 25.45
C ARG D 480 -25.42 24.23 25.24
N SER D 481 -25.65 23.52 24.15
CA SER D 481 -27.01 23.17 23.79
C SER D 481 -27.09 21.75 23.22
N LEU D 482 -26.30 20.84 23.78
CA LEU D 482 -26.23 19.47 23.28
C LEU D 482 -26.96 18.56 24.25
N THR D 483 -27.95 17.83 23.74
CA THR D 483 -28.65 16.79 24.50
C THR D 483 -28.48 15.47 23.77
N ILE D 484 -27.75 14.54 24.38
CA ILE D 484 -27.58 13.20 23.84
C ILE D 484 -28.66 12.31 24.42
N VAL D 485 -29.50 11.74 23.56
CA VAL D 485 -30.55 10.82 23.99
C VAL D 485 -30.06 9.40 23.72
N VAL D 486 -30.00 8.58 24.75
CA VAL D 486 -29.57 7.20 24.63
C VAL D 486 -30.79 6.31 24.77
N SER D 487 -31.10 5.55 23.71
CA SER D 487 -32.13 4.53 23.77
C SER D 487 -31.45 3.22 24.14
N ASN D 488 -31.74 2.71 25.32
CA ASN D 488 -30.98 1.63 25.94
C ASN D 488 -31.85 0.39 26.03
N ASP D 489 -31.63 -0.57 25.14
CA ASP D 489 -32.24 -1.89 25.25
C ASP D 489 -31.21 -2.96 25.59
N ASN D 490 -30.15 -2.55 26.29
CA ASN D 490 -29.10 -3.44 26.78
C ASN D 490 -28.66 -4.44 25.71
N GLY D 491 -28.24 -3.90 24.57
CA GLY D 491 -27.72 -4.71 23.51
C GLY D 491 -27.99 -4.08 22.16
N GLY D 492 -27.65 -4.85 21.12
CA GLY D 492 -27.87 -4.44 19.75
C GLY D 492 -29.22 -4.88 19.24
N GLY D 493 -30.22 -4.00 19.33
CA GLY D 493 -31.58 -4.34 18.93
C GLY D 493 -31.73 -4.64 17.44
N ILE D 494 -30.82 -4.13 16.61
CA ILE D 494 -30.96 -4.32 15.18
C ILE D 494 -30.86 -5.79 14.79
N PHE D 495 -30.20 -6.62 15.61
CA PHE D 495 -30.05 -8.03 15.27
C PHE D 495 -31.30 -8.85 15.60
N GLU D 496 -32.24 -8.30 16.38
CA GLU D 496 -33.55 -8.92 16.48
C GLU D 496 -34.26 -8.96 15.14
N LEU D 497 -34.00 -7.96 14.29
CA LEU D 497 -34.77 -7.77 13.07
C LEU D 497 -34.26 -8.59 11.91
N LEU D 498 -33.04 -9.10 11.98
CA LEU D 498 -32.37 -9.66 10.81
C LEU D 498 -32.31 -11.19 10.87
N GLU D 499 -31.35 -11.77 10.15
CA GLU D 499 -31.23 -13.23 10.02
C GLU D 499 -31.07 -13.87 11.39
N GLN D 500 -30.19 -13.30 12.20
CA GLN D 500 -29.88 -13.81 13.53
C GLN D 500 -31.04 -13.67 14.49
N GLY D 501 -32.05 -12.88 14.16
CA GLY D 501 -33.21 -12.67 15.01
C GLY D 501 -34.30 -13.72 14.89
N ASP D 502 -34.19 -14.67 13.95
CA ASP D 502 -35.17 -15.74 13.88
C ASP D 502 -35.17 -16.52 15.20
N PRO D 503 -36.35 -16.82 15.75
CA PRO D 503 -36.42 -17.59 17.01
C PRO D 503 -35.78 -18.97 16.96
N ARG D 504 -35.59 -19.57 15.79
CA ARG D 504 -34.83 -20.81 15.72
C ARG D 504 -33.40 -20.61 16.21
N PHE D 505 -32.81 -19.44 15.96
CA PHE D 505 -31.47 -19.05 16.41
C PHE D 505 -31.45 -18.53 17.83
N SER D 506 -32.51 -18.74 18.60
CA SER D 506 -32.72 -17.95 19.81
C SER D 506 -31.64 -18.17 20.85
N ASP D 507 -31.19 -19.41 21.03
CA ASP D 507 -30.25 -19.70 22.12
C ASP D 507 -28.90 -19.06 21.86
N VAL D 508 -28.31 -19.32 20.70
CA VAL D 508 -26.96 -18.85 20.40
C VAL D 508 -26.95 -17.35 20.14
N SER D 509 -27.92 -16.85 19.37
CA SER D 509 -27.88 -15.47 18.90
C SER D 509 -27.84 -14.47 20.04
N SER D 510 -28.48 -14.77 21.17
CA SER D 510 -28.51 -13.84 22.30
C SER D 510 -27.11 -13.36 22.65
N ARG D 511 -26.17 -14.29 22.75
CA ARG D 511 -24.83 -13.96 23.23
C ARG D 511 -23.97 -13.28 22.16
N ILE D 512 -24.04 -13.75 20.91
CA ILE D 512 -23.12 -13.24 19.89
C ILE D 512 -23.72 -12.12 19.06
N PHE D 513 -24.99 -11.83 19.20
CA PHE D 513 -25.58 -10.70 18.50
C PHE D 513 -26.27 -9.70 19.41
N GLY D 514 -27.03 -10.16 20.41
CA GLY D 514 -27.64 -9.22 21.34
C GLY D 514 -26.60 -8.50 22.18
N THR D 515 -25.53 -9.21 22.55
CA THR D 515 -24.43 -8.72 23.38
C THR D 515 -24.91 -7.83 24.54
N PRO D 516 -25.72 -8.37 25.45
CA PRO D 516 -26.15 -7.56 26.60
C PRO D 516 -24.96 -7.25 27.50
N HIS D 517 -25.07 -6.17 28.26
CA HIS D 517 -23.92 -5.70 29.01
C HIS D 517 -24.25 -5.16 30.40
N ASP D 518 -25.47 -4.66 30.62
CA ASP D 518 -25.94 -4.17 31.92
C ASP D 518 -25.23 -2.92 32.39
N VAL D 519 -24.61 -2.15 31.48
CA VAL D 519 -23.91 -0.94 31.89
C VAL D 519 -24.91 0.04 32.49
N ASP D 520 -24.54 0.65 33.62
CA ASP D 520 -25.33 1.67 34.29
C ASP D 520 -24.95 3.02 33.69
N VAL D 521 -25.79 3.53 32.79
CA VAL D 521 -25.48 4.77 32.09
C VAL D 521 -25.33 5.93 33.06
N GLY D 522 -26.23 6.02 34.05
CA GLY D 522 -26.19 7.14 34.98
C GLY D 522 -24.87 7.22 35.73
N ALA D 523 -24.40 6.08 36.25
CA ALA D 523 -23.12 6.07 36.95
C ALA D 523 -21.99 6.49 36.02
N LEU D 524 -22.07 6.08 34.75
CA LEU D 524 -21.05 6.43 33.78
C LEU D 524 -21.01 7.93 33.53
N CYS D 525 -22.17 8.56 33.33
CA CYS D 525 -22.21 10.01 33.13
C CYS D 525 -21.73 10.76 34.36
N ARG D 526 -22.18 10.33 35.54
CA ARG D 526 -21.76 10.99 36.76
C ARG D 526 -20.25 10.94 36.93
N ALA D 527 -19.63 9.81 36.59
CA ALA D 527 -18.17 9.70 36.67
C ALA D 527 -17.47 10.76 35.82
N TYR D 528 -18.10 11.17 34.71
CA TYR D 528 -17.54 12.17 33.82
C TYR D 528 -18.11 13.56 34.08
N HIS D 529 -18.89 13.74 35.15
CA HIS D 529 -19.46 15.03 35.52
C HIS D 529 -20.40 15.56 34.45
N VAL D 530 -21.20 14.65 33.89
CA VAL D 530 -22.13 15.00 32.83
C VAL D 530 -23.53 14.80 33.37
N GLU D 531 -24.31 15.89 33.38
CA GLU D 531 -25.69 15.83 33.83
C GLU D 531 -26.44 14.74 33.08
N SER D 532 -27.16 13.90 33.82
CA SER D 532 -27.83 12.77 33.21
C SER D 532 -29.12 12.47 33.95
N ARG D 533 -30.06 11.91 33.21
CA ARG D 533 -31.31 11.50 33.81
C ARG D 533 -31.94 10.39 33.00
N GLN D 534 -32.52 9.41 33.69
CA GLN D 534 -33.29 8.34 33.06
C GLN D 534 -34.76 8.72 33.08
N ILE D 535 -35.39 8.83 31.91
CA ILE D 535 -36.78 9.26 31.82
C ILE D 535 -37.57 8.34 30.90
N GLU D 536 -38.88 8.30 31.14
CA GLU D 536 -39.82 7.60 30.28
C GLU D 536 -40.08 8.41 29.01
N VAL D 537 -40.54 7.72 27.96
CA VAL D 537 -40.50 8.30 26.63
C VAL D 537 -41.50 9.45 26.49
N ASP D 538 -42.63 9.42 27.20
CA ASP D 538 -43.53 10.57 27.10
C ASP D 538 -42.99 11.79 27.86
N GLU D 539 -41.96 11.63 28.68
CA GLU D 539 -41.27 12.77 29.29
C GLU D 539 -40.27 13.42 28.33
N LEU D 540 -40.02 12.81 27.18
CA LEU D 540 -38.90 13.21 26.34
C LEU D 540 -39.16 14.56 25.68
N GLY D 541 -40.34 14.72 25.08
CA GLY D 541 -40.73 15.97 24.46
C GLY D 541 -40.61 17.17 25.38
N PRO D 542 -41.29 17.14 26.54
CA PRO D 542 -41.20 18.28 27.46
C PRO D 542 -39.78 18.52 27.97
N THR D 543 -39.04 17.46 28.29
CA THR D 543 -37.67 17.64 28.78
C THR D 543 -36.77 18.24 27.71
N LEU D 544 -36.91 17.78 26.46
CA LEU D 544 -36.11 18.36 25.38
C LEU D 544 -36.44 19.83 25.14
N ASP D 545 -37.72 20.21 25.30
CA ASP D 545 -38.10 21.61 25.13
C ASP D 545 -37.48 22.49 26.22
N GLN D 546 -37.38 21.98 27.44
CA GLN D 546 -36.79 22.77 28.51
C GLN D 546 -35.32 23.04 28.17
N PRO D 547 -34.82 24.24 28.43
CA PRO D 547 -33.38 24.48 28.27
C PRO D 547 -32.62 23.79 29.39
N GLY D 548 -31.80 22.81 29.03
CA GLY D 548 -30.93 22.17 30.01
C GLY D 548 -29.69 22.96 30.35
N ALA D 549 -29.44 24.06 29.62
CA ALA D 549 -28.34 24.97 29.84
C ALA D 549 -27.01 24.24 30.04
N GLY D 550 -26.76 23.23 29.22
CA GLY D 550 -25.51 22.51 29.28
C GLY D 550 -25.58 21.25 28.46
N MET D 551 -24.42 20.59 28.36
CA MET D 551 -24.39 19.26 27.76
C MET D 551 -24.95 18.26 28.75
N ARG D 552 -25.88 17.42 28.28
CA ARG D 552 -26.55 16.48 29.16
C ARG D 552 -26.90 15.22 28.39
N VAL D 553 -27.21 14.17 29.14
CA VAL D 553 -27.49 12.85 28.60
C VAL D 553 -28.82 12.37 29.15
N LEU D 554 -29.79 12.13 28.28
CA LEU D 554 -31.05 11.54 28.68
C LEU D 554 -31.08 10.07 28.31
N GLU D 555 -31.41 9.21 29.26
CA GLU D 555 -31.49 7.78 29.02
C GLU D 555 -32.96 7.35 29.06
N VAL D 556 -33.35 6.53 28.08
CA VAL D 556 -34.68 5.95 28.03
C VAL D 556 -34.52 4.44 27.96
N LYS D 557 -35.01 3.74 28.98
CA LYS D 557 -34.96 2.28 28.96
C LYS D 557 -35.88 1.76 27.86
N ALA D 558 -35.40 0.75 27.14
CA ALA D 558 -36.13 0.22 26.00
C ALA D 558 -36.00 -1.30 25.99
N ASP D 559 -36.93 -1.94 25.31
CA ASP D 559 -36.97 -3.39 25.20
C ASP D 559 -36.69 -3.80 23.77
N ARG D 560 -35.88 -4.85 23.61
CA ARG D 560 -35.64 -5.43 22.30
C ARG D 560 -36.16 -6.85 22.15
N SER D 561 -36.54 -7.52 23.24
CA SER D 561 -37.12 -8.85 23.14
C SER D 561 -38.40 -8.88 22.33
N SER D 562 -39.12 -7.76 22.24
CA SER D 562 -40.36 -7.68 21.47
C SER D 562 -40.18 -6.92 20.17
N LEU D 563 -38.95 -6.49 19.86
CA LEU D 563 -38.74 -5.66 18.68
C LEU D 563 -39.16 -6.38 17.40
N ARG D 564 -38.88 -7.68 17.30
CA ARG D 564 -39.18 -8.40 16.07
C ARG D 564 -40.67 -8.51 15.87
N GLN D 565 -41.43 -8.74 16.93
CA GLN D 565 -42.87 -8.86 16.79
C GLN D 565 -43.54 -7.51 16.60
N LEU D 566 -42.97 -6.44 17.14
CA LEU D 566 -43.50 -5.11 16.83
C LEU D 566 -43.42 -4.83 15.34
N HIS D 567 -42.27 -5.09 14.73
CA HIS D 567 -42.10 -4.83 13.31
C HIS D 567 -42.98 -5.74 12.46
N ALA D 568 -43.10 -7.01 12.86
CA ALA D 568 -44.01 -7.90 12.15
C ALA D 568 -45.45 -7.40 12.24
N ALA D 569 -45.84 -6.86 13.39
CA ALA D 569 -47.19 -6.30 13.52
C ALA D 569 -47.37 -5.06 12.66
N ILE D 570 -46.31 -4.27 12.48
CA ILE D 570 -46.39 -3.09 11.61
C ILE D 570 -46.58 -3.52 10.16
N LYS D 571 -45.75 -4.45 9.70
CA LYS D 571 -45.86 -4.94 8.33
C LYS D 571 -47.25 -5.52 8.05
N ALA D 572 -47.77 -6.31 8.98
CA ALA D 572 -49.10 -6.89 8.80
C ALA D 572 -50.19 -5.82 8.71
N ALA D 573 -49.98 -4.65 9.33
CA ALA D 573 -50.95 -3.57 9.28
C ALA D 573 -50.74 -2.64 8.10
N LEU D 574 -49.78 -2.94 7.23
CA LEU D 574 -49.51 -2.07 6.08
C LEU D 574 -50.69 -2.08 5.12
#